data_8VPT
# 
_entry.id   8VPT 
# 
_audit_conform.dict_name       mmcif_pdbx.dic 
_audit_conform.dict_version    5.395 
_audit_conform.dict_location   http://mmcif.pdb.org/dictionaries/ascii/mmcif_pdbx.dic 
# 
loop_
_database_2.database_id 
_database_2.database_code 
_database_2.pdbx_database_accession 
_database_2.pdbx_DOI 
PDB   8VPT         pdb_00008vpt 10.2210/pdb8vpt/pdb 
WWPDB D_1000280702 ?            ?                   
# 
loop_
_pdbx_audit_revision_history.ordinal 
_pdbx_audit_revision_history.data_content_type 
_pdbx_audit_revision_history.major_revision 
_pdbx_audit_revision_history.minor_revision 
_pdbx_audit_revision_history.revision_date 
1 'Structure model' 1 0 2024-08-07 
2 'Structure model' 1 1 2024-08-14 
3 'Structure model' 1 2 2024-09-04 
# 
_pdbx_audit_revision_details.ordinal             1 
_pdbx_audit_revision_details.revision_ordinal    1 
_pdbx_audit_revision_details.data_content_type   'Structure model' 
_pdbx_audit_revision_details.provider            repository 
_pdbx_audit_revision_details.type                'Initial release' 
_pdbx_audit_revision_details.description         ? 
_pdbx_audit_revision_details.details             ? 
# 
loop_
_pdbx_audit_revision_group.ordinal 
_pdbx_audit_revision_group.revision_ordinal 
_pdbx_audit_revision_group.data_content_type 
_pdbx_audit_revision_group.group 
1 2 'Structure model' 'Database references' 
2 3 'Structure model' 'Database references' 
# 
loop_
_pdbx_audit_revision_category.ordinal 
_pdbx_audit_revision_category.revision_ordinal 
_pdbx_audit_revision_category.data_content_type 
_pdbx_audit_revision_category.category 
1 2 'Structure model' citation        
2 2 'Structure model' citation_author 
3 3 'Structure model' citation        
4 3 'Structure model' citation_author 
# 
loop_
_pdbx_audit_revision_item.ordinal 
_pdbx_audit_revision_item.revision_ordinal 
_pdbx_audit_revision_item.data_content_type 
_pdbx_audit_revision_item.item 
1  2 'Structure model' '_citation.country'                 
2  2 'Structure model' '_citation.journal_abbrev'          
3  2 'Structure model' '_citation.journal_id_ASTM'         
4  2 'Structure model' '_citation.journal_id_CSD'          
5  2 'Structure model' '_citation.journal_id_ISSN'         
6  2 'Structure model' '_citation.pdbx_database_id_DOI'    
7  2 'Structure model' '_citation.pdbx_database_id_PubMed' 
8  2 'Structure model' '_citation.title'                   
9  2 'Structure model' '_citation.year'                    
10 2 'Structure model' '_citation_author.identifier_ORCID' 
11 2 'Structure model' '_citation_author.name'             
12 3 'Structure model' '_citation.journal_volume'          
13 3 'Structure model' '_citation.page_first'              
14 3 'Structure model' '_citation.page_last'               
15 3 'Structure model' '_citation_author.identifier_ORCID' 
# 
_pdbx_database_status.status_code                     REL 
_pdbx_database_status.status_code_sf                  REL 
_pdbx_database_status.status_code_mr                  ? 
_pdbx_database_status.entry_id                        8VPT 
_pdbx_database_status.recvd_initial_deposition_date   2024-01-16 
_pdbx_database_status.SG_entry                        N 
_pdbx_database_status.deposit_site                    RCSB 
_pdbx_database_status.process_site                    RCSB 
_pdbx_database_status.status_code_cs                  ? 
_pdbx_database_status.status_code_nmr_data            ? 
_pdbx_database_status.methods_development_category    ? 
_pdbx_database_status.pdb_format_compatible           Y 
# 
_pdbx_contact_author.id                 2 
_pdbx_contact_author.email              andyn@uic.edu 
_pdbx_contact_author.name_first         Andy 
_pdbx_contact_author.name_last          Nguyen 
_pdbx_contact_author.name_mi            I 
_pdbx_contact_author.role               'principal investigator/group leader' 
_pdbx_contact_author.identifier_ORCID   0000-0003-4137-6453 
# 
_audit_author.name               'Ganatra, P.' 
_audit_author.pdbx_ordinal       1 
_audit_author.identifier_ORCID   0000-0002-5836-6772 
# 
_citation.abstract                  ? 
_citation.abstract_id_CAS           ? 
_citation.book_id_ISBN              ? 
_citation.book_publisher            ? 
_citation.book_publisher_city       ? 
_citation.book_title                ? 
_citation.coordinate_linkage        ? 
_citation.country                   US 
_citation.database_id_Medline       ? 
_citation.details                   ? 
_citation.id                        primary 
_citation.journal_abbrev            J.Am.Chem.Soc. 
_citation.journal_id_ASTM           JACSAT 
_citation.journal_id_CSD            ? 
_citation.journal_id_ISSN           1520-5126 
_citation.journal_full              ? 
_citation.journal_issue             ? 
_citation.journal_volume            146 
_citation.language                  ? 
_citation.page_first                22236 
_citation.page_last                 22246 
_citation.title                     'Diverse Proteomimetic Frameworks via Rational Design of pi-Stacking Peptide Tectons.' 
_citation.year                      2024 
_citation.database_id_CSD           ? 
_citation.pdbx_database_id_DOI      10.1021/jacs.4c03094 
_citation.pdbx_database_id_PubMed   39096501 
_citation.pdbx_database_id_patent   ? 
_citation.unpublished_flag          ? 
# 
loop_
_citation_author.citation_id 
_citation_author.name 
_citation_author.ordinal 
_citation_author.identifier_ORCID 
primary 'Ganatra, P.'  1 ? 
primary 'Wang, D.F.'   2 ? 
primary 'Ganatra, V.'  3 ? 
primary 'Dang, V.T.'   4 ? 
primary 'Nguyen, A.I.' 5 ? 
# 
loop_
_entity.id 
_entity.type 
_entity.src_method 
_entity.pdbx_description 
_entity.formula_weight 
_entity.pdbx_number_of_molecules 
_entity.pdbx_ec 
_entity.pdbx_mutation 
_entity.pdbx_fragment 
_entity.details 
1 polymer     syn UIC-14-BPE   1772.059 2  ? ? ? ? 
2 non-polymer syn ACETONITRILE 41.052   3  ? ? ? ? 
3 water       nat water        18.015   35 ? ? ? ? 
# 
_entity_poly.entity_id                      1 
_entity_poly.type                           'polypeptide(L)' 
_entity_poly.nstd_linkage                   no 
_entity_poly.nstd_monomer                   yes 
_entity_poly.pdbx_seq_one_letter_code       '(I6W)(AIB)A(AIB)A(AIB)L(AIB)A(AIB)L(AIB)Q(AIB)L(I77)' 
_entity_poly.pdbx_seq_one_letter_code_can   XAAAAALAAALAQALX 
_entity_poly.pdbx_strand_id                 A,B 
_entity_poly.pdbx_target_identifier         ? 
# 
loop_
_pdbx_entity_nonpoly.entity_id 
_pdbx_entity_nonpoly.name 
_pdbx_entity_nonpoly.comp_id 
2 ACETONITRILE CCN 
3 water        HOH 
# 
loop_
_entity_poly_seq.entity_id 
_entity_poly_seq.num 
_entity_poly_seq.mon_id 
_entity_poly_seq.hetero 
1 1  I6W n 
1 2  AIB n 
1 3  ALA n 
1 4  AIB n 
1 5  ALA n 
1 6  AIB n 
1 7  LEU n 
1 8  AIB n 
1 9  ALA n 
1 10 AIB n 
1 11 LEU n 
1 12 AIB n 
1 13 GLN n 
1 14 AIB n 
1 15 LEU n 
1 16 I77 n 
# 
_pdbx_entity_src_syn.entity_id              1 
_pdbx_entity_src_syn.pdbx_src_id            1 
_pdbx_entity_src_syn.pdbx_alt_source_flag   sample 
_pdbx_entity_src_syn.pdbx_beg_seq_num       1 
_pdbx_entity_src_syn.pdbx_end_seq_num       16 
_pdbx_entity_src_syn.organism_scientific    'synthetic construct' 
_pdbx_entity_src_syn.organism_common_name   ? 
_pdbx_entity_src_syn.ncbi_taxonomy_id       32630 
_pdbx_entity_src_syn.details                ? 
# 
loop_
_chem_comp.id 
_chem_comp.type 
_chem_comp.mon_nstd_flag 
_chem_comp.name 
_chem_comp.pdbx_synonyms 
_chem_comp.formula 
_chem_comp.formula_weight 
AIB 'L-peptide linking' n 'ALPHA-AMINOISOBUTYRIC ACID'                            ? 'C4 H9 N O2'    103.120 
ALA 'L-peptide linking' y ALANINE                                                 ? 'C3 H7 N O2'    89.093  
CCN non-polymer         . ACETONITRILE                                            ? 'C2 H3 N'       41.052  
GLN 'L-peptide linking' y GLUTAMINE                                               ? 'C5 H10 N2 O3'  146.144 
HOH non-polymer         . WATER                                                   ? 'H2 O'          18.015  
I6W non-polymer         . 
;ethyl 5'-formyl[2,2'-bipyridine]-5-carboxylate
;
? 'C14 H12 N2 O3' 256.257 
I77 non-polymer         . "5'-(hydrazinecarbonyl)[2,2'-bipyridine]-5-carboxamide" ? 'C12 H11 N5 O2' 257.248 
LEU 'L-peptide linking' y LEUCINE                                                 ? 'C6 H13 N O2'   131.173 
# 
loop_
_pdbx_poly_seq_scheme.asym_id 
_pdbx_poly_seq_scheme.entity_id 
_pdbx_poly_seq_scheme.seq_id 
_pdbx_poly_seq_scheme.mon_id 
_pdbx_poly_seq_scheme.ndb_seq_num 
_pdbx_poly_seq_scheme.pdb_seq_num 
_pdbx_poly_seq_scheme.auth_seq_num 
_pdbx_poly_seq_scheme.pdb_mon_id 
_pdbx_poly_seq_scheme.auth_mon_id 
_pdbx_poly_seq_scheme.pdb_strand_id 
_pdbx_poly_seq_scheme.pdb_ins_code 
_pdbx_poly_seq_scheme.hetero 
A 1 1  I6W 1  1  1  I6W BPE A . n 
A 1 2  AIB 2  2  2  AIB AIB A . n 
A 1 3  ALA 3  3  3  ALA ALA A . n 
A 1 4  AIB 4  4  4  AIB AIB A . n 
A 1 5  ALA 5  5  5  ALA ALA A . n 
A 1 6  AIB 6  6  6  AIB AIB A . n 
A 1 7  LEU 7  7  7  LEU LEU A . n 
A 1 8  AIB 8  8  8  AIB AIB A . n 
A 1 9  ALA 9  9  9  ALA ALA A . n 
A 1 10 AIB 10 10 10 AIB AIB A . n 
A 1 11 LEU 11 11 11 LEU LEU A . n 
A 1 12 AIB 12 12 12 AIB AIB A . n 
A 1 13 GLN 13 13 13 GLN GLN A . n 
A 1 14 AIB 14 14 14 AIB AIB A . n 
A 1 15 LEU 15 15 15 LEU LEU A . n 
A 1 16 I77 16 16 16 I77 BPH A . n 
B 1 1  I6W 1  1  1  I6W BPE B . n 
B 1 2  AIB 2  2  2  AIB AIB B . n 
B 1 3  ALA 3  3  3  ALA ALA B . n 
B 1 4  AIB 4  4  4  AIB AIB B . n 
B 1 5  ALA 5  5  5  ALA ALA B . n 
B 1 6  AIB 6  6  6  AIB AIB B . n 
B 1 7  LEU 7  7  7  LEU LEU B . n 
B 1 8  AIB 8  8  8  AIB AIB B . n 
B 1 9  ALA 9  9  9  ALA ALA B . n 
B 1 10 AIB 10 10 10 AIB AIB B . n 
B 1 11 LEU 11 11 11 LEU LEU B . n 
B 1 12 AIB 12 12 12 AIB AIB B . n 
B 1 13 GLN 13 13 13 GLN GLN B . n 
B 1 14 AIB 14 14 14 AIB AIB B . n 
B 1 15 LEU 15 15 15 LEU LEU B . n 
B 1 16 I77 16 16 16 I77 BPH B . n 
# 
loop_
_pdbx_entity_instance_feature.ordinal 
_pdbx_entity_instance_feature.comp_id 
_pdbx_entity_instance_feature.asym_id 
_pdbx_entity_instance_feature.seq_num 
_pdbx_entity_instance_feature.auth_comp_id 
_pdbx_entity_instance_feature.auth_asym_id 
_pdbx_entity_instance_feature.auth_seq_num 
_pdbx_entity_instance_feature.feature_type 
_pdbx_entity_instance_feature.details 
1 I77 ? ? I77 ? ? 'SUBJECT OF INVESTIGATION' ? 
2 I6W ? ? I6W ? ? 'SUBJECT OF INVESTIGATION' ? 
# 
loop_
_pdbx_nonpoly_scheme.asym_id 
_pdbx_nonpoly_scheme.entity_id 
_pdbx_nonpoly_scheme.mon_id 
_pdbx_nonpoly_scheme.ndb_seq_num 
_pdbx_nonpoly_scheme.pdb_seq_num 
_pdbx_nonpoly_scheme.auth_seq_num 
_pdbx_nonpoly_scheme.pdb_mon_id 
_pdbx_nonpoly_scheme.auth_mon_id 
_pdbx_nonpoly_scheme.pdb_strand_id 
_pdbx_nonpoly_scheme.pdb_ins_code 
C 2 CCN 1  101 36 CCN CCN A . 
D 2 CCN 1  102 37 CCN CCN A . 
E 2 CCN 1  101 38 CCN CCN B . 
F 3 HOH 1  201 33 HOH HOH A . 
F 3 HOH 2  202 35 HOH HOH A . 
F 3 HOH 3  203 6  HOH HOH A . 
F 3 HOH 4  204 23 HOH HOH A . 
F 3 HOH 5  205 10 HOH HOH A . 
F 3 HOH 6  206 25 HOH HOH A . 
F 3 HOH 7  207 1  HOH HOH A . 
F 3 HOH 8  208 12 HOH HOH A . 
F 3 HOH 9  209 5  HOH HOH A . 
F 3 HOH 10 210 8  HOH HOH A . 
F 3 HOH 11 211 15 HOH HOH A . 
F 3 HOH 12 212 28 HOH HOH A . 
F 3 HOH 13 213 7  HOH HOH A . 
F 3 HOH 14 214 18 HOH HOH A . 
F 3 HOH 15 215 13 HOH HOH A . 
F 3 HOH 16 216 16 HOH HOH A . 
F 3 HOH 17 217 26 HOH HOH A . 
F 3 HOH 18 218 22 HOH HOH A . 
F 3 HOH 19 219 32 HOH HOH A . 
F 3 HOH 20 220 19 HOH HOH A . 
F 3 HOH 21 221 31 HOH HOH A . 
F 3 HOH 22 222 20 HOH HOH A . 
F 3 HOH 23 223 30 HOH HOH A . 
F 3 HOH 24 224 34 HOH HOH A . 
G 3 HOH 1  201 9  HOH HOH B . 
G 3 HOH 2  202 3  HOH HOH B . 
G 3 HOH 3  203 14 HOH HOH B . 
G 3 HOH 4  204 24 HOH HOH B . 
G 3 HOH 5  205 2  HOH HOH B . 
G 3 HOH 6  206 4  HOH HOH B . 
G 3 HOH 7  207 27 HOH HOH B . 
G 3 HOH 8  208 29 HOH HOH B . 
G 3 HOH 9  209 17 HOH HOH B . 
G 3 HOH 10 210 11 HOH HOH B . 
G 3 HOH 11 211 21 HOH HOH B . 
# 
loop_
_software.citation_id 
_software.classification 
_software.compiler_name 
_software.compiler_version 
_software.contact_author 
_software.contact_author_email 
_software.date 
_software.description 
_software.dependencies 
_software.hardware 
_software.language 
_software.location 
_software.mods 
_software.name 
_software.os 
_software.os_version 
_software.type 
_software.version 
_software.pdbx_ordinal 
? refinement       ? ? ? ? ? ? ? ? ? ? ? PHENIX ? ? ? 1.20.1_4487 1 
? 'data reduction' ? ? ? ? ? ? ? ? ? ? ? XDS    ? ? ? .           2 
? 'data scaling'   ? ? ? ? ? ? ? ? ? ? ? XDS    ? ? ? .           3 
? phasing          ? ? ? ? ? ? ? ? ? ? ? PHASER ? ? ? .           4 
# 
_cell.angle_alpha                  97.990 
_cell.angle_alpha_esd              ? 
_cell.angle_beta                   95.020 
_cell.angle_beta_esd               ? 
_cell.angle_gamma                  90.100 
_cell.angle_gamma_esd              ? 
_cell.entry_id                     8VPT 
_cell.details                      ? 
_cell.formula_units_Z              ? 
_cell.length_a                     14.050 
_cell.length_a_esd                 ? 
_cell.length_b                     16.560 
_cell.length_b_esd                 ? 
_cell.length_c                     28.675 
_cell.length_c_esd                 ? 
_cell.volume                       6580.991 
_cell.volume_esd                   ? 
_cell.Z_PDB                        2 
_cell.reciprocal_angle_alpha       ? 
_cell.reciprocal_angle_beta        ? 
_cell.reciprocal_angle_gamma       ? 
_cell.reciprocal_angle_alpha_esd   ? 
_cell.reciprocal_angle_beta_esd    ? 
_cell.reciprocal_angle_gamma_esd   ? 
_cell.reciprocal_length_a          ? 
_cell.reciprocal_length_b          ? 
_cell.reciprocal_length_c          ? 
_cell.reciprocal_length_a_esd      ? 
_cell.reciprocal_length_b_esd      ? 
_cell.reciprocal_length_c_esd      ? 
_cell.pdbx_unique_axis             ? 
_cell.pdbx_esd_method              ? 
# 
_symmetry.entry_id                         8VPT 
_symmetry.cell_setting                     ? 
_symmetry.Int_Tables_number                1 
_symmetry.space_group_name_Hall            'P 1' 
_symmetry.space_group_name_H-M             'P 1' 
_symmetry.pdbx_full_space_group_name_H-M   ? 
# 
_exptl.absorpt_coefficient_mu     ? 
_exptl.absorpt_correction_T_max   ? 
_exptl.absorpt_correction_T_min   ? 
_exptl.absorpt_correction_type    ? 
_exptl.absorpt_process_details    ? 
_exptl.entry_id                   8VPT 
_exptl.crystals_number            1 
_exptl.details                    ? 
_exptl.method                     'X-RAY DIFFRACTION' 
_exptl.method_details             ? 
# 
_exptl_crystal.colour                       ? 
_exptl_crystal.density_diffrn               ? 
_exptl_crystal.density_Matthews             2.28 
_exptl_crystal.density_method               ? 
_exptl_crystal.density_percent_sol          46.14 
_exptl_crystal.description                  ? 
_exptl_crystal.F_000                        ? 
_exptl_crystal.id                           1 
_exptl_crystal.preparation                  ? 
_exptl_crystal.size_max                     ? 
_exptl_crystal.size_mid                     ? 
_exptl_crystal.size_min                     ? 
_exptl_crystal.size_rad                     ? 
_exptl_crystal.colour_lustre                ? 
_exptl_crystal.colour_modifier              ? 
_exptl_crystal.colour_primary               ? 
_exptl_crystal.density_meas                 ? 
_exptl_crystal.density_meas_esd             ? 
_exptl_crystal.density_meas_gt              ? 
_exptl_crystal.density_meas_lt              ? 
_exptl_crystal.density_meas_temp            ? 
_exptl_crystal.density_meas_temp_esd        ? 
_exptl_crystal.density_meas_temp_gt         ? 
_exptl_crystal.density_meas_temp_lt         ? 
_exptl_crystal.pdbx_crystal_image_url       ? 
_exptl_crystal.pdbx_crystal_image_format    ? 
_exptl_crystal.pdbx_mosaicity               ? 
_exptl_crystal.pdbx_mosaicity_esd           ? 
_exptl_crystal.pdbx_mosaic_method           ? 
_exptl_crystal.pdbx_mosaic_block_size       ? 
_exptl_crystal.pdbx_mosaic_block_size_esd   ? 
# 
_exptl_crystal_grow.apparatus       ? 
_exptl_crystal_grow.atmosphere      ? 
_exptl_crystal_grow.crystal_id      1 
_exptl_crystal_grow.details         ? 
_exptl_crystal_grow.method          'SLOW COOLING' 
_exptl_crystal_grow.method_ref      ? 
_exptl_crystal_grow.pH              ? 
_exptl_crystal_grow.pressure        ? 
_exptl_crystal_grow.pressure_esd    ? 
_exptl_crystal_grow.seeding         ? 
_exptl_crystal_grow.seeding_ref     ? 
_exptl_crystal_grow.temp_details    ? 
_exptl_crystal_grow.temp_esd        ? 
_exptl_crystal_grow.time            ? 
_exptl_crystal_grow.pdbx_details    'acetonitrile water' 
_exptl_crystal_grow.pdbx_pH_range   ? 
_exptl_crystal_grow.temp            298 
# 
_diffrn.ambient_environment              ? 
_diffrn.ambient_temp                     100 
_diffrn.ambient_temp_details             ? 
_diffrn.ambient_temp_esd                 ? 
_diffrn.crystal_id                       1 
_diffrn.crystal_support                  ? 
_diffrn.crystal_treatment                ? 
_diffrn.details                          ? 
_diffrn.id                               1 
_diffrn.ambient_pressure                 ? 
_diffrn.ambient_pressure_esd             ? 
_diffrn.ambient_pressure_gt              ? 
_diffrn.ambient_pressure_lt              ? 
_diffrn.ambient_temp_gt                  ? 
_diffrn.ambient_temp_lt                  ? 
_diffrn.pdbx_serial_crystal_experiment   N 
# 
_diffrn_detector.details                      ? 
_diffrn_detector.detector                     PIXEL 
_diffrn_detector.diffrn_id                    1 
_diffrn_detector.type                         'DECTRIS EIGER X 9M' 
_diffrn_detector.area_resol_mean              ? 
_diffrn_detector.dtime                        ? 
_diffrn_detector.pdbx_frames_total            ? 
_diffrn_detector.pdbx_collection_time_total   ? 
_diffrn_detector.pdbx_collection_date         2022-04-23 
_diffrn_detector.pdbx_frequency               ? 
_diffrn_detector.id                           ? 
_diffrn_detector.number_of_axes               ? 
# 
_diffrn_radiation.collimation                      ? 
_diffrn_radiation.diffrn_id                        1 
_diffrn_radiation.filter_edge                      ? 
_diffrn_radiation.inhomogeneity                    ? 
_diffrn_radiation.monochromator                    ? 
_diffrn_radiation.polarisn_norm                    ? 
_diffrn_radiation.polarisn_ratio                   ? 
_diffrn_radiation.probe                            ? 
_diffrn_radiation.type                             ? 
_diffrn_radiation.xray_symbol                      ? 
_diffrn_radiation.wavelength_id                    1 
_diffrn_radiation.pdbx_monochromatic_or_laue_m_l   M 
_diffrn_radiation.pdbx_wavelength_list             ? 
_diffrn_radiation.pdbx_wavelength                  ? 
_diffrn_radiation.pdbx_diffrn_protocol             'SINGLE WAVELENGTH' 
_diffrn_radiation.pdbx_analyzer                    ? 
_diffrn_radiation.pdbx_scattering_type             x-ray 
# 
_diffrn_radiation_wavelength.id           1 
_diffrn_radiation_wavelength.wavelength   0.6199 
_diffrn_radiation_wavelength.wt           1.0 
# 
_diffrn_source.current                     ? 
_diffrn_source.details                     ? 
_diffrn_source.diffrn_id                   1 
_diffrn_source.power                       ? 
_diffrn_source.size                        ? 
_diffrn_source.source                      SYNCHROTRON 
_diffrn_source.target                      ? 
_diffrn_source.type                        'APS BEAMLINE 21-ID-D' 
_diffrn_source.voltage                     ? 
_diffrn_source.take-off_angle              ? 
_diffrn_source.pdbx_wavelength_list        0.6199 
_diffrn_source.pdbx_wavelength             ? 
_diffrn_source.pdbx_synchrotron_beamline   21-ID-D 
_diffrn_source.pdbx_synchrotron_site       APS 
# 
_reflns.B_iso_Wilson_estimate                          4.45 
_reflns.entry_id                                       8VPT 
_reflns.data_reduction_details                         ? 
_reflns.data_reduction_method                          ? 
_reflns.d_resolution_high                              0.94 
_reflns.d_resolution_low                               16.4 
_reflns.details                                        ? 
_reflns.limit_h_max                                    ? 
_reflns.limit_h_min                                    ? 
_reflns.limit_k_max                                    ? 
_reflns.limit_k_min                                    ? 
_reflns.limit_l_max                                    ? 
_reflns.limit_l_min                                    ? 
_reflns.number_all                                     ? 
_reflns.number_obs                                     13900 
_reflns.observed_criterion                             ? 
_reflns.observed_criterion_F_max                       ? 
_reflns.observed_criterion_F_min                       ? 
_reflns.observed_criterion_I_max                       ? 
_reflns.observed_criterion_I_min                       ? 
_reflns.observed_criterion_sigma_F                     ? 
_reflns.observed_criterion_sigma_I                     ? 
_reflns.percent_possible_obs                           83.79 
_reflns.R_free_details                                 ? 
_reflns.Rmerge_F_all                                   ? 
_reflns.Rmerge_F_obs                                   ? 
_reflns.Friedel_coverage                               ? 
_reflns.number_gt                                      ? 
_reflns.threshold_expression                           ? 
_reflns.pdbx_redundancy                                3.5 
_reflns.pdbx_netI_over_av_sigmaI                       ? 
_reflns.pdbx_netI_over_sigmaI                          9.63 
_reflns.pdbx_res_netI_over_av_sigmaI_2                 ? 
_reflns.pdbx_res_netI_over_sigmaI_2                    ? 
_reflns.pdbx_chi_squared                               ? 
_reflns.pdbx_scaling_rejects                           ? 
_reflns.pdbx_d_res_high_opt                            ? 
_reflns.pdbx_d_res_low_opt                             ? 
_reflns.pdbx_d_res_opt_method                          ? 
_reflns.phase_calculation_details                      ? 
_reflns.pdbx_Rrim_I_all                                ? 
_reflns.pdbx_Rpim_I_all                                ? 
_reflns.pdbx_d_opt                                     ? 
_reflns.pdbx_number_measured_all                       ? 
_reflns.pdbx_diffrn_id                                 1 
_reflns.pdbx_ordinal                                   1 
_reflns.pdbx_CC_half                                   0.992 
_reflns.pdbx_CC_star                                   ? 
_reflns.pdbx_R_split                                   ? 
_reflns.pdbx_Rmerge_I_obs                              ? 
_reflns.pdbx_Rmerge_I_all                              ? 
_reflns.pdbx_Rsym_value                                ? 
_reflns.pdbx_CC_split_method                           ? 
_reflns.pdbx_aniso_diffraction_limit_axis_1_ortho[1]   ? 
_reflns.pdbx_aniso_diffraction_limit_axis_1_ortho[2]   ? 
_reflns.pdbx_aniso_diffraction_limit_axis_1_ortho[3]   ? 
_reflns.pdbx_aniso_diffraction_limit_axis_2_ortho[1]   ? 
_reflns.pdbx_aniso_diffraction_limit_axis_2_ortho[2]   ? 
_reflns.pdbx_aniso_diffraction_limit_axis_2_ortho[3]   ? 
_reflns.pdbx_aniso_diffraction_limit_axis_3_ortho[1]   ? 
_reflns.pdbx_aniso_diffraction_limit_axis_3_ortho[2]   ? 
_reflns.pdbx_aniso_diffraction_limit_axis_3_ortho[3]   ? 
_reflns.pdbx_aniso_diffraction_limit_1                 ? 
_reflns.pdbx_aniso_diffraction_limit_2                 ? 
_reflns.pdbx_aniso_diffraction_limit_3                 ? 
_reflns.pdbx_aniso_B_tensor_eigenvector_1_ortho[1]     ? 
_reflns.pdbx_aniso_B_tensor_eigenvector_1_ortho[2]     ? 
_reflns.pdbx_aniso_B_tensor_eigenvector_1_ortho[3]     ? 
_reflns.pdbx_aniso_B_tensor_eigenvector_2_ortho[1]     ? 
_reflns.pdbx_aniso_B_tensor_eigenvector_2_ortho[2]     ? 
_reflns.pdbx_aniso_B_tensor_eigenvector_2_ortho[3]     ? 
_reflns.pdbx_aniso_B_tensor_eigenvector_3_ortho[1]     ? 
_reflns.pdbx_aniso_B_tensor_eigenvector_3_ortho[2]     ? 
_reflns.pdbx_aniso_B_tensor_eigenvector_3_ortho[3]     ? 
_reflns.pdbx_aniso_B_tensor_eigenvalue_1               ? 
_reflns.pdbx_aniso_B_tensor_eigenvalue_2               ? 
_reflns.pdbx_aniso_B_tensor_eigenvalue_3               ? 
_reflns.pdbx_orthogonalization_convention              ? 
_reflns.pdbx_percent_possible_ellipsoidal              ? 
_reflns.pdbx_percent_possible_spherical                ? 
_reflns.pdbx_percent_possible_ellipsoidal_anomalous    ? 
_reflns.pdbx_percent_possible_spherical_anomalous      ? 
_reflns.pdbx_redundancy_anomalous                      ? 
_reflns.pdbx_CC_half_anomalous                         ? 
_reflns.pdbx_absDiff_over_sigma_anomalous              ? 
_reflns.pdbx_percent_possible_anomalous                ? 
_reflns.pdbx_observed_signal_threshold                 ? 
_reflns.pdbx_signal_type                               ? 
_reflns.pdbx_signal_details                            ? 
_reflns.pdbx_signal_software_id                        ? 
# 
_reflns_shell.d_res_high                                    0.94 
_reflns_shell.d_res_low                                     0.9737 
_reflns_shell.meanI_over_sigI_all                           ? 
_reflns_shell.meanI_over_sigI_obs                           ? 
_reflns_shell.number_measured_all                           ? 
_reflns_shell.number_measured_obs                           ? 
_reflns_shell.number_possible                               ? 
_reflns_shell.number_unique_all                             ? 
_reflns_shell.number_unique_obs                             1466 
_reflns_shell.percent_possible_obs                          ? 
_reflns_shell.Rmerge_F_all                                  ? 
_reflns_shell.Rmerge_F_obs                                  ? 
_reflns_shell.meanI_over_sigI_gt                            ? 
_reflns_shell.meanI_over_uI_all                             ? 
_reflns_shell.meanI_over_uI_gt                              ? 
_reflns_shell.number_measured_gt                            ? 
_reflns_shell.number_unique_gt                              ? 
_reflns_shell.percent_possible_gt                           ? 
_reflns_shell.Rmerge_F_gt                                   ? 
_reflns_shell.Rmerge_I_gt                                   ? 
_reflns_shell.pdbx_redundancy                               ? 
_reflns_shell.pdbx_chi_squared                              ? 
_reflns_shell.pdbx_netI_over_sigmaI_all                     ? 
_reflns_shell.pdbx_netI_over_sigmaI_obs                     ? 
_reflns_shell.pdbx_Rrim_I_all                               ? 
_reflns_shell.pdbx_Rpim_I_all                               ? 
_reflns_shell.pdbx_rejects                                  ? 
_reflns_shell.pdbx_ordinal                                  1 
_reflns_shell.pdbx_diffrn_id                                1 
_reflns_shell.pdbx_CC_half                                  0.962 
_reflns_shell.pdbx_CC_star                                  ? 
_reflns_shell.pdbx_R_split                                  ? 
_reflns_shell.percent_possible_all                          ? 
_reflns_shell.Rmerge_I_all                                  ? 
_reflns_shell.Rmerge_I_obs                                  ? 
_reflns_shell.pdbx_Rsym_value                               ? 
_reflns_shell.pdbx_percent_possible_ellipsoidal             ? 
_reflns_shell.pdbx_percent_possible_spherical               ? 
_reflns_shell.pdbx_percent_possible_ellipsoidal_anomalous   ? 
_reflns_shell.pdbx_percent_possible_spherical_anomalous     ? 
_reflns_shell.pdbx_redundancy_anomalous                     ? 
_reflns_shell.pdbx_CC_half_anomalous                        ? 
_reflns_shell.pdbx_absDiff_over_sigma_anomalous             ? 
_reflns_shell.pdbx_percent_possible_anomalous               ? 
# 
_refine.aniso_B[1][1]                            ? 
_refine.aniso_B[1][2]                            ? 
_refine.aniso_B[1][3]                            ? 
_refine.aniso_B[2][2]                            ? 
_refine.aniso_B[2][3]                            ? 
_refine.aniso_B[3][3]                            ? 
_refine.B_iso_max                                ? 
_refine.B_iso_mean                               7.91 
_refine.B_iso_min                                ? 
_refine.correlation_coeff_Fo_to_Fc               ? 
_refine.correlation_coeff_Fo_to_Fc_free          ? 
_refine.details                                  ? 
_refine.diff_density_max                         ? 
_refine.diff_density_max_esd                     ? 
_refine.diff_density_min                         ? 
_refine.diff_density_min_esd                     ? 
_refine.diff_density_rms                         ? 
_refine.diff_density_rms_esd                     ? 
_refine.entry_id                                 8VPT 
_refine.pdbx_refine_id                           'X-RAY DIFFRACTION' 
_refine.ls_abs_structure_details                 ? 
_refine.ls_abs_structure_Flack                   ? 
_refine.ls_abs_structure_Flack_esd               ? 
_refine.ls_abs_structure_Rogers                  ? 
_refine.ls_abs_structure_Rogers_esd              ? 
_refine.ls_d_res_high                            0.94 
_refine.ls_d_res_low                             16.40 
_refine.ls_extinction_coef                       ? 
_refine.ls_extinction_coef_esd                   ? 
_refine.ls_extinction_expression                 ? 
_refine.ls_extinction_method                     ? 
_refine.ls_goodness_of_fit_all                   ? 
_refine.ls_goodness_of_fit_all_esd               ? 
_refine.ls_goodness_of_fit_obs                   ? 
_refine.ls_goodness_of_fit_obs_esd               ? 
_refine.ls_hydrogen_treatment                    ? 
_refine.ls_matrix_type                           ? 
_refine.ls_number_constraints                    ? 
_refine.ls_number_parameters                     ? 
_refine.ls_number_reflns_all                     ? 
_refine.ls_number_reflns_obs                     13900 
_refine.ls_number_reflns_R_free                  2459 
_refine.ls_number_reflns_R_work                  22174 
_refine.ls_number_restraints                     ? 
_refine.ls_percent_reflns_obs                    74.31 
_refine.ls_percent_reflns_R_free                 9.98 
_refine.ls_R_factor_all                          ? 
_refine.ls_R_factor_obs                          0.1673 
_refine.ls_R_factor_R_free                       0.1924 
_refine.ls_R_factor_R_free_error                 ? 
_refine.ls_R_factor_R_free_error_details         ? 
_refine.ls_R_factor_R_work                       0.1646 
_refine.ls_R_Fsqd_factor_obs                     ? 
_refine.ls_R_I_factor_obs                        ? 
_refine.ls_redundancy_reflns_all                 ? 
_refine.ls_redundancy_reflns_obs                 ? 
_refine.ls_restrained_S_all                      ? 
_refine.ls_restrained_S_obs                      ? 
_refine.ls_shift_over_esd_max                    ? 
_refine.ls_shift_over_esd_mean                   ? 
_refine.ls_structure_factor_coef                 ? 
_refine.ls_weighting_details                     ? 
_refine.ls_weighting_scheme                      ? 
_refine.ls_wR_factor_all                         ? 
_refine.ls_wR_factor_obs                         ? 
_refine.ls_wR_factor_R_free                      ? 
_refine.ls_wR_factor_R_work                      ? 
_refine.occupancy_max                            ? 
_refine.occupancy_min                            ? 
_refine.solvent_model_details                    'FLAT BULK SOLVENT MODEL' 
_refine.solvent_model_param_bsol                 ? 
_refine.solvent_model_param_ksol                 ? 
_refine.pdbx_R_complete                          ? 
_refine.ls_R_factor_gt                           ? 
_refine.ls_goodness_of_fit_gt                    ? 
_refine.ls_goodness_of_fit_ref                   ? 
_refine.ls_shift_over_su_max                     ? 
_refine.ls_shift_over_su_max_lt                  ? 
_refine.ls_shift_over_su_mean                    ? 
_refine.ls_shift_over_su_mean_lt                 ? 
_refine.pdbx_ls_sigma_I                          ? 
_refine.pdbx_ls_sigma_F                          2.03 
_refine.pdbx_ls_sigma_Fsqd                       ? 
_refine.pdbx_data_cutoff_high_absF               ? 
_refine.pdbx_data_cutoff_high_rms_absF           ? 
_refine.pdbx_data_cutoff_low_absF                ? 
_refine.pdbx_isotropic_thermal_model             ? 
_refine.pdbx_ls_cross_valid_method               'FREE R-VALUE' 
_refine.pdbx_method_to_determine_struct          'MOLECULAR REPLACEMENT' 
_refine.pdbx_starting_model                      ? 
_refine.pdbx_stereochemistry_target_values       'GeoStd + Monomer Library + CDL v1.2' 
_refine.pdbx_R_Free_selection_details            ? 
_refine.pdbx_stereochem_target_val_spec_case     ? 
_refine.pdbx_overall_ESU_R                       ? 
_refine.pdbx_overall_ESU_R_Free                  ? 
_refine.pdbx_solvent_vdw_probe_radii             1.1000 
_refine.pdbx_solvent_ion_probe_radii             ? 
_refine.pdbx_solvent_shrinkage_radii             0.9000 
_refine.pdbx_real_space_R                        ? 
_refine.pdbx_density_correlation                 ? 
_refine.pdbx_pd_number_of_powder_patterns        ? 
_refine.pdbx_pd_number_of_points                 ? 
_refine.pdbx_pd_meas_number_of_points            ? 
_refine.pdbx_pd_proc_ls_prof_R_factor            ? 
_refine.pdbx_pd_proc_ls_prof_wR_factor           ? 
_refine.pdbx_pd_Marquardt_correlation_coeff      ? 
_refine.pdbx_pd_Fsqrd_R_factor                   ? 
_refine.pdbx_pd_ls_matrix_band_width             ? 
_refine.pdbx_overall_phase_error                 23.5024 
_refine.pdbx_overall_SU_R_free_Cruickshank_DPI   ? 
_refine.pdbx_overall_SU_R_free_Blow_DPI          ? 
_refine.pdbx_overall_SU_R_Blow_DPI               ? 
_refine.pdbx_TLS_residual_ADP_flag               ? 
_refine.pdbx_diffrn_id                           1 
_refine.overall_SU_B                             ? 
_refine.overall_SU_ML                            0.0918 
_refine.overall_SU_R_Cruickshank_DPI             ? 
_refine.overall_SU_R_free                        ? 
_refine.overall_FOM_free_R_set                   ? 
_refine.overall_FOM_work_R_set                   ? 
_refine.pdbx_average_fsc_overall                 ? 
_refine.pdbx_average_fsc_work                    ? 
_refine.pdbx_average_fsc_free                    ? 
# 
_refine_hist.pdbx_refine_id                   'X-RAY DIFFRACTION' 
_refine_hist.cycle_id                         LAST 
_refine_hist.details                          ? 
_refine_hist.d_res_high                       0.94 
_refine_hist.d_res_low                        16.40 
_refine_hist.number_atoms_solvent             35 
_refine_hist.number_atoms_total               300 
_refine_hist.number_reflns_all                ? 
_refine_hist.number_reflns_obs                ? 
_refine_hist.number_reflns_R_free             ? 
_refine_hist.number_reflns_R_work             ? 
_refine_hist.R_factor_all                     ? 
_refine_hist.R_factor_obs                     ? 
_refine_hist.R_factor_R_free                  ? 
_refine_hist.R_factor_R_work                  ? 
_refine_hist.pdbx_number_residues_total       ? 
_refine_hist.pdbx_B_iso_mean_ligand           ? 
_refine_hist.pdbx_B_iso_mean_solvent          ? 
_refine_hist.pdbx_number_atoms_protein        218 
_refine_hist.pdbx_number_atoms_nucleic_acid   0 
_refine_hist.pdbx_number_atoms_ligand         47 
_refine_hist.pdbx_number_atoms_lipid          ? 
_refine_hist.pdbx_number_atoms_carb           ? 
_refine_hist.pdbx_pseudo_atom_details         ? 
# 
loop_
_refine_ls_restr.pdbx_refine_id 
_refine_ls_restr.criterion 
_refine_ls_restr.dev_ideal 
_refine_ls_restr.dev_ideal_target 
_refine_ls_restr.number 
_refine_ls_restr.rejects 
_refine_ls_restr.type 
_refine_ls_restr.weight 
_refine_ls_restr.pdbx_restraint_function 
'X-RAY DIFFRACTION' ? 0.0084  ? 284 ? f_bond_d           ? ? 
'X-RAY DIFFRACTION' ? 1.7233  ? 402 ? f_angle_d          ? ? 
'X-RAY DIFFRACTION' ? 0.0482  ? 20  ? f_chiral_restr     ? ? 
'X-RAY DIFFRACTION' ? 0.0066  ? 46  ? f_plane_restr      ? ? 
'X-RAY DIFFRACTION' ? 32.4065 ? 75  ? f_dihedral_angle_d ? ? 
# 
loop_
_refine_ls_shell.pdbx_refine_id 
_refine_ls_shell.d_res_high 
_refine_ls_shell.d_res_low 
_refine_ls_shell.number_reflns_all 
_refine_ls_shell.number_reflns_obs 
_refine_ls_shell.number_reflns_R_free 
_refine_ls_shell.number_reflns_R_work 
_refine_ls_shell.percent_reflns_obs 
_refine_ls_shell.percent_reflns_R_free 
_refine_ls_shell.R_factor_all 
_refine_ls_shell.R_factor_obs 
_refine_ls_shell.R_factor_R_free_error 
_refine_ls_shell.R_factor_R_work 
_refine_ls_shell.redundancy_reflns_all 
_refine_ls_shell.redundancy_reflns_obs 
_refine_ls_shell.wR_factor_all 
_refine_ls_shell.wR_factor_obs 
_refine_ls_shell.wR_factor_R_free 
_refine_ls_shell.wR_factor_R_work 
_refine_ls_shell.pdbx_R_complete 
_refine_ls_shell.pdbx_total_number_of_bins_used 
_refine_ls_shell.pdbx_phase_error 
_refine_ls_shell.pdbx_fsc_work 
_refine_ls_shell.pdbx_fsc_free 
_refine_ls_shell.R_factor_R_free 
'X-RAY DIFFRACTION' 0.94 0.96  . . 142 1291 80.24 . . . . 0.2534 . . . . . . . . . . . 0.2526 
'X-RAY DIFFRACTION' 0.96 0.98  . . 156 1358 81.22 . . . . 0.2323 . . . . . . . . . . . 0.2818 
'X-RAY DIFFRACTION' 0.98 1.00  . . 143 1351 79.22 . . . . 0.2234 . . . . . . . . . . . 0.2299 
'X-RAY DIFFRACTION' 1.00 1.02  . . 142 1245 77.83 . . . . 0.2256 . . . . . . . . . . . 0.1944 
'X-RAY DIFFRACTION' 1.02 1.05  . . 130 1273 76.50 . . . . 0.2128 . . . . . . . . . . . 0.2363 
'X-RAY DIFFRACTION' 1.05 1.08  . . 143 1268 75.45 . . . . 0.2018 . . . . . . . . . . . 0.2001 
'X-RAY DIFFRACTION' 1.08 1.11  . . 138 1238 75.03 . . . . 0.2004 . . . . . . . . . . . 0.2124 
'X-RAY DIFFRACTION' 1.11 1.14  . . 138 1222 73.28 . . . . 0.2009 . . . . . . . . . . . 0.1889 
'X-RAY DIFFRACTION' 1.14 1.18  . . 130 1143 69.41 . . . . 0.1766 . . . . . . . . . . . 0.2433 
'X-RAY DIFFRACTION' 1.18 1.23  . . 120 1102 66.34 . . . . 0.1831 . . . . . . . . . . . 0.2138 
'X-RAY DIFFRACTION' 1.23 1.29  . . 128 1164 68.29 . . . . 0.1651 . . . . . . . . . . . 0.1889 
'X-RAY DIFFRACTION' 1.29 1.36  . . 130 1183 72.78 . . . . 0.1622 . . . . . . . . . . . 0.2160 
'X-RAY DIFFRACTION' 1.36 1.44  . . 132 1225 73.83 . . . . 0.1669 . . . . . . . . . . . 0.1889 
'X-RAY DIFFRACTION' 1.44 1.55  . . 136 1232 72.46 . . . . 0.1659 . . . . . . . . . . . 0.1531 
'X-RAY DIFFRACTION' 1.55 1.71  . . 126 1131 71.02 . . . . 0.1550 . . . . . . . . . . . 0.1798 
'X-RAY DIFFRACTION' 1.71 1.95  . . 141 1241 73.98 . . . . 0.1532 . . . . . . . . . . . 0.1795 
'X-RAY DIFFRACTION' 1.95 2.46  . . 123 1075 65.61 . . . . 0.1345 . . . . . . . . . . . 0.2046 
'X-RAY DIFFRACTION' 2.46 16.40 . . 161 1432 85.65 . . . . 0.1256 . . . . . . . . . . . 0.1635 
# 
_struct.entry_id                     8VPT 
_struct.title                        'UIC-14-BPE extension of UIC-1' 
_struct.pdbx_model_details           ? 
_struct.pdbx_formula_weight          ? 
_struct.pdbx_formula_weight_method   ? 
_struct.pdbx_model_type_details      ? 
_struct.pdbx_CASP_flag               N 
# 
_struct_keywords.entry_id        8VPT 
_struct_keywords.text            'synthetic construct, DE NOVO PROTEIN' 
_struct_keywords.pdbx_keywords   'DE NOVO PROTEIN' 
# 
loop_
_struct_asym.id 
_struct_asym.pdbx_blank_PDB_chainid_flag 
_struct_asym.pdbx_modified 
_struct_asym.entity_id 
_struct_asym.details 
A N N 1 ? 
B N N 1 ? 
C N N 2 ? 
D N N 2 ? 
E N N 2 ? 
F N N 3 ? 
G N N 3 ? 
# 
_struct_ref.id                         1 
_struct_ref.db_name                    PDB 
_struct_ref.db_code                    8VPT 
_struct_ref.pdbx_db_accession          8VPT 
_struct_ref.pdbx_db_isoform            ? 
_struct_ref.entity_id                  1 
_struct_ref.pdbx_seq_one_letter_code   ? 
_struct_ref.pdbx_align_begin           1 
# 
loop_
_struct_ref_seq.align_id 
_struct_ref_seq.ref_id 
_struct_ref_seq.pdbx_PDB_id_code 
_struct_ref_seq.pdbx_strand_id 
_struct_ref_seq.seq_align_beg 
_struct_ref_seq.pdbx_seq_align_beg_ins_code 
_struct_ref_seq.seq_align_end 
_struct_ref_seq.pdbx_seq_align_end_ins_code 
_struct_ref_seq.pdbx_db_accession 
_struct_ref_seq.db_align_beg 
_struct_ref_seq.pdbx_db_align_beg_ins_code 
_struct_ref_seq.db_align_end 
_struct_ref_seq.pdbx_db_align_end_ins_code 
_struct_ref_seq.pdbx_auth_seq_align_beg 
_struct_ref_seq.pdbx_auth_seq_align_end 
1 1 8VPT A 1 ? 16 ? 8VPT 1 ? 16 ? 1 16 
2 1 8VPT B 1 ? 16 ? 8VPT 1 ? 16 ? 1 16 
# 
loop_
_pdbx_struct_assembly.id 
_pdbx_struct_assembly.details 
_pdbx_struct_assembly.method_details 
_pdbx_struct_assembly.oligomeric_details 
_pdbx_struct_assembly.oligomeric_count 
1 author_defined_assembly ? monomeric 1 
2 author_defined_assembly ? monomeric 1 
# 
loop_
_pdbx_struct_assembly_gen.assembly_id 
_pdbx_struct_assembly_gen.oper_expression 
_pdbx_struct_assembly_gen.asym_id_list 
1 1 A,C,D,F 
2 1 B,E,G   
# 
_pdbx_struct_oper_list.id                   1 
_pdbx_struct_oper_list.type                 'identity operation' 
_pdbx_struct_oper_list.name                 1_555 
_pdbx_struct_oper_list.symmetry_operation   x,y,z 
_pdbx_struct_oper_list.matrix[1][1]         1.0000000000 
_pdbx_struct_oper_list.matrix[1][2]         0.0000000000 
_pdbx_struct_oper_list.matrix[1][3]         0.0000000000 
_pdbx_struct_oper_list.vector[1]            0.0000000000 
_pdbx_struct_oper_list.matrix[2][1]         0.0000000000 
_pdbx_struct_oper_list.matrix[2][2]         1.0000000000 
_pdbx_struct_oper_list.matrix[2][3]         0.0000000000 
_pdbx_struct_oper_list.vector[2]            0.0000000000 
_pdbx_struct_oper_list.matrix[3][1]         0.0000000000 
_pdbx_struct_oper_list.matrix[3][2]         0.0000000000 
_pdbx_struct_oper_list.matrix[3][3]         1.0000000000 
_pdbx_struct_oper_list.vector[3]            0.0000000000 
# 
loop_
_struct_conf.conf_type_id 
_struct_conf.id 
_struct_conf.pdbx_PDB_helix_id 
_struct_conf.beg_label_comp_id 
_struct_conf.beg_label_asym_id 
_struct_conf.beg_label_seq_id 
_struct_conf.pdbx_beg_PDB_ins_code 
_struct_conf.end_label_comp_id 
_struct_conf.end_label_asym_id 
_struct_conf.end_label_seq_id 
_struct_conf.pdbx_end_PDB_ins_code 
_struct_conf.beg_auth_comp_id 
_struct_conf.beg_auth_asym_id 
_struct_conf.beg_auth_seq_id 
_struct_conf.end_auth_comp_id 
_struct_conf.end_auth_asym_id 
_struct_conf.end_auth_seq_id 
_struct_conf.pdbx_PDB_helix_class 
_struct_conf.details 
_struct_conf.pdbx_PDB_helix_length 
HELX_P HELX_P1 AA1 AIB A 2 ? LEU A 15 ? AIB A 2 LEU A 15 1 ? 14 
HELX_P HELX_P2 AA2 ALA B 3 ? LEU B 15 ? ALA B 3 LEU B 15 1 ? 13 
# 
_struct_conf_type.id          HELX_P 
_struct_conf_type.criteria    ? 
_struct_conf_type.reference   ? 
# 
loop_
_struct_conn.id 
_struct_conn.conn_type_id 
_struct_conn.pdbx_leaving_atom_flag 
_struct_conn.pdbx_PDB_id 
_struct_conn.ptnr1_label_asym_id 
_struct_conn.ptnr1_label_comp_id 
_struct_conn.ptnr1_label_seq_id 
_struct_conn.ptnr1_label_atom_id 
_struct_conn.pdbx_ptnr1_label_alt_id 
_struct_conn.pdbx_ptnr1_PDB_ins_code 
_struct_conn.pdbx_ptnr1_standard_comp_id 
_struct_conn.ptnr1_symmetry 
_struct_conn.ptnr2_label_asym_id 
_struct_conn.ptnr2_label_comp_id 
_struct_conn.ptnr2_label_seq_id 
_struct_conn.ptnr2_label_atom_id 
_struct_conn.pdbx_ptnr2_label_alt_id 
_struct_conn.pdbx_ptnr2_PDB_ins_code 
_struct_conn.ptnr1_auth_asym_id 
_struct_conn.ptnr1_auth_comp_id 
_struct_conn.ptnr1_auth_seq_id 
_struct_conn.ptnr2_auth_asym_id 
_struct_conn.ptnr2_auth_comp_id 
_struct_conn.ptnr2_auth_seq_id 
_struct_conn.ptnr2_symmetry 
_struct_conn.pdbx_ptnr3_label_atom_id 
_struct_conn.pdbx_ptnr3_label_seq_id 
_struct_conn.pdbx_ptnr3_label_comp_id 
_struct_conn.pdbx_ptnr3_label_asym_id 
_struct_conn.pdbx_ptnr3_label_alt_id 
_struct_conn.pdbx_ptnr3_PDB_ins_code 
_struct_conn.details 
_struct_conn.pdbx_dist_value 
_struct_conn.pdbx_value_order 
_struct_conn.pdbx_role 
covale1  covale one  ? A I6W 1  C02 ? ? ? 1_555 A AIB 2  N   ? ? A I6W 1  A AIB 2  1_555 ? ? ? ? ? ? ? 1.425 ? ? 
covale2  covale both ? A AIB 2  C   ? ? ? 1_555 A ALA 3  N   ? ? A AIB 2  A ALA 3  1_555 ? ? ? ? ? ? ? 1.330 ? ? 
covale3  covale both ? A ALA 3  C   ? ? ? 1_555 A AIB 4  N   ? ? A ALA 3  A AIB 4  1_555 ? ? ? ? ? ? ? 1.328 ? ? 
covale4  covale both ? A AIB 4  C   ? ? ? 1_555 A ALA 5  N   ? ? A AIB 4  A ALA 5  1_555 ? ? ? ? ? ? ? 1.334 ? ? 
covale5  covale both ? A ALA 5  C   ? ? ? 1_555 A AIB 6  N   ? ? A ALA 5  A AIB 6  1_555 ? ? ? ? ? ? ? 1.328 ? ? 
covale6  covale both ? A AIB 6  C   ? ? ? 1_555 A LEU 7  N   ? ? A AIB 6  A LEU 7  1_555 ? ? ? ? ? ? ? 1.337 ? ? 
covale7  covale both ? A LEU 7  C   ? ? ? 1_555 A AIB 8  N   ? ? A LEU 7  A AIB 8  1_555 ? ? ? ? ? ? ? 1.328 ? ? 
covale8  covale both ? A AIB 8  C   ? ? ? 1_555 A ALA 9  N   ? ? A AIB 8  A ALA 9  1_555 ? ? ? ? ? ? ? 1.322 ? ? 
covale9  covale both ? A ALA 9  C   ? ? ? 1_555 A AIB 10 N   ? ? A ALA 9  A AIB 10 1_555 ? ? ? ? ? ? ? 1.320 ? ? 
covale10 covale both ? A AIB 10 C   ? ? ? 1_555 A LEU 11 N   ? ? A AIB 10 A LEU 11 1_555 ? ? ? ? ? ? ? 1.341 ? ? 
covale11 covale both ? A LEU 11 C   ? ? ? 1_555 A AIB 12 N   ? ? A LEU 11 A AIB 12 1_555 ? ? ? ? ? ? ? 1.329 ? ? 
covale12 covale both ? A AIB 12 C   ? ? ? 1_555 A GLN 13 N   ? ? A AIB 12 A GLN 13 1_555 ? ? ? ? ? ? ? 1.341 ? ? 
covale13 covale both ? A GLN 13 C   ? ? ? 1_555 A AIB 14 N   ? ? A GLN 13 A AIB 14 1_555 ? ? ? ? ? ? ? 1.326 ? ? 
covale14 covale both ? A AIB 14 C   ? ? ? 1_555 A LEU 15 N   ? ? A AIB 14 A LEU 15 1_555 ? ? ? ? ? ? ? 1.330 ? ? 
covale15 covale one  ? A LEU 15 C   ? ? ? 1_555 A I77 16 N15 A ? A LEU 15 A I77 16 1_555 ? ? ? ? ? ? ? 1.406 ? ? 
covale16 covale one  ? A LEU 15 C   ? ? ? 1_555 A I77 16 N15 B ? A LEU 15 A I77 16 1_555 ? ? ? ? ? ? ? 1.413 ? ? 
covale17 covale one  ? B I6W 1  C02 ? ? ? 1_555 B AIB 2  N   ? ? B I6W 1  B AIB 2  1_555 ? ? ? ? ? ? ? 1.425 ? ? 
covale18 covale both ? B AIB 2  C   ? ? ? 1_555 B ALA 3  N   ? ? B AIB 2  B ALA 3  1_555 ? ? ? ? ? ? ? 1.326 ? ? 
covale19 covale both ? B ALA 3  C   ? ? ? 1_555 B AIB 4  N   ? ? B ALA 3  B AIB 4  1_555 ? ? ? ? ? ? ? 1.328 ? ? 
covale20 covale both ? B AIB 4  C   ? ? ? 1_555 B ALA 5  N   ? ? B AIB 4  B ALA 5  1_555 ? ? ? ? ? ? ? 1.331 ? ? 
covale21 covale both ? B ALA 5  C   ? ? ? 1_555 B AIB 6  N   ? ? B ALA 5  B AIB 6  1_555 ? ? ? ? ? ? ? 1.333 ? ? 
covale22 covale both ? B AIB 6  C   ? ? ? 1_555 B LEU 7  N   ? ? B AIB 6  B LEU 7  1_555 ? ? ? ? ? ? ? 1.339 ? ? 
covale23 covale both ? B LEU 7  C   ? ? ? 1_555 B AIB 8  N   ? ? B LEU 7  B AIB 8  1_555 ? ? ? ? ? ? ? 1.327 ? ? 
covale24 covale both ? B AIB 8  C   ? ? ? 1_555 B ALA 9  N   ? ? B AIB 8  B ALA 9  1_555 ? ? ? ? ? ? ? 1.329 ? ? 
covale25 covale both ? B ALA 9  C   ? ? ? 1_555 B AIB 10 N   ? ? B ALA 9  B AIB 10 1_555 ? ? ? ? ? ? ? 1.324 ? ? 
covale26 covale both ? B AIB 10 C   ? ? ? 1_555 B LEU 11 N   ? ? B AIB 10 B LEU 11 1_555 ? ? ? ? ? ? ? 1.332 ? ? 
covale27 covale both ? B LEU 11 C   ? ? ? 1_555 B AIB 12 N   ? ? B LEU 11 B AIB 12 1_555 ? ? ? ? ? ? ? 1.330 ? ? 
covale28 covale both ? B AIB 12 C   ? ? ? 1_555 B GLN 13 N   ? ? B AIB 12 B GLN 13 1_555 ? ? ? ? ? ? ? 1.337 ? ? 
covale29 covale both ? B GLN 13 C   ? ? ? 1_555 B AIB 14 N   ? ? B GLN 13 B AIB 14 1_555 ? ? ? ? ? ? ? 1.323 ? ? 
covale30 covale both ? B AIB 14 C   ? ? ? 1_555 B LEU 15 N   ? ? B AIB 14 B LEU 15 1_555 ? ? ? ? ? ? ? 1.331 ? ? 
covale31 covale one  ? B LEU 15 C   ? ? ? 1_555 B I77 16 N15 ? ? B LEU 15 B I77 16 1_555 ? ? ? ? ? ? ? 1.420 ? ? 
# 
_struct_conn_type.id          covale 
_struct_conn_type.criteria    ? 
_struct_conn_type.reference   ? 
# 
_pdbx_entry_details.entry_id                   8VPT 
_pdbx_entry_details.has_ligand_of_interest     Y 
_pdbx_entry_details.compound_details           ? 
_pdbx_entry_details.source_details             ? 
_pdbx_entry_details.nonpolymer_details         ? 
_pdbx_entry_details.sequence_details           ? 
_pdbx_entry_details.has_protein_modification   ? 
# 
_space_group_symop.id              1 
_space_group_symop.operation_xyz   x,y,z 
# 
loop_
_pdbx_distant_solvent_atoms.id 
_pdbx_distant_solvent_atoms.PDB_model_num 
_pdbx_distant_solvent_atoms.auth_atom_id 
_pdbx_distant_solvent_atoms.label_alt_id 
_pdbx_distant_solvent_atoms.auth_asym_id 
_pdbx_distant_solvent_atoms.auth_comp_id 
_pdbx_distant_solvent_atoms.auth_seq_id 
_pdbx_distant_solvent_atoms.PDB_ins_code 
_pdbx_distant_solvent_atoms.neighbor_macromolecule_distance 
_pdbx_distant_solvent_atoms.neighbor_ligand_distance 
1 1 O ? A HOH 223 ? 6.15 . 
2 1 O ? A HOH 224 ? 6.25 . 
# 
loop_
_chem_comp_atom.comp_id 
_chem_comp_atom.atom_id 
_chem_comp_atom.type_symbol 
_chem_comp_atom.pdbx_aromatic_flag 
_chem_comp_atom.pdbx_stereo_config 
_chem_comp_atom.pdbx_ordinal 
AIB N    N N N 1   
AIB CA   C N N 2   
AIB C    C N N 3   
AIB O    O N N 4   
AIB OXT  O N N 5   
AIB CB1  C N N 6   
AIB CB2  C N N 7   
AIB H    H N N 8   
AIB H2   H N N 9   
AIB HXT  H N N 10  
AIB HB11 H N N 11  
AIB HB12 H N N 12  
AIB HB13 H N N 13  
AIB HB21 H N N 14  
AIB HB22 H N N 15  
AIB HB23 H N N 16  
ALA N    N N N 17  
ALA CA   C N S 18  
ALA C    C N N 19  
ALA O    O N N 20  
ALA CB   C N N 21  
ALA OXT  O N N 22  
ALA H    H N N 23  
ALA H2   H N N 24  
ALA HA   H N N 25  
ALA HB1  H N N 26  
ALA HB2  H N N 27  
ALA HB3  H N N 28  
ALA HXT  H N N 29  
CCN N    N N N 30  
CCN C1   C N N 31  
CCN C2   C N N 32  
CCN H21  H N N 33  
CCN H22  H N N 34  
CCN H23  H N N 35  
GLN N    N N N 36  
GLN CA   C N S 37  
GLN C    C N N 38  
GLN O    O N N 39  
GLN CB   C N N 40  
GLN CG   C N N 41  
GLN CD   C N N 42  
GLN OE1  O N N 43  
GLN NE2  N N N 44  
GLN OXT  O N N 45  
GLN H    H N N 46  
GLN H2   H N N 47  
GLN HA   H N N 48  
GLN HB2  H N N 49  
GLN HB3  H N N 50  
GLN HG2  H N N 51  
GLN HG3  H N N 52  
GLN HE21 H N N 53  
GLN HE22 H N N 54  
GLN HXT  H N N 55  
HOH O    O N N 56  
HOH H1   H N N 57  
HOH H2   H N N 58  
I6W C05  C Y N 59  
I6W C08  C Y N 60  
I6W C09  C Y N 61  
I6W N10  N Y N 62  
I6W C02  C N N 63  
I6W C03  C Y N 64  
I6W C04  C Y N 65  
I6W C06  C Y N 66  
I6W C11  C Y N 67  
I6W C12  C Y N 68  
I6W C13  C N N 69  
I6W C15  C N N 70  
I6W C16  C N N 71  
I6W C18  C Y N 72  
I6W C19  C Y N 73  
I6W N07  N Y N 74  
I6W O01  O N N 75  
I6W O14  O N N 76  
I6W O17  O N N 77  
I6W H051 H N N 78  
I6W H1   H N N 79  
I6W H041 H N N 80  
I6W H061 H N N 81  
I6W H111 H N N 82  
I6W H152 H N N 83  
I6W H151 H N N 84  
I6W H162 H N N 85  
I6W H163 H N N 86  
I6W H161 H N N 87  
I6W H181 H N N 88  
I6W H191 H N N 89  
I77 C11  C Y N 90  
I77 C12  C Y N 91  
I77 C13  C N N 92  
I77 C17  C Y N 93  
I77 C18  C Y N 94  
I77 C02  C N N 95  
I77 C03  C Y N 96  
I77 C04  C Y N 97  
I77 C05  C Y N 98  
I77 C06  C Y N 99  
I77 C08  C Y N 100 
I77 C09  C Y N 101 
I77 N01  N N N 102 
I77 N07  N Y N 103 
I77 N10  N Y N 104 
I77 N14  N N N 105 
I77 N15  N N N 106 
I77 O16  O N N 107 
I77 O19  O N N 108 
I77 H111 H N N 109 
I77 H171 H N N 110 
I77 H181 H N N 111 
I77 H041 H N N 112 
I77 H051 H N N 113 
I77 H061 H N N 114 
I77 H011 H N N 115 
I77 H012 H N N 116 
I77 H141 H N N 117 
I77 H1   H N N 118 
I77 H2   H N N 119 
LEU N    N N N 120 
LEU CA   C N S 121 
LEU C    C N N 122 
LEU O    O N N 123 
LEU CB   C N N 124 
LEU CG   C N N 125 
LEU CD1  C N N 126 
LEU CD2  C N N 127 
LEU OXT  O N N 128 
LEU H    H N N 129 
LEU H2   H N N 130 
LEU HA   H N N 131 
LEU HB2  H N N 132 
LEU HB3  H N N 133 
LEU HG   H N N 134 
LEU HD11 H N N 135 
LEU HD12 H N N 136 
LEU HD13 H N N 137 
LEU HD21 H N N 138 
LEU HD22 H N N 139 
LEU HD23 H N N 140 
LEU HXT  H N N 141 
# 
loop_
_chem_comp_bond.comp_id 
_chem_comp_bond.atom_id_1 
_chem_comp_bond.atom_id_2 
_chem_comp_bond.value_order 
_chem_comp_bond.pdbx_aromatic_flag 
_chem_comp_bond.pdbx_stereo_config 
_chem_comp_bond.pdbx_ordinal 
AIB N   CA   sing N N 1   
AIB N   H    sing N N 2   
AIB N   H2   sing N N 3   
AIB CA  C    sing N N 4   
AIB CA  CB1  sing N N 5   
AIB CA  CB2  sing N N 6   
AIB C   O    doub N N 7   
AIB C   OXT  sing N N 8   
AIB OXT HXT  sing N N 9   
AIB CB1 HB11 sing N N 10  
AIB CB1 HB12 sing N N 11  
AIB CB1 HB13 sing N N 12  
AIB CB2 HB21 sing N N 13  
AIB CB2 HB22 sing N N 14  
AIB CB2 HB23 sing N N 15  
ALA N   CA   sing N N 16  
ALA N   H    sing N N 17  
ALA N   H2   sing N N 18  
ALA CA  C    sing N N 19  
ALA CA  CB   sing N N 20  
ALA CA  HA   sing N N 21  
ALA C   O    doub N N 22  
ALA C   OXT  sing N N 23  
ALA CB  HB1  sing N N 24  
ALA CB  HB2  sing N N 25  
ALA CB  HB3  sing N N 26  
ALA OXT HXT  sing N N 27  
CCN N   C1   trip N N 28  
CCN C1  C2   sing N N 29  
CCN C2  H21  sing N N 30  
CCN C2  H22  sing N N 31  
CCN C2  H23  sing N N 32  
GLN N   CA   sing N N 33  
GLN N   H    sing N N 34  
GLN N   H2   sing N N 35  
GLN CA  C    sing N N 36  
GLN CA  CB   sing N N 37  
GLN CA  HA   sing N N 38  
GLN C   O    doub N N 39  
GLN C   OXT  sing N N 40  
GLN CB  CG   sing N N 41  
GLN CB  HB2  sing N N 42  
GLN CB  HB3  sing N N 43  
GLN CG  CD   sing N N 44  
GLN CG  HG2  sing N N 45  
GLN CG  HG3  sing N N 46  
GLN CD  OE1  doub N N 47  
GLN CD  NE2  sing N N 48  
GLN NE2 HE21 sing N N 49  
GLN NE2 HE22 sing N N 50  
GLN OXT HXT  sing N N 51  
HOH O   H1   sing N N 52  
HOH O   H2   sing N N 53  
I6W O01 C02  doub N N 54  
I6W C02 C03  sing N N 55  
I6W C03 C06  doub Y N 56  
I6W C03 C04  sing Y N 57  
I6W C06 N07  sing Y N 58  
I6W C04 C05  doub Y N 59  
I6W N07 C08  doub Y N 60  
I6W C05 C08  sing Y N 61  
I6W C08 C09  sing N N 62  
I6W C09 C19  doub Y N 63  
I6W C09 N10  sing Y N 64  
I6W C19 C18  sing Y N 65  
I6W N10 C11  doub Y N 66  
I6W C18 C12  doub Y N 67  
I6W C11 C12  sing Y N 68  
I6W C12 C13  sing N N 69  
I6W C13 O17  doub N N 70  
I6W C13 O14  sing N N 71  
I6W O14 C15  sing N N 72  
I6W C15 C16  sing N N 73  
I6W C05 H051 sing N N 74  
I6W C02 H1   sing N N 75  
I6W C04 H041 sing N N 76  
I6W C06 H061 sing N N 77  
I6W C11 H111 sing N N 78  
I6W C15 H152 sing N N 79  
I6W C15 H151 sing N N 80  
I6W C16 H162 sing N N 81  
I6W C16 H163 sing N N 82  
I6W C16 H161 sing N N 83  
I6W C18 H181 sing N N 84  
I6W C19 H191 sing N N 85  
I77 N15 N14  sing N N 86  
I77 O16 C13  doub N N 87  
I77 N14 C13  sing N N 88  
I77 C13 C12  sing N N 89  
I77 C12 C17  doub Y N 90  
I77 C12 C11  sing Y N 91  
I77 C17 C18  sing Y N 92  
I77 C11 N10  doub Y N 93  
I77 C18 C09  doub Y N 94  
I77 N10 C09  sing Y N 95  
I77 C09 C08  sing N N 96  
I77 C08 N07  doub Y N 97  
I77 C08 C05  sing Y N 98  
I77 N07 C06  sing Y N 99  
I77 C05 C04  doub Y N 100 
I77 C06 C03  doub Y N 101 
I77 C04 C03  sing Y N 102 
I77 C03 C02  sing N N 103 
I77 C02 N01  sing N N 104 
I77 C02 O19  doub N N 105 
I77 C11 H111 sing N N 106 
I77 C17 H171 sing N N 107 
I77 C18 H181 sing N N 108 
I77 C04 H041 sing N N 109 
I77 C05 H051 sing N N 110 
I77 C06 H061 sing N N 111 
I77 N01 H011 sing N N 112 
I77 N01 H012 sing N N 113 
I77 N14 H141 sing N N 114 
I77 N15 H1   sing N N 115 
I77 N15 H2   sing N N 116 
LEU N   CA   sing N N 117 
LEU N   H    sing N N 118 
LEU N   H2   sing N N 119 
LEU CA  C    sing N N 120 
LEU CA  CB   sing N N 121 
LEU CA  HA   sing N N 122 
LEU C   O    doub N N 123 
LEU C   OXT  sing N N 124 
LEU CB  CG   sing N N 125 
LEU CB  HB2  sing N N 126 
LEU CB  HB3  sing N N 127 
LEU CG  CD1  sing N N 128 
LEU CG  CD2  sing N N 129 
LEU CG  HG   sing N N 130 
LEU CD1 HD11 sing N N 131 
LEU CD1 HD12 sing N N 132 
LEU CD1 HD13 sing N N 133 
LEU CD2 HD21 sing N N 134 
LEU CD2 HD22 sing N N 135 
LEU CD2 HD23 sing N N 136 
LEU OXT HXT  sing N N 137 
# 
_pdbx_audit_support.funding_organization   'Department of Energy (DOE, United States)' 
_pdbx_audit_support.country                'United States' 
_pdbx_audit_support.grant_number           DE-AC02-06CH11357 
_pdbx_audit_support.ordinal                1 
# 
_pdbx_initial_refinement_model.id               1 
_pdbx_initial_refinement_model.entity_id_list   ? 
_pdbx_initial_refinement_model.type             'experimental model' 
_pdbx_initial_refinement_model.source_name      PDB 
_pdbx_initial_refinement_model.accession_code   8GK9 
_pdbx_initial_refinement_model.details          ? 
# 
_space_group.name_H-M_alt     'P 1' 
_space_group.name_Hall        'P 1' 
_space_group.IT_number        1 
_space_group.crystal_system   triclinic 
_space_group.id               1 
# 
_atom_sites.entry_id                    8VPT 
_atom_sites.Cartn_transf_matrix[1][1]   ? 
_atom_sites.Cartn_transf_matrix[1][2]   ? 
_atom_sites.Cartn_transf_matrix[1][3]   ? 
_atom_sites.Cartn_transf_matrix[2][1]   ? 
_atom_sites.Cartn_transf_matrix[2][2]   ? 
_atom_sites.Cartn_transf_matrix[2][3]   ? 
_atom_sites.Cartn_transf_matrix[3][1]   ? 
_atom_sites.Cartn_transf_matrix[3][2]   ? 
_atom_sites.Cartn_transf_matrix[3][3]   ? 
_atom_sites.Cartn_transf_vector[1]      ? 
_atom_sites.Cartn_transf_vector[2]      ? 
_atom_sites.Cartn_transf_vector[3]      ? 
_atom_sites.Cartn_transform_axes        ? 
_atom_sites.fract_transf_matrix[1][1]   -0.00738975 
_atom_sites.fract_transf_matrix[1][2]   0.06607931 
_atom_sites.fract_transf_matrix[1][3]   0.02616776 
_atom_sites.fract_transf_matrix[2][1]   -0.01109505 
_atom_sites.fract_transf_matrix[2][2]   0.02180979 
_atom_sites.fract_transf_matrix[2][3]   -0.05586050 
_atom_sites.fract_transf_matrix[3][1]   -0.03531867 
_atom_sites.fract_transf_matrix[3][2]   -0.00104382 
_atom_sites.fract_transf_matrix[3][3]   0.00121567 
_atom_sites.fract_transf_vector[1]      0.228767 
_atom_sites.fract_transf_vector[2]      0.410603 
_atom_sites.fract_transf_vector[3]      -0.068028 
_atom_sites.solution_primary            ? 
_atom_sites.solution_secondary          ? 
_atom_sites.solution_hydrogens          ? 
_atom_sites.special_details             ? 
# 
loop_
_atom_type.symbol 
_atom_type.scat_dispersion_real 
_atom_type.scat_dispersion_imag 
_atom_type.scat_Cromer_Mann_a1 
_atom_type.scat_Cromer_Mann_a2 
_atom_type.scat_Cromer_Mann_a3 
_atom_type.scat_Cromer_Mann_a4 
_atom_type.scat_Cromer_Mann_b1 
_atom_type.scat_Cromer_Mann_b2 
_atom_type.scat_Cromer_Mann_b3 
_atom_type.scat_Cromer_Mann_b4 
_atom_type.scat_Cromer_Mann_c 
_atom_type.scat_source 
_atom_type.scat_dispersion_source 
C ? ? 2.51340 1.74867 1.72398 ? 31.80534 0.44561  10.58317 ? 0.0 
;3-Gaussian fit: Grosse-Kunstleve RW, Sauter NK, Adams PD: Newsletter of the IUCr Commission on Crystallographic Computing 2004, 3, 22-31.
;
? 
H ? ? 0.53795 0.34799 0.11320 ? 10.08003 29.74760 2.57510  ? 0.0 
;3-Gaussian fit: Grosse-Kunstleve RW, Sauter NK, Adams PD: Newsletter of the IUCr Commission on Crystallographic Computing 2004, 3, 22-31.
;
? 
N ? ? 2.99955 2.25584 1.72788 ? 23.27268 7.45433  0.31622  ? 0.0 
;3-Gaussian fit: Grosse-Kunstleve RW, Sauter NK, Adams PD: Newsletter of the IUCr Commission on Crystallographic Computing 2004, 3, 22-31.
;
? 
O ? ? 4.49882 3.47563 ?       ? 15.80542 1.70748  ?        ? 0.0 
;2-Gaussian fit: Grosse-Kunstleve RW, Sauter NK, Adams PD: Newsletter of the IUCr Commission on Crystallographic Computing 2004, 3, 22-31.
;
? 
# 
loop_
_atom_site.group_PDB 
_atom_site.id 
_atom_site.type_symbol 
_atom_site.label_atom_id 
_atom_site.label_alt_id 
_atom_site.label_comp_id 
_atom_site.label_asym_id 
_atom_site.label_entity_id 
_atom_site.label_seq_id 
_atom_site.pdbx_PDB_ins_code 
_atom_site.Cartn_x 
_atom_site.Cartn_y 
_atom_site.Cartn_z 
_atom_site.occupancy 
_atom_site.B_iso_or_equiv 
_atom_site.pdbx_formal_charge 
_atom_site.auth_seq_id 
_atom_site.auth_comp_id 
_atom_site.auth_asym_id 
_atom_site.auth_atom_id 
_atom_site.pdbx_PDB_model_num 
HETATM 1   C C05  . I6W A 1 1  ? 11.94157  8.62496   6.98230   1.000 7.05085  ? 1   I6W A C05  1 
HETATM 2   C C08  . I6W A 1 1  ? 12.22821  7.75379   7.98937   1.000 6.69291  ? 1   I6W A C08  1 
HETATM 3   C C09  . I6W A 1 1  ? 13.67479  7.50809   8.33384   1.000 6.95873  ? 1   I6W A C09  1 
HETATM 4   N N10  . I6W A 1 1  ? 14.59911  7.68155   7.41739   1.000 7.33246  ? 1   I6W A N10  1 
HETATM 5   C C02  . I6W A 1 1  ? 8.15341   8.45595   7.17846   1.000 6.19285  ? 1   I6W A C02  1 
HETATM 6   C C03  . I6W A 1 1  ? 9.64880   8.25602   7.43865   1.000 6.61132  ? 1   I6W A C03  1 
HETATM 7   C C04  . I6W A 1 1  ? 10.60084  8.88477   6.67184   1.000 7.14296  ? 1   I6W A C04  1 
HETATM 8   C C06  . I6W A 1 1  ? 10.00905  7.40900   8.45289   1.000 7.18770  ? 1   I6W A C06  1 
HETATM 9   C C11  . I6W A 1 1  ? 15.87266  7.51181   7.71472   1.000 7.71408  ? 1   I6W A C11  1 
HETATM 10  C C12  . I6W A 1 1  ? 16.24997  7.14362   8.99587   1.000 8.47996  ? 1   I6W A C12  1 
HETATM 11  C C13  . I6W A 1 1  ? 17.74710  6.96809   9.32794   1.000 10.17227 ? 1   I6W A C13  1 
HETATM 12  C C15  . I6W A 1 1  ? 20.01385  7.12328   8.54255   1.000 11.99881 ? 1   I6W A C15  1 
HETATM 13  C C16  . I6W A 1 1  ? 20.79315  6.23969   7.53688   1.000 11.82773 ? 1   I6W A C16  1 
HETATM 14  C C18  . I6W A 1 1  ? 15.31896  6.96473   9.97501   1.000 8.24309  ? 1   I6W A C18  1 
HETATM 15  C C19  . I6W A 1 1  ? 13.98802  7.14974   9.62288   1.000 7.55354  ? 1   I6W A C19  1 
HETATM 16  N N07  . I6W A 1 1  ? 11.28404  7.19048   8.72130   1.000 7.21139  ? 1   I6W A N07  1 
HETATM 17  O O01  . I6W A 1 1  ? 7.41774   7.51867   7.13229   1.000 6.05599  ? 1   I6W A O01  1 
HETATM 18  O O14  . I6W A 1 1  ? 18.62653  6.95624   8.22785   1.000 11.45927 ? 1   I6W A O14  1 
HETATM 19  O O17  . I6W A 1 1  ? 18.11904  6.88828   10.43874  1.000 11.19082 ? 1   I6W A O17  1 
HETATM 20  H H051 . I6W A 1 1  ? 12.72759  9.10283   6.43916   1.000 8.62000  ? 1   I6W A H051 1 
HETATM 21  H H041 . I6W A 1 1  ? 10.31648  9.57355   5.83605   1.000 8.73000  ? 1   I6W A H041 1 
HETATM 22  H H061 . I6W A 1 1  ? 9.24105   6.91500   9.04048   1.000 8.78000  ? 1   I6W A H061 1 
HETATM 23  H H111 . I6W A 1 1  ? 16.61530  7.65865   6.96501   1.000 9.42000  ? 1   I6W A H111 1 
HETATM 24  H H152 . I6W A 1 1  ? 20.20949  6.79917   9.55688   1.000 14.56000 ? 1   I6W A H152 1 
HETATM 25  H H151 . I6W A 1 1  ? 20.30061  8.16117   8.42952   1.000 14.56000 ? 1   I6W A H151 1 
HETATM 26  H H162 . I6W A 1 1  ? 20.07738  5.67815   6.90830   1.000 14.35000 ? 1   I6W A H162 1 
HETATM 27  H H163 . I6W A 1 1  ? 21.43386  5.52954   8.09193   1.000 14.35000 ? 1   I6W A H163 1 
HETATM 28  H H161 . I6W A 1 1  ? 21.42375  6.88203   6.89452   1.000 14.35000 ? 1   I6W A H161 1 
HETATM 29  H H181 . I6W A 1 1  ? 15.60524  6.69032   10.98964  1.000 10.05000 ? 1   I6W A H181 1 
HETATM 30  H H191 . I6W A 1 1  ? 13.20071  7.01081   10.36162  1.000 9.22000  ? 1   I6W A H191 1 
HETATM 31  N N    . AIB A 1 2  ? 7.69634   9.78313   6.93373   1.000 6.27707  ? 2   AIB A N    1 
HETATM 32  C CA   . AIB A 1 2  ? 6.27751   10.04505  6.82771   1.000 6.47446  ? 2   AIB A CA   1 
HETATM 33  C C    . AIB A 1 2  ? 5.60591   9.19018   5.74741   1.000 5.56119  ? 2   AIB A C    1 
HETATM 34  O O    . AIB A 1 2  ? 4.61882   8.48401   5.95310   1.000 5.50856  ? 2   AIB A O    1 
HETATM 35  C CB1  . AIB A 1 2  ? 5.54898   9.83452   8.16579   1.000 6.01914  ? 2   AIB A CB1  1 
HETATM 36  C CB2  . AIB A 1 2  ? 6.09394   11.51941  6.42497   1.000 7.34299  ? 2   AIB A CB2  1 
HETATM 37  H H    . AIB A 1 2  ? 8.15066   10.52825  7.42386   1.000 7.69000  ? 2   AIB A H    1 
HETATM 38  H HB11 . AIB A 1 2  ? 4.45344   9.99274   8.02782   1.000 7.38000  ? 2   AIB A HB11 1 
HETATM 39  H HB12 . AIB A 1 2  ? 5.72741   8.79508   8.53102   1.000 7.38000  ? 2   AIB A HB12 1 
HETATM 40  H HB13 . AIB A 1 2  ? 5.93298   10.55965  8.92231   1.000 7.38000  ? 2   AIB A HB13 1 
HETATM 41  H HB21 . AIB A 1 2  ? 5.00654   11.72182  6.27064   1.000 8.97000  ? 2   AIB A HB21 1 
HETATM 42  H HB22 . AIB A 1 2  ? 6.49012   12.17202  7.24061   1.000 8.97000  ? 2   AIB A HB22 1 
HETATM 43  H HB23 . AIB A 1 2  ? 6.65432   11.71068  5.47850   1.000 8.97000  ? 2   AIB A HB23 1 
ATOM   44  N N    . ALA A 1 3  ? 6.19483   9.24835   4.55592   1.000 5.34275  ? 3   ALA A N    1 
ATOM   45  C CA   . ALA A 1 3  ? 5.60819   8.59710   3.38502   1.000 5.28748  ? 3   ALA A CA   1 
ATOM   46  C C    . ALA A 1 3  ? 5.69663   7.08154   3.48991   1.000 4.76899  ? 3   ALA A C    1 
ATOM   47  O O    . ALA A 1 3  ? 4.72788   6.37161   3.23623   1.000 4.69793  ? 3   ALA A O    1 
ATOM   48  C CB   . ALA A 1 3  ? 6.29344   9.09017   2.10832   1.000 5.75595  ? 3   ALA A CB   1 
ATOM   49  H H    . ALA A 1 3  ? 6.93305   9.65867   4.39817   1.000 6.57000  ? 3   ALA A H    1 
ATOM   50  H HA   . ALA A 1 3  ? 4.66855   8.83195   3.33450   1.000 6.51000  ? 3   ALA A HA   1 
ATOM   51  H HB1  . ALA A 1 3  ? 5.85123   8.69542   1.34018   1.000 7.06000  ? 3   ALA A HB1  1 
ATOM   52  H HB2  . ALA A 1 3  ? 6.22743   10.05646  2.06729   1.000 7.06000  ? 3   ALA A HB2  1 
ATOM   53  H HB3  . ALA A 1 3  ? 7.22594   8.82261   2.12696   1.000 7.06000  ? 3   ALA A HB3  1 
HETATM 54  N N    . AIB A 1 4  ? 6.84846   6.58063   3.92189   1.000 4.62687  ? 4   AIB A N    1 
HETATM 55  C CA   . AIB A 1 4  ? 7.04388   5.15528   4.04224   1.000 4.64793  ? 4   AIB A CA   1 
HETATM 56  C C    . AIB A 1 4  ? 6.02448   4.57109   5.04258   1.000 4.12418  ? 4   AIB A C    1 
HETATM 57  O O    . AIB A 1 4  ? 5.43910   3.50398   4.85999   1.000 4.03206  ? 4   AIB A O    1 
HETATM 58  C CB1  . AIB A 1 4  ? 6.89611   4.42587   2.69999   1.000 4.95586  ? 4   AIB A CB1  1 
HETATM 59  C CB2  . AIB A 1 4  ? 8.42488   4.86650   4.65455   1.000 5.30853  ? 4   AIB A CB2  1 
HETATM 60  H H    . AIB A 1 4  ? 7.50414   7.07580   4.49275   1.000 5.71000  ? 4   AIB A H    1 
HETATM 61  H HB11 . AIB A 1 4  ? 7.00899   3.32652   2.85435   1.000 6.10000  ? 4   AIB A HB11 1 
HETATM 62  H HB12 . AIB A 1 4  ? 5.88902   4.63495   2.26713   1.000 6.10000  ? 4   AIB A HB12 1 
HETATM 63  H HB13 . AIB A 1 4  ? 7.68107   4.78077   1.99136   1.000 6.10000  ? 4   AIB A HB13 1 
HETATM 64  H HB21 . AIB A 1 4  ? 8.47018   3.79382   4.96231   1.000 6.53000  ? 4   AIB A HB21 1 
HETATM 65  H HB22 . AIB A 1 4  ? 9.21326   5.07705   3.89229   1.000 6.53000  ? 4   AIB A HB22 1 
HETATM 66  H HB23 . AIB A 1 4  ? 8.57328   5.52311   5.54555   1.000 6.53000  ? 4   AIB A HB23 1 
ATOM   67  N N    . ALA A 1 5  ? 5.81168   5.31461   6.12952   1.000 3.60570  ? 5   ALA A N    1 
ATOM   68  C CA   . ALA A 1 5  ? 4.87201   4.88533   7.16555   1.000 3.74519  ? 5   ALA A CA   1 
ATOM   69  C C    . ALA A 1 5  ? 3.43165   4.91342   6.66970   1.000 3.60043  ? 5   ALA A C    1 
ATOM   70  O O    . ALA A 1 5  ? 2.66829   4.00548   6.94928   1.000 3.56622  ? 5   ALA A O    1 
ATOM   71  C CB   . ALA A 1 5  ? 5.01588   5.75298   8.39668   1.000 4.33473  ? 5   ALA A CB   1 
ATOM   72  H H    . ALA A 1 5  ? 6.19630   6.06760   6.28828   1.000 4.49000  ? 5   ALA A H    1 
ATOM   73  H HA   . ALA A 1 5  ? 5.08253   3.96973   7.40589   1.000 4.66000  ? 5   ALA A HA   1 
ATOM   74  H HB1  . ALA A 1 5  ? 4.42913   5.41449   9.09080   1.000 5.36000  ? 5   ALA A HB1  1 
ATOM   75  H HB2  . ALA A 1 5  ? 5.93710   5.72216   8.69812   1.000 5.36000  ? 5   ALA A HB2  1 
ATOM   76  H HB3  . ALA A 1 5  ? 4.77098   6.66336   8.17093   1.000 5.36000  ? 5   ALA A HB3  1 
HETATM 77  N N    . AIB A 1 6  ? 3.07877   5.94464   5.91138   1.000 3.65833  ? 6   AIB A N    1 
HETATM 78  C CA   . AIB A 1 6  ? 1.76843   6.06674   5.31851   1.000 3.91889  ? 6   AIB A CA   1 
HETATM 79  C C    . AIB A 1 6  ? 1.44247   4.79082   4.52467   1.000 3.21881  ? 6   AIB A C    1 
HETATM 80  O O    . AIB A 1 6  ? 0.37525   4.20474   4.59949   1.000 3.68728  ? 6   AIB A O    1 
HETATM 81  C CB1  . AIB A 1 6  ? 0.63794   6.30491   6.32766   1.000 3.56885  ? 6   AIB A CB1  1 
HETATM 82  C CB2  . AIB A 1 6  ? 1.75465   7.24542   4.33044   1.000 4.07944  ? 6   AIB A CB2  1 
HETATM 83  H H    . AIB A 1 6  ? 3.72827   6.51545   5.40781   1.000 4.55000  ? 6   AIB A H    1 
HETATM 84  H HB11 . AIB A 1 6  ? -0.34355  6.31396   5.79783   1.000 4.44000  ? 6   AIB A HB11 1 
HETATM 85  H HB12 . AIB A 1 6  ? 0.63720   5.48929   7.08910   1.000 4.44000  ? 6   AIB A HB12 1 
HETATM 86  H HB13 . AIB A 1 6  ? 0.78974   7.28508   6.83911   1.000 4.44000  ? 6   AIB A HB13 1 
HETATM 87  H HB21 . AIB A 1 6  ? 0.72101   7.37137   3.92744   1.000 5.05000  ? 6   AIB A HB21 1 
HETATM 88  H HB22 . AIB A 1 6  ? 2.06996   8.17373   4.86560   1.000 5.05000  ? 6   AIB A HB22 1 
HETATM 89  H HB23 . AIB A 1 6  ? 2.46406   7.02872   3.49536   1.000 5.05000  ? 6   AIB A HB23 1 
ATOM   90  N N    . LEU A 1 7  ? 2.42818   4.35388   3.73338   1.000 3.30303  ? 7   LEU A N    1 
ATOM   91  C CA   . LEU A 1 7  ? 2.26083   3.17100   2.88707   1.000 3.51358  ? 7   LEU A CA   1 
ATOM   92  C C    . LEU A 1 7  ? 2.13473   1.89609   3.71257   1.000 2.96615  ? 7   LEU A C    1 
ATOM   93  O O    . LEU A 1 7  ? 1.25366   1.08859   3.45093   1.000 3.07142  ? 7   LEU A O    1 
ATOM   94  C CB   . LEU A 1 7  ? 3.42783   3.04570   1.90122   1.000 4.05049  ? 7   LEU A CB   1 
ATOM   95  C CG   . LEU A 1 7  ? 3.34710   1.85181   0.94443   1.000 4.24261  ? 7   LEU A CG   1 
ATOM   96  C CD1  . LEU A 1 7  ? 2.11729   1.93209   0.03784   1.000 4.48738  ? 7   LEU A CD1  1 
ATOM   97  C CD2  . LEU A 1 7  ? 4.62429   1.73522   0.14298   1.000 4.86637  ? 7   LEU A CD2  1 
ATOM   98  H H    . LEU A 1 7  ? 3.20081   4.72559   3.66964   1.000 4.13000  ? 7   LEU A H    1 
ATOM   99  H HA   . LEU A 1 7  ? 1.44054   3.27265   2.37975   1.000 4.37000  ? 7   LEU A HA   1 
ATOM   100 H HB2  . LEU A 1 7  ? 3.45849   3.85038   1.35994   1.000 5.02000  ? 7   LEU A HB2  1 
ATOM   101 H HB3  . LEU A 1 7  ? 4.24977   2.95674   2.40915   1.000 5.02000  ? 7   LEU A HB3  1 
ATOM   102 H HG   . LEU A 1 7  ? 3.24691   1.04050   1.46696   1.000 5.25000  ? 7   LEU A HG   1 
ATOM   103 H HD11 . LEU A 1 7  ? 2.14134   1.19636   -0.59321  1.000 5.55000  ? 7   LEU A HD11 1 
ATOM   104 H HD12 . LEU A 1 7  ? 1.31797   1.87408   0.58416   1.000 5.55000  ? 7   LEU A HD12 1 
ATOM   105 H HD13 . LEU A 1 7  ? 2.13099   2.77656   -0.43864  1.000 5.55000  ? 7   LEU A HD13 1 
ATOM   106 H HD21 . LEU A 1 7  ? 4.56197   0.96318   -0.44030  1.000 6.00000  ? 7   LEU A HD21 1 
ATOM   107 H HD22 . LEU A 1 7  ? 4.73845   2.54060   -0.38574  1.000 6.00000  ? 7   LEU A HD22 1 
ATOM   108 H HD23 . LEU A 1 7  ? 5.37111   1.63082   0.75261   1.000 6.00000  ? 7   LEU A HD23 1 
HETATM 109 N N    . AIB A 1 8  ? 3.05103   1.69129   4.65242   1.000 3.30829  ? 8   AIB A N    1 
HETATM 110 C CA   . AIB A 1 8  ? 2.95874   0.57474   5.54934   1.000 3.31882  ? 8   AIB A CA   1 
HETATM 111 C C    . AIB A 1 8  ? 1.53880   0.39859   6.11115   1.000 3.33724  ? 8   AIB A C    1 
HETATM 112 O O    . AIB A 1 8  ? 0.92161   -0.66772  6.08089   1.000 3.67939  ? 8   AIB A O    1 
HETATM 113 C CB1  . AIB A 1 8  ? 3.32084   -0.73610  4.82303   1.000 4.06628  ? 8   AIB A CB1  1 
HETATM 114 C CB2  . AIB A 1 8  ? 3.92081   0.77132   6.73833   1.000 3.63728  ? 8   AIB A CB2  1 
HETATM 115 H H    . AIB A 1 8  ? 3.99050   2.03466   4.61288   1.000 4.13000  ? 8   AIB A H    1 
HETATM 116 H HB11 . AIB A 1 8  ? 3.27867   -1.58830  5.54190   1.000 5.04000  ? 8   AIB A HB11 1 
HETATM 117 H HB12 . AIB A 1 8  ? 2.59795   -0.91863  3.99310   1.000 5.04000  ? 8   AIB A HB12 1 
HETATM 118 H HB13 . AIB A 1 8  ? 4.35223   -0.66066  4.40299   1.000 5.04000  ? 8   AIB A HB13 1 
HETATM 119 H HB21 . AIB A 1 8  ? 3.81129   -0.08891  7.44209   1.000 4.52000  ? 8   AIB A HB21 1 
HETATM 120 H HB22 . AIB A 1 8  ? 4.96930   0.81866   6.35486   1.000 4.52000  ? 8   AIB A HB22 1 
HETATM 121 H HB23 . AIB A 1 8  ? 3.66434   1.72472   7.26021   1.000 4.52000  ? 8   AIB A HB23 1 
ATOM   122 N N    . ALA A 1 9  ? 1.00329   1.50551   6.59757   1.000 3.12932  ? 9   ALA A N    1 
ATOM   123 C CA   . ALA A 1 9  ? -0.33580  1.50017   7.21202   1.000 3.68992  ? 9   ALA A CA   1 
ATOM   124 C C    . ALA A 1 9  ? -1.43891  1.27141   6.17280   1.000 3.45568  ? 9   ALA A C    1 
ATOM   125 O O    . ALA A 1 9  ? -2.34327  0.47720   6.40891   1.000 3.37146  ? 9   ALA A O    1 
ATOM   126 C CB   . ALA A 1 9  ? -0.59766  2.80678   7.90947   1.000 3.93205  ? 9   ALA A CB   1 
ATOM   127 H H    . ALA A 1 9  ? 1.38565   2.27593   6.58907   1.000 3.91000  ? 9   ALA A H    1 
ATOM   128 H HA   . ALA A 1 9  ? -0.36128  0.77627   7.85685   1.000 4.59000  ? 9   ALA A HA   1 
ATOM   129 H HB1  . ALA A 1 9  ? -1.46767  2.76647   8.33695   1.000 4.88000  ? 9   ALA A HB1  1 
ATOM   130 H HB2  . ALA A 1 9  ? 0.09167   2.95215   8.57578   1.000 4.88000  ? 9   ALA A HB2  1 
ATOM   131 H HB3  . ALA A 1 9  ? -0.58326  3.52232   7.25541   1.000 4.88000  ? 9   ALA A HB3  1 
HETATM 132 N N    . AIB A 1 10 ? -1.32329  1.92271   5.03072   1.000 3.08195  ? 10  AIB A N    1 
HETATM 133 C CA   . AIB A 1 10 ? -2.34284  1.85493   3.99822   1.000 3.30303  ? 10  AIB A CA   1 
HETATM 134 C C    . AIB A 1 10 ? -2.50455  0.36905   3.60794   1.000 3.47147  ? 10  AIB A C    1 
HETATM 135 O O    . AIB A 1 10 ? -3.59990  -0.19151  3.46932   1.000 3.64517  ? 10  AIB A O    1 
HETATM 136 C CB1  . AIB A 1 10 ? -3.70404  2.38107   4.48481   1.000 3.41094  ? 10  AIB A CB1  1 
HETATM 137 C CB2  . AIB A 1 10 ? -1.87199  2.60473   2.76234   1.000 3.73729  ? 10  AIB A CB2  1 
HETATM 138 H H    . AIB A 1 10 ? -0.45159  2.21143   4.63301   1.000 3.86000  ? 10  AIB A H    1 
HETATM 139 H HB11 . AIB A 1 10 ? -3.58676  3.41665   4.88412   1.000 4.25000  ? 10  AIB A HB11 1 
HETATM 140 H HB12 . AIB A 1 10 ? -4.42739  2.39442   3.63508   1.000 4.25000  ? 10  AIB A HB12 1 
HETATM 141 H HB13 . AIB A 1 10 ? -4.09712  1.71844   5.29216   1.000 4.25000  ? 10  AIB A HB13 1 
HETATM 142 H HB21 . AIB A 1 10 ? -1.75208  3.68680   3.01633   1.000 4.64000  ? 10  AIB A HB21 1 
HETATM 143 H HB22 . AIB A 1 10 ? -0.89295  2.18267   2.42994   1.000 4.64000  ? 10  AIB A HB22 1 
HETATM 144 H HB23 . AIB A 1 10 ? -2.63115  2.48698   1.95201   1.000 4.64000  ? 10  AIB A HB23 1 
ATOM   145 N N    . LEU A 1 11 ? -1.35290  -0.28777  3.40657   1.000 3.63201  ? 11  LEU A N    1 
ATOM   146 C CA   . LEU A 1 11 ? -1.33347  -1.69222  3.02704   1.000 3.38725  ? 11  LEU A CA   1 
ATOM   147 C C    . LEU A 1 11 ? -1.89122  -2.58154  4.11961   1.000 3.68202  ? 11  LEU A C    1 
ATOM   148 O O    . LEU A 1 11 ? -2.68275  -3.48509  3.84623   1.000 3.64517  ? 11  LEU A O    1 
ATOM   149 C CB   . LEU A 1 11 ? 0.08460   -2.15199  2.64993   1.000 3.01089  ? 11  LEU A CB   1 
ATOM   150 C CG   . LEU A 1 11 ? 0.65871   -1.47325  1.41580   1.000 3.72939  ? 11  LEU A CG   1 
ATOM   151 C CD1  . LEU A 1 11 ? 2.09720   -1.96050  1.17214   1.000 4.53212  ? 11  LEU A CD1  1 
ATOM   152 C CD2  . LEU A 1 11 ? -0.20592  -1.73255  0.18262   1.000 4.26630  ? 11  LEU A CD2  1 
ATOM   153 H H    . LEU A 1 11 ? -0.57276  0.06506   3.48669   1.000 4.52000  ? 11  LEU A H    1 
ATOM   154 H HA   . LEU A 1 11 ? -1.89798  -1.79306  2.24450   1.000 4.23000  ? 11  LEU A HA   1 
ATOM   155 H HB2  . LEU A 1 11 ? 0.67815   -1.96207  3.39301   1.000 3.77000  ? 11  LEU A HB2  1 
ATOM   156 H HB3  . LEU A 1 11 ? 0.06285   -3.10679  2.47799   1.000 3.77000  ? 11  LEU A HB3  1 
ATOM   157 H HG   . LEU A 1 11 ? 0.67060   -0.51533  1.56577   1.000 4.63000  ? 11  LEU A HG   1 
ATOM   158 H HD11 . LEU A 1 11 ? 2.46638   -1.48448  0.41195   1.000 5.60000  ? 11  LEU A HD11 1 
ATOM   159 H HD12 . LEU A 1 11 ? 2.62874   -1.78405  1.96332   1.000 5.60000  ? 11  LEU A HD12 1 
ATOM   160 H HD13 . LEU A 1 11 ? 2.08105   -2.91333  0.98996   1.000 5.60000  ? 11  LEU A HD13 1 
ATOM   161 H HD21 . LEU A 1 11 ? 0.25361   -1.39498  -0.60171  1.000 5.28000  ? 11  LEU A HD21 1 
ATOM   162 H HD22 . LEU A 1 11 ? -0.35295  -2.68673  0.09412   1.000 5.28000  ? 11  LEU A HD22 1 
ATOM   163 H HD23 . LEU A 1 11 ? -1.05557  -1.27589  0.29038   1.000 5.28000  ? 11  LEU A HD23 1 
HETATM 164 N N    . AIB A 1 12 ? -1.51020  -2.30609  5.36311   1.000 3.30829  ? 12  AIB A N    1 
HETATM 165 C CA   . AIB A 1 12 ? -1.96839  -3.07208  6.48773   1.000 3.13195  ? 12  AIB A CA   1 
HETATM 166 C C    . AIB A 1 12 ? -3.52039  -3.10588  6.50502   1.000 3.64254  ? 12  AIB A C    1 
HETATM 167 O O    . AIB A 1 12 ? -4.16378  -4.12731  6.71191   1.000 4.38210  ? 12  AIB A O    1 
HETATM 168 C CB1  . AIB A 1 12 ? -1.50141  -4.52925  6.44327   1.000 3.65044  ? 12  AIB A CB1  1 
HETATM 169 C CB2  . AIB A 1 12 ? -1.48192  -2.42567  7.79791   1.000 3.14775  ? 12  AIB A CB2  1 
HETATM 170 H H    . AIB A 1 12 ? -1.19196  -1.40716  5.66722   1.000 4.13000  ? 12  AIB A H    1 
HETATM 171 H HB11 . AIB A 1 12 ? -1.92350  -5.08671  7.31263   1.000 4.54000  ? 12  AIB A HB11 1 
HETATM 172 H HB12 . AIB A 1 12 ? -1.84823  -5.00683  5.49625   1.000 4.54000  ? 12  AIB A HB12 1 
HETATM 173 H HB13 . AIB A 1 12 ? -0.38660  -4.56850  6.48730   1.000 4.54000  ? 12  AIB A HB13 1 
HETATM 174 H HB21 . AIB A 1 12 ? -1.92060  -1.40271  7.88448   1.000 3.93000  ? 12  AIB A HB21 1 
HETATM 175 H HB22 . AIB A 1 12 ? -1.81206  -3.05493  8.65956   1.000 3.93000  ? 12  AIB A HB22 1 
HETATM 176 H HB23 . AIB A 1 12 ? -0.36632  -2.36082  7.77957   1.000 3.93000  ? 12  AIB A HB23 1 
ATOM   177 N N    . GLN A 1 13 ? -4.11489  -1.92746  6.26947   1.000 3.25302  ? 13  GLN A N    1 
ATOM   178 C CA   . GLN A 1 13 ? -5.56561  -1.84084  6.24984   1.000 3.76624  ? 13  GLN A CA   1 
ATOM   179 C C    . GLN A 1 13 ? -6.16796  -2.58832  5.06336   1.000 3.56885  ? 13  GLN A C    1 
ATOM   180 O O    . GLN A 1 13 ? -7.17323  -3.28753  5.21239   1.000 4.09786  ? 13  GLN A O    1 
ATOM   181 C CB   . GLN A 1 13 ? -6.02214  -0.37928  6.22348   1.000 3.97153  ? 13  GLN A CB   1 
ATOM   182 C CG   . GLN A 1 13 ? -5.57474  0.40466   7.44755   1.000 3.99522  ? 13  GLN A CG   1 
ATOM   183 C CD   . GLN A 1 13 ? -6.27500  1.72082   7.57317   1.000 5.33748  ? 13  GLN A CD   1 
ATOM   184 O OE1  . GLN A 1 13 ? -7.29461  1.97523   6.93179   1.000 6.89820  ? 13  GLN A OE1  1 
ATOM   185 N NE2  . GLN A 1 13 ? -5.71410  2.60093   8.39641   1.000 5.54014  ? 13  GLN A NE2  1 
ATOM   186 H H    . GLN A 1 13 ? -3.70236  -1.18716  6.12300   1.000 4.07000  ? 13  GLN A H    1 
ATOM   187 H HA   . GLN A 1 13 ? -5.90190  -2.25432  7.05997   1.000 4.68000  ? 13  GLN A HA   1 
ATOM   188 H HB2  . GLN A 1 13 ? -5.65048  0.05340   5.43970   1.000 4.92000  ? 13  GLN A HB2  1 
ATOM   189 H HB3  . GLN A 1 13 ? -6.99110  -0.35236  6.18941   1.000 4.92000  ? 13  GLN A HB3  1 
ATOM   190 H HG2  . GLN A 1 13 ? -5.76717  -0.11533  8.24470   1.000 4.95000  ? 13  GLN A HG2  1 
ATOM   191 H HG3  . GLN A 1 13 ? -4.62195  0.57478   7.38450   1.000 4.95000  ? 13  GLN A HG3  1 
ATOM   192 H HE21 . GLN A 1 13 ? -4.99381  2.39684   8.81861   1.000 6.81000  ? 13  GLN A HE21 1 
ATOM   193 H HE22 . GLN A 1 13 ? -6.07350  3.37483   8.50729   1.000 6.81000  ? 13  GLN A HE22 1 
HETATM 194 N N    . AIB A 1 14 ? -5.59085  -2.38459  3.88659   1.000 3.70834  ? 14  AIB A N    1 
HETATM 195 C CA   . AIB A 1 14 ? -6.04223  -3.01191  2.65219   1.000 4.03206  ? 14  AIB A CA   1 
HETATM 196 C C    . AIB A 1 14 ? -6.16326  -4.52779  2.74938   1.000 4.11365  ? 14  AIB A C    1 
HETATM 197 O O    . AIB A 1 14 ? -7.00696  -5.16597  2.11916   1.000 5.41381  ? 14  AIB A O    1 
HETATM 198 C CB1  . AIB A 1 14 ? -7.43652  -2.46229  2.25588   1.000 5.00060  ? 14  AIB A CB1  1 
HETATM 199 C CB2  . AIB A 1 14 ? -5.05179  -2.71593  1.52274   1.000 4.13997  ? 14  AIB A CB2  1 
HETATM 200 H H    . AIB A 1 14 ? -5.06116  -1.56504  3.66369   1.000 4.61000  ? 14  AIB A H    1 
HETATM 201 H HB11 . AIB A 1 14 ? -7.73199  -2.87060  1.26058   1.000 6.16000  ? 14  AIB A HB11 1 
HETATM 202 H HB12 . AIB A 1 14 ? -8.19207  -2.76791  3.01800   1.000 6.16000  ? 14  AIB A HB12 1 
HETATM 203 H HB13 . AIB A 1 14 ? -7.39927  -1.34884  2.20016   1.000 6.16000  ? 14  AIB A HB13 1 
HETATM 204 H HB21 . AIB A 1 14 ? -5.41840  -3.19407  0.58179   1.000 5.13000  ? 14  AIB A HB21 1 
HETATM 205 H HB22 . AIB A 1 14 ? -4.97918  -1.60968  1.38298   1.000 5.13000  ? 14  AIB A HB22 1 
HETATM 206 H HB23 . AIB A 1 14 ? -4.05209  -3.13117  1.79644   1.000 5.13000  ? 14  AIB A HB23 1 
ATOM   207 N N    . LEU A 1 15 ? -5.28999  -5.13368  3.54869   1.000 3.87678  ? 15  LEU A N    1 
ATOM   208 C CA   . LEU A 1 15 ? -5.28518  -6.58370  3.69393   1.000 4.41895  ? 15  LEU A CA   1 
ATOM   209 C C    . LEU A 1 15 ? -6.53500  -7.07532  4.41970   1.000 5.13483  ? 15  LEU A C    1 
ATOM   210 O O    . LEU A 1 15 ? -6.90272  -8.24224  4.33843   1.000 6.20601  ? 15  LEU A O    1 
ATOM   211 C CB   . LEU A 1 15 ? -4.04839  -7.05161  4.44145   1.000 4.34526  ? 15  LEU A CB   1 
ATOM   212 C CG   . LEU A 1 15 ? -2.74080  -6.99966  3.64997   1.000 4.33473  ? 15  LEU A CG   1 
ATOM   213 C CD1  . LEU A 1 15 ? -1.62938  -7.61661  4.49527   1.000 4.22682  ? 15  LEU A CD1  1 
ATOM   214 C CD2  . LEU A 1 15 ? -2.81083  -7.67839  2.28318   1.000 4.74531  ? 15  LEU A CD2  1 
ATOM   215 H H    . LEU A 1 15 ? -4.69136  -4.72790  4.01392   1.000 4.81000  ? 15  LEU A H    1 
ATOM   216 H HA   . LEU A 1 15 ? -5.27299  -6.97764  2.80840   1.000 5.46000  ? 15  LEU A HA   1 
ATOM   217 H HB2  . LEU A 1 15 ? -3.93497  -6.48932  5.22387   1.000 5.37000  ? 15  LEU A HB2  1 
ATOM   218 H HB3  . LEU A 1 15 ? -4.18604  -7.97275  4.71177   1.000 5.37000  ? 15  LEU A HB3  1 
ATOM   219 H HG   . LEU A 1 15 ? -2.54973  -6.06759  3.45784   1.000 5.36000  ? 15  LEU A HG   1 
ATOM   220 H HD11 . LEU A 1 15 ? -0.77990  -7.48227  4.04653   1.000 5.23000  ? 15  LEU A HD11 1 
ATOM   221 H HD12 . LEU A 1 15 ? -1.61723  -7.18469  5.36448   1.000 5.23000  ? 15  LEU A HD12 1 
ATOM   222 H HD13 . LEU A 1 15 ? -1.80194  -8.56475  4.60065   1.000 5.23000  ? 15  LEU A HD13 1 
ATOM   223 H HD21 . LEU A 1 15 ? -1.91003  -7.79813  1.94411   1.000 5.85000  ? 15  LEU A HD21 1 
ATOM   224 H HD22 . LEU A 1 15 ? -3.24547  -8.54056  2.38065   1.000 5.85000  ? 15  LEU A HD22 1 
ATOM   225 H HD23 . LEU A 1 15 ? -3.32073  -7.11808  1.67723   1.000 5.85000  ? 15  LEU A HD23 1 
HETATM 226 C C11  A I77 A 1 16 ? -10.77579 -6.94373  7.45725   0.690 11.46190 ? 16  I77 A C11  1 
HETATM 227 C C11  B I77 A 1 16 ? -10.32839 -7.31057  8.56580   0.270 6.44288  ? 16  I77 A C11  1 
HETATM 228 C C12  A I77 A 1 16 ? -10.83613 -6.60118  6.11487   0.690 10.56706 ? 16  I77 A C12  1 
HETATM 229 C C12  B I77 A 1 16 ? -10.00907 -6.90625  7.28398   0.270 6.45867  ? 16  I77 A C12  1 
HETATM 230 C C13  A I77 A 1 16 ? -9.57566  -6.36608  5.30395   0.690 9.28006  ? 16  I77 A C13  1 
HETATM 231 C C13  B I77 A 1 16 ? -8.53378  -6.83092  6.87680   0.270 6.34813  ? 16  I77 A C13  1 
HETATM 232 C C17  A I77 A 1 16 ? -12.05100 -6.39785  5.48607   0.690 11.28556 ? 16  I77 A C17  1 
HETATM 233 C C17  B I77 A 1 16 ? -11.02981 -6.56627  6.39237   0.270 7.03242  ? 16  I77 A C17  1 
HETATM 234 C C18  A I77 A 1 16 ? -13.18516 -6.58032  6.23119   0.690 11.90932 ? 16  I77 A C18  1 
HETATM 235 C C18  B I77 A 1 16 ? -12.33833 -6.65409  6.83535   0.270 7.15086  ? 16  I77 A C18  1 
HETATM 236 C C02  A I77 A 1 16 ? -17.86923 -7.57352  10.57648  0.690 14.74914 ? 16  I77 A C02  1 
HETATM 237 C C02  B I77 A 1 16 ? -18.10299 -7.31178  9.85557   0.270 7.97990  ? 16  I77 A C02  1 
HETATM 238 C C03  A I77 A 1 16 ? -16.53868 -7.42734  9.80591   0.690 14.26487 ? 16  I77 A C03  1 
HETATM 239 C C03  B I77 A 1 16 ? -16.61312 -7.27325  9.43326   0.270 7.43773  ? 16  I77 A C03  1 
HETATM 240 C C04  A I77 A 1 16 ? -15.32838 -7.73103  10.41915  0.690 13.92009 ? 16  I77 A C04  1 
HETATM 241 C C04  B I77 A 1 16 ? -15.63481 -7.82054  10.25183  0.270 7.63776  ? 16  I77 A C04  1 
HETATM 242 C C05  A I77 A 1 16 ? -14.18186 -7.56754  9.66815   0.690 13.53583 ? 16  I77 A C05  1 
HETATM 243 C C05  B I77 A 1 16 ? -14.31723 -7.75039  9.82407   0.270 7.62723  ? 16  I77 A C05  1 
HETATM 244 C C06  A I77 A 1 16 ? -16.57705 -6.96725  8.50439   0.690 13.81481 ? 16  I77 A C06  1 
HETATM 245 C C06  B I77 A 1 16 ? -16.25541 -6.68193  8.23497   0.270 6.85872  ? 16  I77 A C06  1 
HETATM 246 C C08  A I77 A 1 16 ? -14.30168 -7.12267  8.37193   0.690 13.19106 ? 16  I77 A C08  1 
HETATM 247 C C08  B I77 A 1 16 ? -14.02423 -7.15196  8.61327   0.270 7.07190  ? 16  I77 A C08  1 
HETATM 248 C C09  A I77 A 1 16 ? -13.05672 -6.93837  7.56113   0.690 12.47781 ? 16  I77 A C09  1 
HETATM 249 C C09  B I77 A 1 16 ? -12.58651 -7.06993  8.13841   0.270 6.94557  ? 16  I77 A C09  1 
HETATM 250 N N01  A I77 A 1 16 ? -19.16283 -7.51177  9.89460   0.690 15.51765 ? 16  I77 A N01  1 
HETATM 251 N N01  B I77 A 1 16 ? -19.12040 -6.81879  8.93036   0.270 8.26152  ? 16  I77 A N01  1 
HETATM 252 N N07  A I77 A 1 16 ? -15.46007 -6.83154  7.83094   0.690 13.64900 ? 16  I77 A N07  1 
HETATM 253 N N07  B I77 A 1 16 ? -14.98688 -6.64208  7.86854   0.270 6.59553  ? 16  I77 A N07  1 
HETATM 254 N N10  A I77 A 1 16 ? -11.88553 -7.10927  8.14123   0.690 12.07513 ? 16  I77 A N10  1 
HETATM 255 N N10  B I77 A 1 16 ? -11.58646 -7.37714  8.95136   0.270 6.76397  ? 16  I77 A N10  1 
HETATM 256 N N14  A I77 A 1 16 ? -8.31707  -6.43058  6.01324   0.690 5.81122  ? 16  I77 A N14  1 
HETATM 257 N N14  B I77 A 1 16 ? -8.14594  -6.07765  5.67515   0.270 6.72449  ? 16  I77 A N14  1 
HETATM 258 N N15  A I77 A 1 16 ? -7.14066  -6.15680  5.29452   0.690 4.54265  ? 16  I77 A N15  1 
HETATM 259 N N15  B I77 A 1 16 ? -6.77688  -5.99584  5.29907   0.270 6.13495  ? 16  I77 A N15  1 
HETATM 260 O O16  A I77 A 1 16 ? -9.62924  -6.10147  4.14894   0.690 11.18555 ? 16  I77 A O16  1 
HETATM 261 O O16  B I77 A 1 16 ? -7.71121  -7.36283  7.54620   0.270 6.46656  ? 16  I77 A O16  1 
HETATM 262 O O19  A I77 A 1 16 ? -17.84634 -7.73140  11.74580  0.690 13.89377 ? 16  I77 A O19  1 
HETATM 263 O O19  B I77 A 1 16 ? -18.42041 -7.72760  10.92093  0.270 8.48786  ? 16  I77 A O19  1 
HETATM 264 H H111 A I77 A 1 16 ? -9.81932  -7.07546  7.94003   0.690 13.91000 ? 16  I77 A H111 1 
HETATM 265 H H111 B I77 A 1 16 ? -9.54207  -7.57314  9.25665   0.270 7.89000  ? 16  I77 A H111 1 
HETATM 266 H H171 A I77 A 1 16 ? -12.10379 -6.10404  4.43713   0.690 13.70000 ? 16  I77 A H171 1 
HETATM 267 H H171 B I77 A 1 16 ? -10.80208 -6.24146  5.37711   0.270 8.60000  ? 16  I77 A H171 1 
HETATM 268 H H181 A I77 A 1 16 ? -14.16847 -6.44622  5.78499   0.690 14.45000 ? 16  I77 A H181 1 
HETATM 269 H H181 B I77 A 1 16 ? -13.16247 -6.40161  6.17131   0.270 8.74000  ? 16  I77 A H181 1 
HETATM 270 H H041 A I77 A 1 16 ? -15.28718 -8.07756  11.43501  0.690 16.86000 ? 16  I77 A H041 1 
HETATM 271 H H041 B I77 A 1 16 ? -15.89023 -8.28408  11.18698  0.270 9.32000  ? 16  I77 A H041 1 
HETATM 272 H H051 A I77 A 1 16 ? -13.20795 -7.78454  10.08974  0.690 16.40000 ? 16  I77 A H051 1 
HETATM 273 H H051 B I77 A 1 16 ? -13.52327 -8.16271  10.43423  0.270 9.31000  ? 16  I77 A H051 1 
HETATM 274 H H061 A I77 A 1 16 ? -17.52217 -6.71951  8.04408   0.690 16.74000 ? 16  I77 A H061 1 
HETATM 275 H H061 B I77 A 1 16 ? -17.01478 -6.25294  7.59751   0.270 8.39000  ? 16  I77 A H061 1 
HETATM 276 H H011 A I77 A 1 16 ? -19.23191 -7.37381  8.90778   0.690 18.78000 ? 16  I77 A H011 1 
HETATM 277 H H011 B I77 A 1 16 ? -18.85036 -6.46198  8.03756   0.270 10.07000 ? 16  I77 A H011 1 
HETATM 278 H H012 A I77 A 1 16 ? -19.99887 -7.60483  10.44928  0.690 18.78000 ? 16  I77 A H012 1 
HETATM 279 H H012 B I77 A 1 16 ? -20.09104 -6.83177  9.19147   0.270 10.07000 ? 16  I77 A H012 1 
HETATM 280 H H141 A I77 A 1 16 ? -8.28453  -6.66350  6.99133   0.690 7.13000  ? 16  I77 A H141 1 
HETATM 281 H H141 B I77 A 1 16 ? -8.84830  -5.61884  5.11991   0.270 8.23000  ? 16  I77 A H141 1 
HETATM 282 H H1   A I77 A 1 16 ? -6.40616  -5.88001  5.93189   0.690 5.61000  ? 16  I77 A H1   1 
HETATM 283 H H1   B I77 A 1 16 ? -6.21319  -5.85077  6.12484   0.270 7.52000  ? 16  I77 A H1   1 
HETATM 284 C C05  . I6W B 1 1  ? -11.31451 4.58649   -3.55755  1.000 6.24549  ? 1   I6W B C05  1 
HETATM 285 C C08  . I6W B 1 1  ? -12.16750 4.88586   -2.54788  1.000 6.23496  ? 1   I6W B C08  1 
HETATM 286 C C09  . I6W B 1 1  ? -13.62246 5.05561   -2.90997  1.000 6.60606  ? 1   I6W B C09  1 
HETATM 287 N N10  . I6W B 1 1  ? -13.93362 5.40520   -4.14664  1.000 6.95610  ? 1   I6W B N10  1 
HETATM 288 C C02  . I6W B 1 1  ? -8.08376  4.42077   -1.68081  1.000 5.14009  ? 1   I6W B C02  1 
HETATM 289 C C03  . I6W B 1 1  ? -9.57137  4.60429   -1.96178  1.000 5.98756  ? 1   I6W B C03  1 
HETATM 290 C C04  . I6W B 1 1  ? -9.96275  4.43557   -3.26934  1.000 6.54026  ? 1   I6W B C04  1 
HETATM 291 C C06  . I6W B 1 1  ? -10.47814 4.90511   -0.97165  1.000 6.57447  ? 1   I6W B C06  1 
HETATM 292 C C11  . I6W B 1 1  ? -15.17151 5.56275   -4.52352  1.000 7.52459  ? 1   I6W B C11  1 
HETATM 293 C C12  . I6W B 1 1  ? -16.18135 5.37226   -3.60552  1.000 7.56670  ? 1   I6W B C12  1 
HETATM 294 C C13  . I6W B 1 1  ? -17.64910 5.57091   -4.05246  1.000 8.12203  ? 1   I6W B C13  1 
HETATM 295 C C15  . I6W B 1 1  ? -19.93683 5.36209   -3.66141  1.000 9.70643  ? 1   I6W B C15  1 
HETATM 296 C C16  . I6W B 1 1  ? -20.89694 4.95145   -2.53431  1.000 10.42757 ? 1   I6W B C16  1 
HETATM 297 C C18  . I6W B 1 1  ? -15.90660 5.00781   -2.30527  1.000 7.05348  ? 1   I6W B C18  1 
HETATM 298 C C19  . I6W B 1 1  ? -14.57193 4.85087   -1.93691  1.000 6.73239  ? 1   I6W B C19  1 
HETATM 299 N N07  . I6W B 1 1  ? -11.75611 5.03691   -1.28475  1.000 7.03505  ? 1   I6W B N07  1 
HETATM 300 O O01  . I6W B 1 1  ? -7.42136  3.72412   -2.37429  1.000 4.84532  ? 1   I6W B O01  1 
HETATM 301 O O14  . I6W B 1 1  ? -18.63479 5.34430   -3.07449  1.000 9.14583  ? 1   I6W B O14  1 
HETATM 302 O O17  . I6W B 1 1  ? -17.93099 5.91136   -5.14458  1.000 9.18531  ? 1   I6W B O17  1 
HETATM 303 H H051 . I6W B 1 1  ? -11.67473 4.46865   -4.55619  1.000 7.65000  ? 1   I6W B H051 1 
HETATM 304 H H041 . I6W B 1 1  ? -9.22117  4.18658   -4.07019  1.000 8.01000  ? 1   I6W B H041 1 
HETATM 305 H H061 . I6W B 1 1  ? -10.14726 5.03207   0.05451   1.000 8.05000  ? 1   I6W B H061 1 
HETATM 306 H H111 . I6W B 1 1  ? -15.40028 5.83316   -5.52838  1.000 9.19000  ? 1   I6W B H111 1 
HETATM 307 H H152 . I6W B 1 1  ? -19.99125 4.65646   -4.48135  1.000 11.81000 ? 1   I6W B H152 1 
HETATM 308 H H151 . I6W B 1 1  ? -20.17572 6.35574   -4.01926  1.000 11.81000 ? 1   I6W B H151 1 
HETATM 309 H H162 . I6W B 1 1  ? -20.79875 5.66019   -1.69043  1.000 12.67000 ? 1   I6W B H162 1 
HETATM 310 H H163 . I6W B 1 1  ? -20.64673 3.93039   -2.19098  1.000 12.67000 ? 1   I6W B H163 1 
HETATM 311 H H161 . I6W B 1 1  ? -21.93650 4.96850   -2.91207  1.000 12.67000 ? 1   I6W B H161 1 
HETATM 312 H H181 . I6W B 1 1  ? -16.70892 4.84697   -1.58521  1.000 8.62000  ? 1   I6W B H181 1 
HETATM 313 H H191 . I6W B 1 1  ? -14.29266 4.57718   -0.92168  1.000 8.24000  ? 1   I6W B H191 1 
HETATM 314 N N    . AIB B 1 2  ? -7.67105  5.31023   -0.64705  1.000 5.45065  ? 2   AIB B N    1 
HETATM 315 C CA   . AIB B 1 2  ? -6.23601  5.29608   -0.46810  1.000 5.26379  ? 2   AIB B CA   1 
HETATM 316 C C    . AIB B 1 2  ? -5.61103  3.89011   -0.32765  1.000 4.05838  ? 2   AIB B C    1 
HETATM 317 O O    . AIB B 1 2  ? -4.60056  3.53157   -0.94303  1.000 4.83742  ? 2   AIB B O    1 
HETATM 318 C CB1  . AIB B 1 2  ? -5.54881  6.00243   -1.65034  1.000 5.42433  ? 2   AIB B CB1  1 
HETATM 319 C CB2  . AIB B 1 2  ? -5.88693  6.01549   0.83945   1.000 5.41907  ? 2   AIB B CB2  1 
HETATM 320 H H    . AIB B 1 2  ? -8.13113  5.31615   0.24215   1.000 6.70000  ? 2   AIB B H    1 
HETATM 321 H HB11 . AIB B 1 2  ? -4.44910  6.06082   -1.46725  1.000 6.67000  ? 2   AIB B HB11 1 
HETATM 322 H HB12 . AIB B 1 2  ? -5.73448  5.43140   -2.59096  1.000 6.67000  ? 2   AIB B HB12 1 
HETATM 323 H HB13 . AIB B 1 2  ? -5.95754  7.03582   -1.76108  1.000 6.67000  ? 2   AIB B HB13 1 
HETATM 324 H HB21 . AIB B 1 2  ? -4.88463  5.66910   1.18955   1.000 6.66000  ? 2   AIB B HB21 1 
HETATM 325 H HB22 . AIB B 1 2  ? -5.86577  7.11700   0.65503   1.000 6.66000  ? 2   AIB B HB22 1 
HETATM 326 H HB23 . AIB B 1 2  ? -6.66120  5.77400   1.60719   1.000 6.66000  ? 2   AIB B HB23 1 
ATOM   327 N N    . ALA B 1 3  ? -6.24293  3.08103   0.51166   1.000 4.43211  ? 3   ALA B N    1 
ATOM   328 C CA   . ALA B 1 3  ? -5.72066  1.75725   0.82140   1.000 4.41369  ? 3   ALA B CA   1 
ATOM   329 C C    . ALA B 1 3  ? -5.83326  0.80477   -0.35955  1.000 3.75571  ? 3   ALA B C    1 
ATOM   330 O O    . ALA B 1 3  ? -4.88360  0.09950   -0.68357  1.000 4.15839  ? 3   ALA B O    1 
ATOM   331 C CB   . ALA B 1 3  ? -6.45892  1.18608   2.03222   1.000 4.93480  ? 3   ALA B CB   1 
ATOM   332 H H    . ALA B 1 3  ? -6.97650  3.27539   0.91644   1.000 5.48000  ? 3   ALA B H    1 
ATOM   333 H HA   . ALA B 1 3  ? -4.77682  1.83771   1.03217   1.000 5.45000  ? 3   ALA B HA   1 
ATOM   334 H HB1  . ALA B 1 3  ? -7.38872  1.04236   1.79702   1.000 6.08000  ? 3   ALA B HB1  1 
ATOM   335 H HB2  . ALA B 1 3  ? -6.04796  0.34413   2.28474   1.000 6.08000  ? 3   ALA B HB2  1 
ATOM   336 H HB3  . ALA B 1 3  ? -6.39723  1.81697   2.76655   1.000 6.08000  ? 3   ALA B HB3  1 
HETATM 337 N N    . AIB B 1 4  ? -6.97981  0.81671   -1.02904  1.000 3.88468  ? 4   AIB B N    1 
HETATM 338 C CA   . AIB B 1 4  ? -7.23218  -0.05978  -2.16295  1.000 4.26893  ? 4   AIB B CA   1 
HETATM 339 C C    . AIB B 1 4  ? -6.14995  0.17437   -3.23810  1.000 3.70571  ? 4   AIB B C    1 
HETATM 340 O O    . AIB B 1 4  ? -5.55762  -0.73800  -3.82599  1.000 4.12418  ? 4   AIB B O    1 
HETATM 341 C CB1  . AIB B 1 4  ? -7.24009  -1.55092  -1.78271  1.000 4.52686  ? 4   AIB B CB1  1 
HETATM 342 C CB2  . AIB B 1 4  ? -8.55675  0.33671   -2.81727  1.000 5.01902  ? 4   AIB B CB2  1 
HETATM 343 H H    . AIB B 1 4  ? -7.59888  1.60235   -1.06505  1.000 4.82000  ? 4   AIB B H    1 
HETATM 344 H HB11 . AIB B 1 4  ? -7.33442  -2.17468  -2.70308  1.000 5.59000  ? 4   AIB B HB11 1 
HETATM 345 H HB12 . AIB B 1 4  ? -6.29038  -1.81118  -1.25764  1.000 5.59000  ? 4   AIB B HB12 1 
HETATM 346 H HB13 . AIB B 1 4  ? -8.10249  -1.76209  -1.10654  1.000 5.59000  ? 4   AIB B HB13 1 
HETATM 347 H HB21 . AIB B 1 4  ? -8.67135  -0.22246  -3.77693  1.000 6.18000  ? 4   AIB B HB21 1 
HETATM 348 H HB22 . AIB B 1 4  ? -9.39525  0.08008   -2.12565  1.000 6.18000  ? 4   AIB B HB22 1 
HETATM 349 H HB23 . AIB B 1 4  ? -8.55101  1.43508   -3.01619  1.000 6.18000  ? 4   AIB B HB23 1 
ATOM   350 N N    . ALA B 1 5  ? -5.90655  1.45690   -3.49929  1.000 4.01364  ? 5   ALA B N    1 
ATOM   351 C CA   . ALA B 1 5  ? -4.96612  1.85721   -4.53812  1.000 4.15839  ? 5   ALA B CA   1 
ATOM   352 C C    . ALA B 1 5  ? -3.53390  1.56722   -4.12544  1.000 3.78203  ? 5   ALA B C    1 
ATOM   353 O O    . ALA B 1 5  ? -2.72419  1.12714   -4.94321  1.000 3.80309  ? 5   ALA B O    1 
ATOM   354 C CB   . ALA B 1 5  ? -5.15186  3.32152   -4.89632  1.000 4.46632  ? 5   ALA B CB   1 
ATOM   355 H H    . ALA B 1 5  ? -6.27519  2.11527   -3.08708  1.000 4.98000  ? 5   ALA B H    1 
ATOM   356 H HA   . ALA B 1 5  ? -5.14655  1.33965   -5.33860  1.000 5.15000  ? 5   ALA B HA   1 
ATOM   357 H HB1  . ALA B 1 5  ? -4.48624  3.57226   -5.55542  1.000 5.52000  ? 5   ALA B HB1  1 
ATOM   358 H HB2  . ALA B 1 5  ? -6.04202  3.44749   -5.26075  1.000 5.52000  ? 5   ALA B HB2  1 
ATOM   359 H HB3  . ALA B 1 5  ? -5.04407  3.85828   -4.09571  1.000 5.52000  ? 5   ALA B HB3  1 
HETATM 360 N N    . AIB B 1 6  ? -3.20036  1.86992   -2.87120  1.000 3.84783  ? 6   AIB B N    1 
HETATM 361 C CA   . AIB B 1 6  ? -1.90828  1.50947   -2.31521  1.000 3.34251  ? 6   AIB B CA   1 
HETATM 362 C C    . AIB B 1 6  ? -1.55829  0.04724   -2.62189  1.000 3.55306  ? 6   AIB B C    1 
HETATM 363 O O    . AIB B 1 6  ? -0.48046  -0.31406  -3.08553  1.000 3.67412  ? 6   AIB B O    1 
HETATM 364 C CB1  . AIB B 1 6  ? -0.81750  2.43930   -2.89376  1.000 3.55569  ? 6   AIB B CB1  1 
HETATM 365 C CB2  . AIB B 1 6  ? -1.88776  1.66809   -0.79775  1.000 3.77414  ? 6   AIB B CB2  1 
HETATM 366 H H    . AIB B 1 6  ? -3.60676  2.61807   -2.34456  1.000 4.77000  ? 6   AIB B H    1 
HETATM 367 H HB11 . AIB B 1 6  ? -0.70652  2.25284   -3.98837  1.000 4.43000  ? 6   AIB B HB11 1 
HETATM 368 H HB12 . AIB B 1 6  ? -1.10564  3.50448   -2.73087  1.000 4.43000  ? 6   AIB B HB12 1 
HETATM 369 H HB13 . AIB B 1 6  ? 0.15583   2.23928   -2.38697  1.000 4.43000  ? 6   AIB B HB13 1 
HETATM 370 H HB21 . AIB B 1 6  ? -0.83398  1.59025   -0.43701  1.000 4.69000  ? 6   AIB B HB21 1 
HETATM 371 H HB22 . AIB B 1 6  ? -2.30849  2.66728   -0.52993  1.000 4.69000  ? 6   AIB B HB22 1 
HETATM 372 H HB23 . AIB B 1 6  ? -2.50673  0.85941   -0.33850  1.000 4.69000  ? 6   AIB B HB23 1 
ATOM   373 N N    . LEU B 1 7  ? -2.52411  -0.84362  -2.36392  1.000 3.72413  ? 7   LEU B N    1 
ATOM   374 C CA   . LEU B 1 7  ? -2.30567  -2.28648  -2.52037  1.000 3.35830  ? 7   LEU B CA   1 
ATOM   375 C C    . LEU B 1 7  ? -2.15028  -2.66093  -3.99844  1.000 3.35040  ? 7   LEU B C    1 
ATOM   376 O O    . LEU B 1 7  ? -1.26498  -3.41744  -4.37512  1.000 3.39251  ? 7   LEU B O    1 
ATOM   377 C CB   . LEU B 1 7  ? -3.44698  -3.09096  -1.87733  1.000 3.71624  ? 7   LEU B CB   1 
ATOM   378 C CG   . LEU B 1 7  ? -3.27744  -4.62182  -1.95963  1.000 4.21630  ? 7   LEU B CG   1 
ATOM   379 C CD1  . LEU B 1 7  ? -1.98465  -5.09397  -1.27550  1.000 4.58476  ? 7   LEU B CD1  1 
ATOM   380 C CD2  . LEU B 1 7  ? -4.49791  -5.32027  -1.37346  1.000 4.83742  ? 7   LEU B CD2  1 
ATOM   381 H H    . LEU B 1 7  ? -3.31586  -0.63593  -2.09640  1.000 4.63000  ? 7   LEU B H    1 
ATOM   382 H HA   . LEU B 1 7  ? -1.48683  -2.53130  -2.06170  1.000 4.19000  ? 7   LEU B HA   1 
ATOM   383 H HB2  . LEU B 1 7  ? -3.50083  -2.85180  -0.93886  1.000 4.62000  ? 7   LEU B HB2  1 
ATOM   384 H HB3  . LEU B 1 7  ? -4.27599  -2.86311  -2.32607  1.000 4.62000  ? 7   LEU B HB3  1 
ATOM   385 H HG   . LEU B 1 7  ? -3.20208  -4.87295  -2.89412  1.000 5.22000  ? 7   LEU B HG   1 
ATOM   386 H HD11 . LEU B 1 7  ? -1.97526  -6.06335  -1.25350  1.000 5.66000  ? 7   LEU B HD11 1 
ATOM   387 H HD12 . LEU B 1 7  ? -1.22385  -4.76563  -1.77837  1.000 5.66000  ? 7   LEU B HD12 1 
ATOM   388 H HD13 . LEU B 1 7  ? -1.95993  -4.74213  -0.37165  1.000 5.66000  ? 7   LEU B HD13 1 
ATOM   389 H HD21 . LEU B 1 7  ? -4.43383  -6.27180  -1.55022  1.000 5.96000  ? 7   LEU B HD21 1 
ATOM   390 H HD22 . LEU B 1 7  ? -4.52271  -5.16209  -0.41652  1.000 5.96000  ? 7   LEU B HD22 1 
ATOM   391 H HD23 . LEU B 1 7  ? -5.29765  -4.96003  -1.78874  1.000 5.96000  ? 7   LEU B HD23 1 
HETATM 392 N N    . AIB B 1 8  ? -3.06687  -2.18805  -4.83295  1.000 3.78203  ? 8   AIB B N    1 
HETATM 393 C CA   . AIB B 1 8  ? -2.96974  -2.37060  -6.26844  1.000 3.59254  ? 8   AIB B CA   1 
HETATM 394 C C    . AIB B 1 8  ? -1.54783  -2.08628  -6.79645  1.000 3.37935  ? 8   AIB B C    1 
HETATM 395 O O    . AIB B 1 8  ? -0.92790  -2.85636  -7.50714  1.000 3.38988  ? 8   AIB B O    1 
HETATM 396 C CB1  . AIB B 1 8  ? -3.31546  -3.83135  -6.63177  1.000 4.11628  ? 8   AIB B CB1  1 
HETATM 397 C CB2  . AIB B 1 8  ? -3.93263  -1.42666  -6.99641  1.000 4.01364  ? 8   AIB B CB2  1 
HETATM 398 H H    . AIB B 1 8  ? -4.01466  -1.99527  -4.57486  1.000 4.70000  ? 8   AIB B H    1 
HETATM 399 H HB11 . AIB B 1 8  ? -4.33514  -4.08129  -6.25395  1.000 5.10000  ? 8   AIB B HB11 1 
HETATM 400 H HB12 . AIB B 1 8  ? -3.29178  -3.95898  -7.74012  1.000 5.10000  ? 8   AIB B HB12 1 
HETATM 401 H HB13 . AIB B 1 8  ? -2.57136  -4.52051  -6.16680  1.000 5.10000  ? 8   AIB B HB13 1 
HETATM 402 H HB21 . AIB B 1 8  ? -3.74628  -1.49293  -8.09566  1.000 4.97000  ? 8   AIB B HB21 1 
HETATM 403 H HB22 . AIB B 1 8  ? -4.98291  -1.73238  -6.77029  1.000 4.97000  ? 8   AIB B HB22 1 
HETATM 404 H HB23 . AIB B 1 8  ? -3.75613  -0.38194  -6.64248  1.000 4.97000  ? 8   AIB B HB23 1 
ATOM   405 N N    . ALA B 1 9  ? -1.03730  -0.92988  -6.38499  1.000 2.91088  ? 9   ALA B N    1 
ATOM   406 C CA   . ALA B 1 9  ? 0.27489   -0.47194  -6.83973  1.000 3.47410  ? 9   ALA B CA   1 
ATOM   407 C C    . ALA B 1 9  ? 1.39673   -1.32976  -6.24763  1.000 2.99246  ? 9   ALA B C    1 
ATOM   408 O O    . ALA B 1 9  ? 2.33724   -1.70465  -6.96085  1.000 3.66623  ? 9   ALA B O    1 
ATOM   409 C CB   . ALA B 1 9  ? 0.48505   0.97981   -6.46724  1.000 3.96100  ? 9   ALA B CB   1 
ATOM   410 H H    . ALA B 1 9  ? -1.43001  -0.38969  -5.84282  1.000 3.65000  ? 9   ALA B H    1 
ATOM   411 H HA   . ALA B 1 9  ? 0.31103   -0.55013  -7.80556  1.000 4.33000  ? 9   ALA B HA   1 
ATOM   412 H HB1  . ALA B 1 9  ? 1.37107   1.25433   -6.75183  1.000 4.91000  ? 9   ALA B HB1  1 
ATOM   413 H HB2  . ALA B 1 9  ? -0.18690  1.52037   -6.91219  1.000 4.91000  ? 9   ALA B HB2  1 
ATOM   414 H HB3  . ALA B 1 9  ? 0.40223   1.07499   -5.50550  1.000 4.91000  ? 9   ALA B HB3  1 
HETATM 415 N N    . AIB B 1 10 ? 1.35381   -1.53958  -4.94083  1.000 3.45568  ? 10  AIB B N    1 
HETATM 416 C CA   . AIB B 1 10 ? 2.35301   -2.33683  -4.25369  1.000 3.87415  ? 10  AIB B CA   1 
HETATM 417 C C    . AIB B 1 10 ? 2.56586   -3.68263  -4.95460  1.000 3.63465  ? 10  AIB B C    1 
HETATM 418 O O    . AIB B 1 10 ? 3.66613   -4.15638  -5.24084  1.000 3.87941  ? 10  AIB B O    1 
HETATM 419 C CB1  . AIB B 1 10 ? 3.69688   -1.56320  -4.21486  1.000 4.06628  ? 10  AIB B CB1  1 
HETATM 420 C CB2  . AIB B 1 10 ? 1.91920   -2.62394  -2.82376  1.000 3.98732  ? 10  AIB B CB2  1 
HETATM 421 H H    . AIB B 1 10 ? 0.89096   -0.93717  -4.28926  1.000 4.31000  ? 10  AIB B H    1 
HETATM 422 H HB11 . AIB B 1 10 ? 4.47065   -2.17744  -3.69600  1.000 5.04000  ? 10  AIB B HB11 1 
HETATM 423 H HB12 . AIB B 1 10 ? 4.03703   -1.34666  -5.25632  1.000 5.04000  ? 10  AIB B HB12 1 
HETATM 424 H HB13 . AIB B 1 10 ? 3.56221   -0.60120  -3.66617  1.000 5.04000  ? 10  AIB B HB13 1 
HETATM 425 H HB21 . AIB B 1 10 ? 2.65276   -3.32286  -2.35353  1.000 4.95000  ? 10  AIB B HB21 1 
HETATM 426 H HB22 . AIB B 1 10 ? 1.88852   -1.66504  -2.25205  1.000 4.95000  ? 10  AIB B HB22 1 
HETATM 427 H HB23 . AIB B 1 10 ? 0.90450   -3.09077  -2.83679  1.000 4.95000  ? 10  AIB B HB23 1 
ATOM   428 N N    . LEU B 1 11 ? 1.44130   -4.31861  -5.27960  1.000 3.55043  ? 11  LEU B N    1 
ATOM   429 C CA   . LEU B 1 11 ? 1.45581   -5.61735  -5.94429  1.000 3.83730  ? 11  LEU B CA   1 
ATOM   430 C C    . LEU B 1 11 ? 2.01368   -5.50814  -7.35411  1.000 3.81888  ? 11  LEU B C    1 
ATOM   431 O O    . LEU B 1 11 ? 2.82151   -6.34153  -7.77893  1.000 4.27156  ? 11  LEU B O    1 
ATOM   432 C CB   . LEU B 1 11 ? 0.06778   -6.24367  -5.94687  1.000 3.48726  ? 11  LEU B CB   1 
ATOM   433 C CG   . LEU B 1 11 ? -0.46862  -6.64204  -4.56884  1.000 3.66623  ? 11  LEU B CG   1 
ATOM   434 C CD1  . LEU B 1 11 ? -1.91013  -7.12239  -4.63313  1.000 3.91889  ? 11  LEU B CD1  1 
ATOM   435 C CD2  . LEU B 1 11 ? 0.41351   -7.70220  -3.93120  1.000 4.47948  ? 11  LEU B CD2  1 
ATOM   436 H H    . LEU B 1 11 ? 0.65194   -4.01651  -5.12350  1.000 4.42000  ? 11  LEU B H    1 
ATOM   437 H HA   . LEU B 1 11 ? 2.03704   -6.21683  -5.45164  1.000 4.76000  ? 11  LEU B HA   1 
ATOM   438 H HB2  . LEU B 1 11 ? -0.55484  -5.60470  -6.32854  1.000 4.34000  ? 11  LEU B HB2  1 
ATOM   439 H HB3  . LEU B 1 11 ? 0.09577   -7.04570  -6.49124  1.000 4.34000  ? 11  LEU B HB3  1 
ATOM   440 H HG   . LEU B 1 11 ? -0.45570  -5.85022  -4.00778  1.000 4.56000  ? 11  LEU B HG   1 
ATOM   441 H HD11 . LEU B 1 11 ? -2.13255  -7.56877  -3.80030  1.000 4.86000  ? 11  LEU B HD11 1 
ATOM   442 H HD12 . LEU B 1 11 ? -2.49280  -6.35791  -4.76408  1.000 4.86000  ? 11  LEU B HD12 1 
ATOM   443 H HD13 . LEU B 1 11 ? -2.00443  -7.74147  -5.37422  1.000 4.86000  ? 11  LEU B HD13 1 
ATOM   444 H HD21 . LEU B 1 11 ? -0.03551  -8.05841  -3.14823  1.000 5.54000  ? 11  LEU B HD21 1 
ATOM   445 H HD22 . LEU B 1 11 ? 0.56951   -8.41178  -4.57419  1.000 5.54000  ? 11  LEU B HD22 1 
ATOM   446 H HD23 . LEU B 1 11 ? 1.25730   -7.29785  -3.67353  1.000 5.54000  ? 11  LEU B HD23 1 
HETATM 447 N N    . AIB B 1 12 ? 1.53310   -4.53090  -8.11700  1.000 4.24261  ? 12  AIB B N    1 
HETATM 448 C CA   . AIB B 1 12 ? 2.05823   -4.24675  -9.42648  1.000 3.68992  ? 12  AIB B CA   1 
HETATM 449 C C    . AIB B 1 12 ? 3.60286   -4.22443  -9.46407  1.000 4.10839  ? 12  AIB B C    1 
HETATM 450 O O    . AIB B 1 12 ? 4.29407   -4.80541  -10.29733 1.000 4.78215  ? 12  AIB B O    1 
HETATM 451 C CB1  . AIB B 1 12 ? 1.58203   -5.35178  -10.39575 1.000 3.81362  ? 12  AIB B CB1  1 
HETATM 452 C CB2  . AIB B 1 12 ? 1.57453   -2.88786  -9.95218  1.000 4.00048  ? 12  AIB B CB2  1 
HETATM 453 H H    . AIB B 1 12 ? 0.60698   -4.15802  -8.03434  1.000 5.25000  ? 12  AIB B H    1 
HETATM 454 H HB11 . AIB B 1 12 ? 1.99946   -6.33642  -10.07807 1.000 4.74000  ? 12  AIB B HB11 1 
HETATM 455 H HB12 . AIB B 1 12 ? 0.46771   -5.40401  -10.38756 1.000 4.74000  ? 12  AIB B HB12 1 
HETATM 456 H HB13 . AIB B 1 12 ? 1.93098   -5.12045  -11.43073 1.000 4.74000  ? 12  AIB B HB13 1 
HETATM 457 H HB21 . AIB B 1 12 ? 0.46029   -2.85028  -9.89365  1.000 4.96000  ? 12  AIB B HB21 1 
HETATM 458 H HB22 . AIB B 1 12 ? 2.01560   -2.07571  -9.32434  1.000 4.96000  ? 12  AIB B HB22 1 
HETATM 459 H HB23 . AIB B 1 12 ? 1.90387   -2.76817  -11.01292 1.000 4.96000  ? 12  AIB B HB23 1 
ATOM   460 N N    . GLN B 1 13 ? 4.14786   -3.50092  -8.48117  1.000 3.78466  ? 13  GLN B N    1 
ATOM   461 C CA   . GLN B 1 13 ? 5.59645   -3.39178  -8.35549  1.000 4.22156  ? 13  GLN B CA   1 
ATOM   462 C C    . GLN B 1 13 ? 6.24342   -4.72001  -7.97474  1.000 4.15839  ? 13  GLN B C    1 
ATOM   463 O O    . GLN B 1 13 ? 7.26771   -5.10996  -8.56438  1.000 4.80584  ? 13  GLN B O    1 
ATOM   464 C CB   . GLN B 1 13 ? 5.97610   -2.31947  -7.33979  1.000 5.25853  ? 13  GLN B CB   1 
ATOM   465 C CG   . GLN B 1 13 ? 5.54554   -0.92679  -7.74712  1.000 6.43235  ? 13  GLN B CG   1 
ATOM   466 C CD   . GLN B 1 13 ? 6.16087   0.15579   -6.88448  1.000 9.11688  ? 13  GLN B CD   1 
ATOM   467 O OE1  . GLN B 1 13 ? 7.17917   -0.06063  -6.21952  1.000 10.66444 ? 13  GLN B OE1  1 
ATOM   468 N NE2  . GLN B 1 13 ? 5.56609   1.33936   -6.92013  1.000 9.25637  ? 13  GLN B NE2  1 
ATOM   469 H H    . GLN B 1 13 ? 3.70224   -3.07125  -7.88428  1.000 4.70000  ? 13  GLN B H    1 
ATOM   470 H HA   . GLN B 1 13 ? 5.95144   -3.13205  -9.21936  1.000 5.23000  ? 13  GLN B HA   1 
ATOM   471 H HB2  . GLN B 1 13 ? 5.55194   -2.52672  -6.49190  1.000 6.47000  ? 13  GLN B HB2  1 
ATOM   472 H HB3  . GLN B 1 13 ? 6.94056   -2.31513  -7.23515  1.000 6.47000  ? 13  GLN B HB3  1 
ATOM   473 H HG2  . GLN B 1 13 ? 5.81657   -0.76850  -8.66526  1.000 7.88000  ? 13  GLN B HG2  1 
ATOM   474 H HG3  . GLN B 1 13 ? 4.58118   -0.85939  -7.67087  1.000 7.88000  ? 13  GLN B HG3  1 
ATOM   475 H HE21 . GLN B 1 13 ? 4.87196   1.45672   -7.41310  1.000 11.27000 ? 13  GLN B HE21 1 
ATOM   476 H HE22 . GLN B 1 13 ? 5.87442   1.98956   -6.44874  1.000 11.27000 ? 13  GLN B HE22 1 
HETATM 477 N N    . AIB B 1 14 ? 5.67258   -5.38752  -6.98476  1.000 4.17682  ? 14  AIB B N    1 
HETATM 478 C CA   . AIB B 1 14 ? 6.14424   -6.66957  -6.51004  1.000 4.45580  ? 14  AIB B CA   1 
HETATM 479 C C    . AIB B 1 14 ? 6.31005   -7.73221  -7.60728  1.000 5.03218  ? 14  AIB B C    1 
HETATM 480 O O    . AIB B 1 14 ? 7.14545   -8.63393  -7.55156  1.000 5.84807  ? 14  AIB B O    1 
HETATM 481 C CB1  . AIB B 1 14 ? 7.52289   -6.49658  -5.83127  1.000 5.23221  ? 14  AIB B CB1  1 
HETATM 482 C CB2  . AIB B 1 14 ? 5.16101   -7.27507  -5.49501  1.000 4.56371  ? 14  AIB B CB2  1 
HETATM 483 H H    . AIB B 1 14 ? 5.12488   -4.95411  -6.26771  1.000 5.17000  ? 14  AIB B H    1 
HETATM 484 H HB11 . AIB B 1 14 ? 7.83670   -7.46066  -5.36524  1.000 6.44000  ? 14  AIB B HB11 1 
HETATM 485 H HB12 . AIB B 1 14 ? 8.28050   -6.19069  -6.59123  1.000 6.44000  ? 14  AIB B HB12 1 
HETATM 486 H HB13 . AIB B 1 14 ? 7.45676   -5.71090  -5.04208  1.000 6.44000  ? 14  AIB B HB13 1 
HETATM 487 H HB21 . AIB B 1 14 ? 5.58728   -8.22800  -5.09645  1.000 5.63000  ? 14  AIB B HB21 1 
HETATM 488 H HB22 . AIB B 1 14 ? 5.00615   -6.54976  -4.65984  1.000 5.63000  ? 14  AIB B HB22 1 
HETATM 489 H HB23 . AIB B 1 14 ? 4.18846   -7.47875  -6.00558  1.000 5.63000  ? 14  AIB B HB23 1 
ATOM   490 N N    . LEU B 1 15 ? 5.47876   -7.63500  -8.64171  1.000 3.94521  ? 15  LEU B N    1 
ATOM   491 C CA   . LEU B 1 15 ? 5.53996   -8.61852  -9.71487  1.000 4.56371  ? 15  LEU B CA   1 
ATOM   492 C C    . LEU B 1 15 ? 6.78613   -8.48174  -10.56053 1.000 5.56119  ? 15  LEU B C    1 
ATOM   493 O O    . LEU B 1 15 ? 7.17223   -9.39997  -11.27028 1.000 6.58763  ? 15  LEU B O    1 
ATOM   494 C CB   . LEU B 1 15 ? 4.30997   -8.53158  -10.59195 1.000 4.29525  ? 15  LEU B CB   1 
ATOM   495 C CG   . LEU B 1 15 ? 3.00356   -9.05549  -9.99670  1.000 4.32420  ? 15  LEU B CG   1 
ATOM   496 C CD1  . LEU B 1 15 ? 1.90682   -8.97594  -11.05166 1.000 4.15839  ? 15  LEU B CD1  1 
ATOM   497 C CD2  . LEU B 1 15 ? 3.11103   -10.48447 -9.43928  1.000 4.63740  ? 15  LEU B CD2  1 
ATOM   498 H H    . LEU B 1 15 ? 4.88362   -7.02176  -8.74117  1.000 4.89000  ? 15  LEU B H    1 
ATOM   499 H HA   . LEU B 1 15 ? 5.56898   -9.49775  -9.30671  1.000 5.63000  ? 15  LEU B HA   1 
ATOM   500 H HB2  . LEU B 1 15 ? 4.16659   -7.59885  -10.81575 1.000 5.31000  ? 15  LEU B HB2  1 
ATOM   501 H HB3  . LEU B 1 15 ? 4.47951   -9.04322  -11.39869 1.000 5.31000  ? 15  LEU B HB3  1 
ATOM   502 H HG   . LEU B 1 15 ? 2.77902   -8.49761  -9.23595  1.000 5.35000  ? 15  LEU B HG   1 
ATOM   503 H HD11 . LEU B 1 15 ? 1.06120   -9.22410  -10.64673 1.000 5.15000  ? 15  LEU B HD11 1 
ATOM   504 H HD12 . LEU B 1 15 ? 1.85838   -8.06811  -11.38854 1.000 5.15000  ? 15  LEU B HD12 1 
ATOM   505 H HD13 . LEU B 1 15 ? 2.11921   -9.58655  -11.77450 1.000 5.15000  ? 15  LEU B HD13 1 
ATOM   506 H HD21 . LEU B 1 15 ? 2.22813   -10.78725 -9.17562  1.000 5.72000  ? 15  LEU B HD21 1 
ATOM   507 H HD22 . LEU B 1 15 ? 3.46888   -11.06624 -10.12845 1.000 5.72000  ? 15  LEU B HD22 1 
ATOM   508 H HD23 . LEU B 1 15 ? 3.70196   -10.48008 -8.67004  1.000 5.72000  ? 15  LEU B HD23 1 
HETATM 509 C C11  . I77 B 1 16 ? 11.27559  -6.76212  -12.31658 1.000 11.73562 ? 16  I77 B C11  1 
HETATM 510 C C12  . I77 B 1 16 ? 10.13154  -6.50336  -13.05053 1.000 10.90657 ? 16  I77 B C12  1 
HETATM 511 C C13  . I77 B 1 16 ? 8.76825   -6.64192  -12.40988 1.000 9.72748  ? 16  I77 B C13  1 
HETATM 512 C C17  . I77 B 1 16 ? 10.20687  -6.13107  -14.38103 1.000 11.96459 ? 16  I77 B C17  1 
HETATM 513 C C18  . I77 B 1 16 ? 11.45559  -6.01628  -14.93863 1.000 12.23305 ? 16  I77 B C18  1 
HETATM 514 C C02  . I77 B 1 16 ? 17.80105  -5.98037  -16.45116 1.000 14.93863 ? 16  I77 B C02  1 
HETATM 515 C C03  . I77 B 1 16 ? 16.38797  -6.05589  -15.83615 1.000 14.67018 ? 16  I77 B C03  1 
HETATM 516 C C04  . I77 B 1 16 ? 16.26006  -6.57774  -14.56199 1.000 14.84652 ? 16  I77 B C04  1 
HETATM 517 C C05  . I77 B 1 16 ? 14.99101  -6.64329  -14.02927 1.000 14.13064 ? 16  I77 B C05  1 
HETATM 518 C C06  . I77 B 1 16 ? 15.27868  -5.62114  -16.54342 1.000 14.55964 ? 16  I77 B C06  1 
HETATM 519 C C08  . I77 B 1 16 ? 13.92767  -6.18453  -14.77655 1.000 13.34634 ? 16  I77 B C08  1 
HETATM 520 C C09  . I77 B 1 16 ? 12.55952  -6.28471  -14.15716 1.000 12.57782 ? 16  I77 B C09  1 
HETATM 521 N N01  . I77 B 1 16 ? 18.95521  -6.26341  -15.58956 1.000 16.14930 ? 16  I77 B N01  1 
HETATM 522 N N07  . I77 B 1 16 ? 14.08297  -5.70633  -15.99061 1.000 14.43068 ? 16  I77 B N07  1 
HETATM 523 N N10  . I77 B 1 16 ? 12.44850  -6.64765  -12.89556 1.000 12.75679 ? 16  I77 B N10  1 
HETATM 524 N N14  . I77 B 1 16 ? 8.73168   -7.10504  -11.04911 1.000 7.49300  ? 16  I77 B N14  1 
HETATM 525 N N15  . I77 B 1 16 ? 7.47134   -7.24369  -10.44227 1.000 6.30865  ? 16  I77 B N15  1 
HETATM 526 O O16  . I77 B 1 16 ? 7.76163   -6.42007  -12.99260 1.000 10.80656 ? 16  I77 B O16  1 
HETATM 527 O O19  . I77 B 1 16 ? 17.93145  -5.70059  -17.59900 1.000 13.82271 ? 16  I77 B O19  1 
HETATM 528 H H111 . I77 B 1 16 ? 11.20475  -7.05391  -11.28051 1.000 14.24000 ? 16  I77 B H111 1 
HETATM 529 H H171 . I77 B 1 16 ? 9.30710   -5.93596  -14.96519 1.000 14.52000 ? 16  I77 B H171 1 
HETATM 530 H H181 . I77 B 1 16 ? 11.57315  -5.71792  -15.97857 1.000 14.84000 ? 16  I77 B H181 1 
HETATM 531 H H041 . I77 B 1 16 ? 17.11599  -6.91811  -14.00923 1.000 17.97000 ? 16  I77 B H041 1 
HETATM 532 H H051 . I77 B 1 16 ? 14.83091  -7.04982  -13.03848 1.000 17.12000 ? 16  I77 B H051 1 
HETATM 533 H H061 . I77 B 1 16 ? 15.39059  -5.21570  -17.53888 1.000 17.63000 ? 16  I77 B H061 1 
HETATM 534 H H011 . I77 B 1 16 ? 18.82902  -6.49575  -14.62760 1.000 19.54000 ? 16  I77 B H011 1 
HETATM 535 H H012 . I77 B 1 16 ? 19.88780  -6.22248  -15.97237 1.000 19.54000 ? 16  I77 B H012 1 
HETATM 536 H H141 . I77 B 1 16 ? 9.57712   -7.32153  -10.54935 1.000 9.15000  ? 16  I77 B H141 1 
HETATM 537 H H1   . I77 B 1 16 ? 7.66068   -7.12659  -9.46509  1.000 7.73000  ? 16  I77 B H1   1 
HETATM 538 N N    . CCN C 2 .  ? -3.37526  1.40700   10.17587  1.000 8.48523  ? 101 CCN A N    1 
HETATM 539 C C1   . CCN C 2 .  ? -2.58702  0.77887   10.72516  1.000 8.69315  ? 101 CCN A C1   1 
HETATM 540 C C2   . CCN C 2 .  ? -1.59655  0.00641   11.44180  1.000 9.96962  ? 101 CCN A C2   1 
HETATM 541 H H21  . CCN C 2 .  ? -0.76446  0.50389   11.49786  1.000 12.12000 ? 101 CCN A H21  1 
HETATM 542 H H22  . CCN C 2 .  ? -1.90939  -0.18333  12.33983  1.000 12.12000 ? 101 CCN A H22  1 
HETATM 543 H H23  . CCN C 2 .  ? -1.43144  -0.83122  10.98252  1.000 12.12000 ? 101 CCN A H23  1 
HETATM 544 N N    . CCN D 2 .  ? 3.93915   -4.55049  6.36623   1.000 8.91423  ? 102 CCN A N    1 
HETATM 545 C C1   . CCN D 2 .  ? 3.22754   -4.65784  5.46316   1.000 8.01412  ? 102 CCN A C1   1 
HETATM 546 C C2   . CCN D 2 .  ? 2.34973   -4.78763  4.30728   1.000 9.30375  ? 102 CCN A C2   1 
HETATM 547 H H21  . CCN D 2 .  ? 2.22457   -3.92210  3.88633   1.000 11.32000 ? 102 CCN A H21  1 
HETATM 548 H H22  . CCN D 2 .  ? 2.73898   -5.39814  3.66237   1.000 11.32000 ? 102 CCN A H22  1 
HETATM 549 H H23  . CCN D 2 .  ? 1.48545   -5.13048  4.58338   1.000 11.32000 ? 102 CCN A H23  1 
HETATM 550 N N    . CCN E 2 .  ? -9.34709  5.25059   -6.66930  1.000 28.37972 ? 101 CCN B N    1 
HETATM 551 C C1   . CCN E 2 .  ? -10.27800 5.88300   -6.91031  1.000 28.65870 ? 101 CCN B C1   1 
HETATM 552 C C2   . CCN E 2 .  ? -11.43759 6.70003   -7.20914  1.000 28.75871 ? 101 CCN B C2   1 
HETATM 553 H H21  . CCN E 2 .  ? -11.20067 7.39349   -7.84448  1.000 34.67000 ? 101 CCN B H21  1 
HETATM 554 H H22  . CCN E 2 .  ? -12.14122 6.15187   -7.58998  1.000 34.67000 ? 101 CCN B H22  1 
HETATM 555 H H23  . CCN E 2 .  ? -11.76830 7.11661   -6.39684  1.000 34.67000 ? 101 CCN B H23  1 
HETATM 556 O O    . HOH F 3 .  ? -20.83978 -5.46471  9.72645   1.000 41.14177 ? 201 HOH A O    1 
HETATM 557 O O    . HOH F 3 .  ? -16.20998 -7.86698  13.74326  1.000 26.94007 ? 202 HOH A O    1 
HETATM 558 O O    . HOH F 3 .  ? -8.78251  2.06188   4.58135   1.000 8.93791  ? 203 HOH A O    1 
HETATM 559 O O    . HOH F 3 .  ? 6.73463   1.08755   4.01231   1.000 14.21749 ? 204 HOH A O    1 
HETATM 560 O O    . HOH F 3 .  ? 14.19902  7.63961   4.56954   1.000 23.91866 ? 205 HOH A O    1 
HETATM 561 O O    . HOH F 3 .  ? 9.57378   11.96563  6.52505   1.000 11.34083 ? 206 HOH A O    1 
HETATM 562 O O    . HOH F 3 .  ? 9.37738   8.11231   3.70501   1.000 7.41405  ? 207 HOH A O    1 
HETATM 563 O O    . HOH F 3 .  ? -8.49701  -5.13839  -0.46086  1.000 23.31595 ? 208 HOH A O    1 
HETATM 564 O O    . HOH F 3 .  ? 8.77103   10.81560  3.88197   1.000 14.73861 ? 209 HOH A O    1 
HETATM 565 O O    . HOH F 3 .  ? -9.62567  3.60420   8.51465   1.000 27.96651 ? 210 HOH A O    1 
HETATM 566 O O    . HOH F 3 .  ? -7.18168  -7.92413  0.25856   1.000 31.59853 ? 211 HOH A O    1 
HETATM 567 O O    . HOH F 3 .  ? -6.01243  -9.05497  10.22403  1.000 10.64601 ? 212 HOH A O    1 
HETATM 568 O O    . HOH F 3 .  ? -9.85321  -0.36555  3.96301   1.000 14.15959 ? 213 HOH A O    1 
HETATM 569 O O    . HOH F 3 .  ? 16.39104  8.98859   3.74364   1.000 25.56096 ? 214 HOH A O    1 
HETATM 570 O O    . HOH F 3 .  ? 11.77253  6.28526   4.33734   1.000 21.83946 ? 215 HOH A O    1 
HETATM 571 O O    . HOH F 3 .  ? 10.34812  7.69663   0.95586   1.000 18.48116 ? 216 HOH A O    1 
HETATM 572 O O    . HOH F 3 .  ? 8.72346   1.26656   2.24034   1.000 16.26511 ? 217 HOH A O    1 
HETATM 573 O O    . HOH F 3 .  ? -10.61622 -2.68147  -0.03898  1.000 26.06892 ? 218 HOH A O    1 
HETATM 574 O O    . HOH F 3 .  ? 11.96317  12.25390  6.56703   1.000 29.37984 ? 219 HOH A O    1 
HETATM 575 O O    . HOH F 3 .  ? -11.53796 3.35256   4.77005   1.000 28.16127 ? 220 HOH A O    1 
HETATM 576 O O    . HOH F 3 .  ? -7.65636  -11.22971 10.82180  1.000 8.69578  ? 221 HOH A O    1 
HETATM 577 O O    . HOH F 3 .  ? 10.54956  5.14696   0.31482   1.000 25.32146 ? 222 HOH A O    1 
HETATM 578 O O    . HOH F 3 .  ? 9.70170   9.69364   -0.55050  1.000 27.19537 ? 223 HOH A O    1 
HETATM 579 O O    . HOH F 3 .  ? 11.30995  2.34095   2.83805   1.000 34.01724 ? 224 HOH A O    1 
HETATM 580 O O    . HOH G 3 .  ? 8.86214   -1.38859  -4.90989  1.000 32.24071 ? 201 HOH B O    1 
HETATM 581 O O    . HOH G 3 .  ? 21.27686  -7.42595  -15.91120 1.000 8.27731  ? 202 HOH B O    1 
HETATM 582 O O    . HOH G 3 .  ? -12.98066 5.71691   1.09385   1.000 21.74998 ? 203 HOH B O    1 
HETATM 583 O O    . HOH G 3 .  ? 9.74495   -3.84827  -8.36231  1.000 12.06987 ? 204 HOH B O    1 
HETATM 584 O O    . HOH G 3 .  ? -9.45858  1.89201   0.14953   1.000 6.91135  ? 205 HOH B O    1 
HETATM 585 O O    . HOH G 3 .  ? -8.64759  3.74901   2.27204   1.000 9.10635  ? 206 HOH B O    1 
HETATM 586 O O    . HOH G 3 .  ? -12.13064 1.55899   -1.48323  1.000 20.47614 ? 207 HOH B O    1 
HETATM 587 O O    . HOH G 3 .  ? -18.20724 7.35300   -0.15422  1.000 23.18436 ? 208 HOH B O    1 
HETATM 588 O O    . HOH G 3 .  ? -9.13491  6.47118   2.60794   1.000 27.75070 ? 209 HOH B O    1 
HETATM 589 O O    . HOH G 3 .  ? -10.28271 -0.50684  1.25169   1.000 23.76864 ? 210 HOH B O    1 
HETATM 590 O O    . HOH G 3 .  ? -11.56983 5.72699   3.23635   1.000 17.97847 ? 211 HOH B O    1 
# 
loop_
_atom_site_anisotrop.id 
_atom_site_anisotrop.type_symbol 
_atom_site_anisotrop.pdbx_label_atom_id 
_atom_site_anisotrop.pdbx_label_alt_id 
_atom_site_anisotrop.pdbx_label_comp_id 
_atom_site_anisotrop.pdbx_label_asym_id 
_atom_site_anisotrop.pdbx_label_seq_id 
_atom_site_anisotrop.pdbx_PDB_ins_code 
_atom_site_anisotrop.U[1][1] 
_atom_site_anisotrop.U[2][2] 
_atom_site_anisotrop.U[3][3] 
_atom_site_anisotrop.U[1][2] 
_atom_site_anisotrop.U[1][3] 
_atom_site_anisotrop.U[2][3] 
_atom_site_anisotrop.pdbx_auth_seq_id 
_atom_site_anisotrop.pdbx_auth_comp_id 
_atom_site_anisotrop.pdbx_auth_asym_id 
_atom_site_anisotrop.pdbx_auth_atom_id 
1   C C05 . I6W A 1  ? 0.12318 0.07792 0.06680 -0.02952 -0.00658 -0.00811 1   I6W A C05 
2   C C08 . I6W A 1  ? 0.12337 0.06324 0.06768 -0.03148 -0.01578 -0.00850 1   I6W A C08 
3   C C09 . I6W A 1  ? 0.12331 0.06849 0.07260 -0.02475 -0.01651 -0.01000 1   I6W A C09 
4   N N10 . I6W A 1  ? 0.12884 0.06943 0.08033 -0.01984 -0.01327 -0.01497 1   I6W A N10 
5   C C02 . I6W A 1  ? 0.10841 0.05440 0.07249 -0.03226 -0.00939 -0.01634 1   I6W A C02 
6   C C03 . I6W A 1  ? 0.11704 0.06246 0.07170 -0.03933 -0.00804 -0.01466 1   I6W A C03 
7   C C04 . I6W A 1  ? 0.12260 0.07944 0.06936 -0.03412 -0.00571 -0.00955 1   I6W A C04 
8   C C06 . I6W A 1  ? 0.12297 0.07437 0.07575 -0.03773 -0.01350 -0.01095 1   I6W A C06 
9   C C11 . I6W A 1  ? 0.12723 0.06343 0.10244 -0.01264 -0.01718 -0.00853 1   I6W A C11 
10  C C12 . I6W A 1  ? 0.12811 0.07861 0.11549 -0.01642 -0.02333 -0.00935 1   I6W A C12 
11  C C13 . I6W A 1  ? 0.13128 0.11385 0.14136 -0.02476 -0.03160 -0.00407 1   I6W A C13 
12  C C15 . I6W A 1  ? 0.13654 0.16059 0.15877 -0.02841 -0.02130 -0.01021 1   I6W A C15 
13  C C16 . I6W A 1  ? 0.13903 0.15877 0.15160 -0.02437 -0.01713 -0.00142 1   I6W A C16 
14  C C18 . I6W A 1  ? 0.12464 0.08217 0.10638 -0.02128 -0.02727 0.00027  1   I6W A C18 
15  C C19 . I6W A 1  ? 0.12216 0.07467 0.09018 -0.02529 -0.02635 -0.00227 1   I6W A C19 
16  N N07 . I6W A 1  ? 0.12728 0.07099 0.07573 -0.03221 -0.01496 0.00001  1   I6W A N07 
17  O O01 . I6W A 1  ? 0.10716 0.04638 0.07656 -0.02883 -0.01326 -0.01054 1   I6W A O01 
18  O O14 . I6W A 1  ? 0.13420 0.14578 0.15541 -0.02950 -0.02731 -0.01231 1   I6W A O14 
19  O O17 . I6W A 1  ? 0.13197 0.13246 0.16078 -0.01785 -0.03652 0.02766  1   I6W A O17 
31  N N   . AIB A 2  ? 0.11229 0.05572 0.07049 -0.03567 -0.00556 -0.01418 2   AIB A N   
32  C CA  . AIB A 2  ? 0.11380 0.04851 0.08369 -0.03370 0.00644  -0.01234 2   AIB A CA  
33  C C   . AIB A 2  ? 0.10767 0.03796 0.06567 -0.02449 0.00780  -0.00834 2   AIB A C   
34  O O   . AIB A 2  ? 0.10450 0.03297 0.07183 -0.01847 0.01197  -0.00584 2   AIB A O   
35  C CB1 . AIB A 2  ? 0.11054 0.05229 0.06587 -0.03134 0.02078  -0.02079 2   AIB A CB1 
36  C CB2 . AIB A 2  ? 0.12155 0.04841 0.10903 -0.03476 0.00635  -0.00565 2   AIB A CB2 
44  N N   . ALA A 3  ? 0.10600 0.03514 0.06186 -0.02250 0.00543  -0.00485 3   ALA A N   
45  C CA  . ALA A 3  ? 0.10991 0.03845 0.05254 -0.02474 -0.00413 0.00311  3   ALA A CA  
46  C C   . ALA A 3  ? 0.10537 0.04146 0.03437 -0.02148 0.00071  0.00673  3   ALA A C   
47  O O   . ALA A 3  ? 0.10572 0.03999 0.03279 -0.02531 -0.00032 0.00375  3   ALA A O   
48  C CB  . ALA A 3  ? 0.10660 0.04240 0.06971 -0.02373 -0.00926 0.01727  3   ALA A CB  
54  N N   . AIB A 4  ? 0.10270 0.03762 0.03549 -0.01961 0.00136  0.00650  4   AIB A N   
55  C CA  . AIB A 4  ? 0.10453 0.03567 0.03641 -0.02361 -0.00456 0.00310  4   AIB A CA  
56  C C   . AIB A 4  ? 0.09518 0.03021 0.03131 -0.00617 -0.00340 0.00663  4   AIB A C   
57  O O   . AIB A 4  ? 0.09625 0.02830 0.02864 -0.01531 0.00603  -0.00135 4   AIB A O   
58  C CB1 . AIB A 4  ? 0.10777 0.04128 0.03924 -0.01872 0.01049  0.00392  4   AIB A CB1 
59  C CB2 . AIB A 4  ? 0.10370 0.04754 0.05046 -0.02560 -0.01963 0.01208  4   AIB A CB2 
67  N N   . ALA A 5  ? 0.08900 0.02392 0.02409 -0.00939 0.00162  0.00001  5   ALA A N   
68  C CA  . ALA A 5  ? 0.09093 0.02804 0.02333 -0.01721 -0.00329 0.00127  5   ALA A CA  
69  C C   . ALA A 5  ? 0.08515 0.02784 0.02381 -0.01504 0.00361  -0.00248 5   ALA A C   
70  O O   . ALA A 5  ? 0.08777 0.02725 0.02048 -0.01657 -0.00212 0.00082  5   ALA A O   
71  C CB  . ALA A 5  ? 0.09285 0.03814 0.03370 -0.02580 -0.01000 0.00032  5   ALA A CB  
77  N N   . AIB A 6  ? 0.08860 0.02767 0.02273 -0.01703 -0.00495 0.00096  6   AIB A N   
78  C CA  . AIB A 6  ? 0.09118 0.03204 0.02568 -0.02119 0.00002  0.00105  6   AIB A CA  
79  C C   . AIB A 6  ? 0.08225 0.02366 0.01639 -0.01352 0.00182  0.00140  6   AIB A C   
80  O O   . AIB A 6  ? 0.08557 0.02499 0.02955 -0.01246 0.00451  0.00101  6   AIB A O   
81  C CB1 . AIB A 6  ? 0.08277 0.02340 0.02944 -0.00311 0.01856  -0.00220 6   AIB A CB1 
82  C CB2 . AIB A 6  ? 0.08310 0.04512 0.02678 -0.02622 -0.00082 0.00528  6   AIB A CB2 
90  N N   . LEU A 7  ? 0.08275 0.02498 0.01777 -0.01605 -0.00475 -0.00092 7   LEU A N   
91  C CA  . LEU A 7  ? 0.08512 0.02656 0.02182 -0.01138 0.00185  -0.00019 7   LEU A CA  
92  C C   . LEU A 7  ? 0.07060 0.02347 0.01863 -0.01364 0.00138  -0.00028 7   LEU A C   
93  O O   . LEU A 7  ? 0.07809 0.01847 0.02014 -0.01212 0.00376  0.00029  7   LEU A O   
94  C CB  . LEU A 7  ? 0.09287 0.03596 0.02507 -0.01009 0.00501  0.00259  7   LEU A CB  
95  C CG  . LEU A 7  ? 0.09705 0.03741 0.02674 -0.01304 0.00946  -0.00007 7   LEU A CG  
96  C CD1 . LEU A 7  ? 0.09964 0.04300 0.02786 -0.00992 0.00200  -0.00665 7   LEU A CD1 
97  C CD2 . LEU A 7  ? 0.10429 0.04453 0.03608 -0.00951 0.02329  0.00042  7   LEU A CD2 
109 N N   . AIB A 8  ? 0.07512 0.02319 0.02738 -0.01360 0.00023  0.00126  8   AIB A N   
110 C CA  . AIB A 8  ? 0.08357 0.02106 0.02147 -0.01239 -0.00427 -0.00018 8   AIB A CA  
111 C C   . AIB A 8  ? 0.08074 0.02508 0.02099 -0.01176 0.00326  -0.00034 8   AIB A C   
112 O O   . AIB A 8  ? 0.08504 0.03011 0.02465 -0.01909 0.00139  0.00117  8   AIB A O   
113 C CB1 . AIB A 8  ? 0.08969 0.03249 0.03232 -0.01974 -0.00859 -0.00150 8   AIB A CB1 
114 C CB2 . AIB A 8  ? 0.09020 0.02484 0.02316 -0.01470 -0.00733 0.00012  8   AIB A CB2 
122 N N   . ALA A 9  ? 0.07878 0.02136 0.01876 -0.01315 0.00268  -0.00258 9   ALA A N   
123 C CA  . ALA A 9  ? 0.08261 0.03393 0.02366 -0.02006 0.00605  -0.00052 9   ALA A CA  
124 C C   . ALA A 9  ? 0.08385 0.02471 0.02274 -0.01353 0.01062  -0.00164 9   ALA A C   
125 O O   . ALA A 9  ? 0.08118 0.02582 0.02110 -0.01573 0.00934  -0.00254 9   ALA A O   
126 C CB  . ALA A 9  ? 0.09000 0.03361 0.02579 -0.02790 0.00772  -0.00171 9   ALA A CB  
132 N N   . AIB A 10 ? 0.08016 0.01661 0.02033 -0.01043 0.00179  -0.00131 10  AIB A N   
133 C CA  . AIB A 10 ? 0.08330 0.02527 0.01692 -0.01496 0.00128  0.00049  10  AIB A CA  
134 C C   . AIB A 10 ? 0.08418 0.02700 0.02073 -0.01841 0.00970  -0.00084 10  AIB A C   
135 O O   . AIB A 10 ? 0.08399 0.02782 0.02669 -0.01817 0.00003  0.00061  10  AIB A O   
136 C CB1 . AIB A 10 ? 0.07803 0.02728 0.02429 -0.01623 0.01122  -0.00429 10  AIB A CB1 
137 C CB2 . AIB A 10 ? 0.08261 0.03503 0.02436 -0.01711 0.00123  0.00401  10  AIB A CB2 
145 N N   . LEU A 11 ? 0.08756 0.02799 0.02245 -0.02308 0.00108  -0.00292 11  LEU A N   
146 C CA  . LEU A 11 ? 0.07936 0.02647 0.02287 -0.01312 0.00699  -0.00336 11  LEU A CA  
147 C C   . LEU A 11 ? 0.08637 0.02979 0.02374 -0.02065 0.00631  -0.00175 11  LEU A C   
148 O O   . LEU A 11 ? 0.08115 0.03095 0.02640 -0.02220 -0.00099 0.00121  11  LEU A O   
149 C CB  . LEU A 11 ? 0.07026 0.02095 0.02320 -0.00696 0.01385  -0.00279 11  LEU A CB  
150 C CG  . LEU A 11 ? 0.08829 0.02858 0.02483 -0.01255 0.01052  -0.00224 11  LEU A CG  
151 C CD1 . LEU A 11 ? 0.09422 0.04778 0.03020 -0.00675 0.01208  -0.01025 11  LEU A CD1 
152 C CD2 . LEU A 11 ? 0.08924 0.04896 0.02390 -0.01388 -0.00428 0.00259  11  LEU A CD2 
164 N N   . AIB A 12 ? 0.07939 0.02621 0.02010 -0.02014 0.00419  0.00057  12  AIB A N   
165 C CA  . AIB A 12 ? 0.07864 0.02321 0.01715 -0.01581 0.00130  -0.00299 12  AIB A CA  
166 C C   . AIB A 12 ? 0.08506 0.02911 0.02423 -0.01969 -0.00035 0.00026  12  AIB A C   
167 O O   . AIB A 12 ? 0.09204 0.03536 0.03910 -0.02424 -0.00162 0.00460  12  AIB A O   
168 C CB1 . AIB A 12 ? 0.08407 0.02357 0.03106 -0.00849 -0.00666 0.00367  12  AIB A CB1 
169 C CB2 . AIB A 12 ? 0.08215 0.01942 0.01803 -0.00815 0.00336  0.00229  12  AIB A CB2 
177 N N   . GLN A 13 ? 0.07939 0.02501 0.01920 -0.02025 0.00405  0.00167  13  GLN A N   
178 C CA  . GLN A 13 ? 0.07751 0.03081 0.03478 -0.02111 0.00124  -0.00488 13  GLN A CA  
179 C C   . GLN A 13 ? 0.07966 0.02597 0.02997 -0.01365 0.00091  -0.00453 13  GLN A C   
180 O O   . GLN A 13 ? 0.08530 0.02993 0.04047 -0.01444 0.00237  -0.00944 13  GLN A O   
181 C CB  . GLN A 13 ? 0.07803 0.03679 0.03608 -0.01839 0.00414  -0.01272 13  GLN A CB  
182 C CG  . GLN A 13 ? 0.07893 0.03229 0.04058 -0.01154 0.00577  -0.01433 13  GLN A CG  
183 C CD  . GLN A 13 ? 0.09397 0.05041 0.05841 -0.00442 0.00718  -0.02941 13  GLN A CD  
184 O OE1 . GLN A 13 ? 0.11629 0.06825 0.07757 0.00115  -0.00674 -0.03470 13  GLN A OE1 
185 N NE2 . GLN A 13 ? 0.09456 0.04924 0.06670 -0.01554 0.01649  -0.02809 13  GLN A NE2 
194 N N   . AIB A 14 ? 0.08782 0.02757 0.02551 -0.01298 0.00482  -0.00325 14  AIB A N   
195 C CA  . AIB A 14 ? 0.09255 0.03545 0.02520 -0.01912 -0.00148 -0.00137 14  AIB A CA  
196 C C   . AIB A 14 ? 0.09723 0.03290 0.02617 -0.02770 0.00389  -0.00372 14  AIB A C   
197 O O   . AIB A 14 ? 0.10403 0.04303 0.05864 -0.03169 -0.00503 0.00078  14  AIB A O   
198 C CB1 . AIB A 14 ? 0.10350 0.04830 0.03819 -0.01690 -0.01374 0.01295  14  AIB A CB1 
199 C CB2 . AIB A 14 ? 0.09639 0.03472 0.02620 -0.02108 0.00452  -0.00179 14  AIB A CB2 
207 N N   . LEU A 15 ? 0.09273 0.03207 0.02249 -0.02164 0.00909  -0.00265 15  LEU A N   
208 C CA  . LEU A 15 ? 0.09934 0.03587 0.03269 -0.02420 0.01442  -0.00480 15  LEU A CA  
209 C C   . LEU A 15 ? 0.10770 0.04020 0.04719 -0.02487 0.02805  -0.01048 15  LEU A C   
210 O O   . LEU A 15 ? 0.11151 0.04208 0.08220 -0.02439 0.01765  -0.01565 15  LEU A O   
211 C CB  . LEU A 15 ? 0.09532 0.04102 0.02876 -0.01990 0.01351  -0.00453 15  LEU A CB  
212 C CG  . LEU A 15 ? 0.09922 0.03507 0.03041 -0.02197 0.01453  -0.00397 15  LEU A CG  
213 C CD1 . LEU A 15 ? 0.08724 0.03667 0.03669 -0.01410 0.01361  -0.01280 15  LEU A CD1 
214 C CD2 . LEU A 15 ? 0.09618 0.05006 0.03406 -0.02846 0.00399  0.00665  15  LEU A CD2 
226 C C11 A I77 A 16 ? 0.18447 0.11913 0.13190 -0.05320 0.07593  -0.04886 16  I77 A C11 
227 C C11 B I77 A 16 ? 0.10944 0.04881 0.08655 -0.01651 0.05132  -0.01964 16  I77 A C11 
228 C C12 A I77 A 16 ? 0.17406 0.11141 0.11603 -0.04758 0.07165  -0.04458 16  I77 A C12 
229 C C12 B I77 A 16 ? 0.11049 0.05483 0.08008 -0.01449 0.04790  -0.02173 16  I77 A C12 
230 C C13 A I77 A 16 ? 0.16092 0.09792 0.09376 -0.04522 0.06359  -0.02367 16  I77 A C13 
231 C C13 B I77 A 16 ? 0.11573 0.05783 0.06764 -0.01653 0.04492  -0.01838 16  I77 A C13 
232 C C17 A I77 A 16 ? 0.18194 0.10476 0.14210 -0.05491 0.07268  -0.05211 16  I77 A C17 
233 C C17 B I77 A 16 ? 0.11419 0.06524 0.08778 -0.01680 0.05204  -0.02622 16  I77 A C17 
234 C C18 A I77 A 16 ? 0.18611 0.11152 0.15487 -0.05704 0.07650  -0.05752 16  I77 A C18 
235 C C18 B I77 A 16 ? 0.11288 0.06330 0.09552 -0.02132 0.05414  -0.02895 16  I77 A C18 
236 C C02 A I77 A 16 ? 0.20100 0.12543 0.23398 -0.05719 0.10808  -0.06252 16  I77 A C02 
237 C C02 B I77 A 16 ? 0.11984 0.08912 0.09424 -0.03599 0.05856  -0.02872 16  I77 A C02 
238 C C03 A I77 A 16 ? 0.19999 0.12035 0.22165 -0.05748 0.10613  -0.06500 16  I77 A C03 
239 C C03 B I77 A 16 ? 0.11862 0.06916 0.09481 -0.03651 0.05910  -0.02961 16  I77 A C03 
240 C C04 A I77 A 16 ? 0.19659 0.11962 0.21268 -0.05517 0.10228  -0.06608 16  I77 A C04 
241 C C04 B I77 A 16 ? 0.12037 0.06514 0.10469 -0.03556 0.06355  -0.03177 16  I77 A C04 
242 C C05 A I77 A 16 ? 0.19390 0.11777 0.20263 -0.05472 0.09817  -0.06488 16  I77 A C05 
243 C C05 B I77 A 16 ? 0.11924 0.06158 0.10898 -0.03070 0.06744  -0.03150 16  I77 A C05 
244 C C06 A I77 A 16 ? 0.19555 0.12030 0.20904 -0.05506 0.10174  -0.06668 16  I77 A C06 
245 C C06 B I77 A 16 ? 0.11087 0.05852 0.09121 -0.03218 0.06043  -0.02605 16  I77 A C06 
246 C C08 A I77 A 16 ? 0.19203 0.11569 0.19347 -0.05365 0.09365  -0.06355 16  I77 A C08 
247 C C08 B I77 A 16 ? 0.11226 0.05204 0.10440 -0.02806 0.06263  -0.02739 16  I77 A C08 
248 C C09 A I77 A 16 ? 0.19042 0.11577 0.16791 -0.05687 0.08436  -0.06110 16  I77 A C09 
249 C C09 B I77 A 16 ? 0.10989 0.05635 0.09766 -0.02570 0.05771  -0.02595 16  I77 A C09 
250 N N01 A I77 A 16 ? 0.20329 0.12620 0.26011 -0.05950 0.09441  -0.05282 16  I77 A N01 
251 N N01 B I77 A 16 ? 0.11948 0.10384 0.09058 -0.03715 0.05541  -0.03226 16  I77 A N01 
252 N N07 A I77 A 16 ? 0.19453 0.12238 0.20169 -0.05502 0.09562  -0.06870 16  I77 A N07 
253 N N07 B I77 A 16 ? 0.10719 0.05074 0.09267 -0.02900 0.05761  -0.02370 16  I77 A N07 
254 N N10 A I77 A 16 ? 0.18957 0.11939 0.14984 -0.05230 0.07984  -0.05483 16  I77 A N10 
255 N N10 B I77 A 16 ? 0.11118 0.05150 0.09432 -0.02105 0.05684  -0.02146 16  I77 A N10 
256 N N14 A I77 A 16 ? 0.12146 0.04292 0.05641 -0.02625 0.04074  -0.01399 16  I77 A N14 
257 N N14 B I77 A 16 ? 0.12244 0.07013 0.06293 -0.02071 0.04254  -0.01128 16  I77 A N14 
258 N N15 A I77 A 16 ? 0.09603 0.03002 0.04654 -0.01791 0.03459  -0.00730 16  I77 A N15 
259 N N15 B I77 A 16 ? 0.11934 0.05464 0.05912 -0.02353 0.03690  -0.00764 16  I77 A N15 
260 O O16 A I77 A 16 ? 0.16469 0.14016 0.12015 -0.04739 0.05597  -0.01084 16  I77 A O16 
261 O O16 B I77 A 16 ? 0.11559 0.06398 0.06613 -0.01890 0.04520  -0.01836 16  I77 A O16 
262 O O19 A I77 A 16 ? 0.19553 0.12922 0.20315 -0.04994 0.10730  -0.06613 16  I77 A O19 
263 O O19 B I77 A 16 ? 0.12349 0.09461 0.10439 -0.03716 0.06256  -0.02139 16  I77 A O19 
284 C C05 . I6W B 1  ? 0.12409 0.05499 0.05822 -0.02063 -0.01675 -0.00792 1   I6W B C05 
285 C C08 . I6W B 1  ? 0.12360 0.05142 0.06189 -0.01793 -0.01604 0.00263  1   I6W B C08 
286 C C09 . I6W B 1  ? 0.12349 0.06031 0.06720 -0.02515 -0.02358 0.00352  1   I6W B C09 
287 N N10 . I6W B 1  ? 0.12568 0.05304 0.08558 -0.02270 -0.02448 0.00702  1   I6W B N10 
288 C C02 . I6W B 1  ? 0.11140 0.04023 0.04367 -0.02307 -0.00738 0.00305  1   I6W B C02 
289 C C03 . I6W B 1  ? 0.11912 0.05440 0.05398 -0.02423 -0.01394 0.00589  1   I6W B C03 
290 C C04 . I6W B 1  ? 0.12294 0.06223 0.06332 -0.02403 -0.01297 -0.00440 1   I6W B C04 
291 C C06 . I6W B 1  ? 0.12160 0.07220 0.05599 -0.03326 -0.01553 -0.00562 1   I6W B C06 
292 C C11 . I6W B 1  ? 0.12664 0.05885 0.10041 -0.02650 -0.03118 0.01524  1   I6W B C11 
293 C C12 . I6W B 1  ? 0.12467 0.06391 0.09892 -0.02950 -0.03907 0.01576  1   I6W B C12 
294 C C13 . I6W B 1  ? 0.12934 0.06826 0.11100 -0.02786 -0.04563 0.02615  1   I6W B C13 
295 C C15 . I6W B 1  ? 0.14717 0.09274 0.12889 -0.03917 -0.02898 0.03903  1   I6W B C15 
296 C C16 . I6W B 1  ? 0.15305 0.10838 0.13477 -0.03631 -0.02398 0.04667  1   I6W B C16 
297 C C18 . I6W B 1  ? 0.11968 0.06883 0.07949 -0.03562 -0.03548 0.01050  1   I6W B C18 
298 C C19 . I6W B 1  ? 0.11799 0.07329 0.06452 -0.02934 -0.03001 0.00915  1   I6W B C19 
299 N N07 . I6W B 1  ? 0.12667 0.08325 0.05738 -0.02867 -0.01656 -0.00127 1   I6W B N07 
300 O O01 . I6W B 1  ? 0.10342 0.03353 0.04714 -0.01616 0.00964  -0.00927 1   I6W B O01 
301 O O14 . I6W B 1  ? 0.13790 0.07512 0.13448 -0.03358 -0.03949 0.03557  1   I6W B O14 
302 O O17 . I6W B 1  ? 0.13093 0.08692 0.13115 -0.02328 -0.04594 0.03432  1   I6W B O17 
314 N N   . AIB B 2  ? 0.11357 0.04628 0.04725 -0.02620 0.00273  0.00232  2   AIB B N   
315 C CA  . AIB B 2  ? 0.11493 0.03189 0.05318 -0.00866 0.01588  -0.00620 2   AIB B CA  
316 C C   . AIB B 2  ? 0.09168 0.02976 0.03276 -0.00520 0.00525  -0.00787 2   AIB B C   
317 O O   . AIB B 2  ? 0.10904 0.03857 0.03618 -0.02055 0.00725  -0.00728 2   AIB B O   
318 C CB1 . AIB B 2  ? 0.11923 0.03559 0.05128 -0.01818 0.01763  -0.00341 2   AIB B CB1 
319 C CB2 . AIB B 2  ? 0.10796 0.03912 0.05882 -0.00779 0.00905  -0.01863 2   AIB B CB2 
327 N N   . ALA B 3  ? 0.10098 0.03503 0.03239 -0.00976 0.00124  -0.00755 3   ALA B N   
328 C CA  . ALA B 3  ? 0.09981 0.03452 0.03336 -0.01605 0.00063  -0.00634 3   ALA B CA  
329 C C   . ALA B 3  ? 0.09284 0.02566 0.02420 -0.01093 0.00522  -0.00092 3   ALA B C   
330 O O   . ALA B 3  ? 0.10102 0.03072 0.02626 -0.01525 -0.00197 0.00090  3   ALA B O   
331 C CB  . ALA B 3  ? 0.10991 0.04541 0.03218 -0.01738 0.00214  -0.00721 3   ALA B CB  
337 N N   . AIB B 4  ? 0.09473 0.02787 0.02500 -0.01134 0.00181  -0.00146 4   AIB B N   
338 C CA  . AIB B 4  ? 0.08908 0.04714 0.02598 -0.02299 -0.00260 -0.00304 4   AIB B CA  
339 C C   . AIB B 4  ? 0.08213 0.03544 0.02323 -0.01768 -0.00764 0.00178  4   AIB B C   
340 O O   . AIB B 4  ? 0.09568 0.03526 0.02575 -0.01338 0.00094  -0.00317 4   AIB B O   
341 C CB1 . AIB B 4  ? 0.09105 0.04512 0.03583 -0.02937 0.00294  0.00577  4   AIB B CB1 
342 C CB2 . AIB B 4  ? 0.09099 0.07083 0.02888 -0.01583 -0.00159 -0.01228 4   AIB B CB2 
350 N N   . ALA B 5  ? 0.09281 0.03468 0.02501 -0.01849 0.00122  0.00118  5   ALA B N   
351 C CA  . ALA B 5  ? 0.09515 0.03697 0.02588 -0.01553 -0.00138 -0.00271 5   ALA B CA  
352 C C   . ALA B 5  ? 0.08608 0.03340 0.02423 -0.01494 -0.00168 -0.00310 5   ALA B C   
353 O O   . ALA B 5  ? 0.08876 0.03035 0.02539 -0.01233 0.00896  -0.00387 5   ALA B O   
354 C CB  . ALA B 5  ? 0.10337 0.03639 0.02994 -0.00247 0.00528  0.00594  5   ALA B CB  
360 N N   . AIB B 6  ? 0.08362 0.03890 0.02368 -0.02259 -0.00181 -0.00091 6   AIB B N   
361 C CA  . AIB B 6  ? 0.08176 0.02854 0.01670 -0.01978 -0.00483 0.00078  6   AIB B CA  
362 C C   . AIB B 6  ? 0.08039 0.03346 0.02114 -0.01225 -0.00350 -0.00029 6   AIB B C   
363 O O   . AIB B 6  ? 0.08965 0.02636 0.02359 -0.01553 0.00441  -0.00071 6   AIB B O   
364 C CB1 . AIB B 6  ? 0.08359 0.02499 0.02652 -0.01220 0.00208  0.00187  6   AIB B CB1 
365 C CB2 . AIB B 6  ? 0.09217 0.02732 0.02391 -0.01537 0.00188  -0.00042 6   AIB B CB2 
373 N N   . LEU B 7  ? 0.08669 0.03216 0.02266 -0.01354 -0.00055 0.00121  7   LEU B N   
374 C CA  . LEU B 7  ? 0.08022 0.02475 0.02263 -0.01059 -0.00030 0.00224  7   LEU B CA  
375 C C   . LEU B 7  ? 0.08338 0.02186 0.02206 -0.01428 0.00454  -0.00081 7   LEU B C   
376 O O   . LEU B 7  ? 0.08235 0.02445 0.02210 -0.01957 -0.00628 0.00388  7   LEU B O   
377 C CB  . LEU B 7  ? 0.09171 0.02603 0.02346 -0.01452 0.00168  -0.00086 7   LEU B CB  
378 C CG  . LEU B 7  ? 0.09660 0.03765 0.02595 -0.01548 0.00072  0.00262  7   LEU B CG  
379 C CD1 . LEU B 7  ? 0.10315 0.04188 0.02917 -0.00943 0.00204  0.00627  7   LEU B CD1 
380 C CD2 . LEU B 7  ? 0.11090 0.04126 0.03165 -0.02717 0.00051  0.00157  7   LEU B CD2 
392 N N   . AIB B 8  ? 0.08814 0.03236 0.02320 -0.01670 0.00036  0.00029  8   AIB B N   
393 C CA  . AIB B 8  ? 0.08958 0.02335 0.02357 -0.01880 0.00045  0.00057  8   AIB B CA  
394 C C   . AIB B 8  ? 0.08170 0.02583 0.02087 -0.00856 0.00252  0.00001  8   AIB B C   
395 O O   . AIB B 8  ? 0.08374 0.02316 0.02190 -0.00904 0.00563  -0.00087 8   AIB B O   
396 C CB1 . AIB B 8  ? 0.10365 0.02572 0.02703 -0.01921 0.00088  0.00010  8   AIB B CB1 
397 C CB2 . AIB B 8  ? 0.09659 0.03018 0.02573 -0.01749 0.00026  0.00047  8   AIB B CB2 
405 N N   . ALA B 9  ? 0.07579 0.02039 0.01442 -0.00910 -0.00089 -0.00112 9   ALA B N   
406 C CA  . ALA B 9  ? 0.08440 0.02564 0.02196 -0.01554 0.00232  -0.00083 9   ALA B CA  
407 C C   . ALA B 9  ? 0.07746 0.01722 0.01903 -0.00983 0.00085  -0.00196 9   ALA B C   
408 O O   . ALA B 9  ? 0.08946 0.02669 0.02315 -0.01246 -0.00307 0.00043  9   ALA B O   
409 C CB  . ALA B 9  ? 0.09572 0.02931 0.02547 -0.01822 0.00449  -0.00127 9   ALA B CB  
415 N N   . AIB B 10 ? 0.08740 0.02089 0.02301 -0.01385 0.00509  -0.00076 10  AIB B N   
416 C CA  . AIB B 10 ? 0.08528 0.03881 0.02311 -0.01948 0.00024  0.00007  10  AIB B CA  
417 C C   . AIB B 10 ? 0.08553 0.02967 0.02290 -0.01655 0.00333  -0.00029 10  AIB B C   
418 O O   . AIB B 10 ? 0.09207 0.02923 0.02610 -0.01151 0.00385  -0.00353 10  AIB B O   
419 C CB1 . AIB B 10 ? 0.08639 0.03642 0.03169 -0.01709 -0.00596 -0.00680 10  AIB B CB1 
420 C CB2 . AIB B 10 ? 0.08852 0.03947 0.02351 -0.00939 0.00198  0.00340  10  AIB B CB2 
428 N N   . LEU B 11 ? 0.08488 0.02790 0.02212 -0.01132 0.00274  0.00056  11  LEU B N   
429 C CA  . LEU B 11 ? 0.08886 0.03175 0.02519 -0.01869 0.00645  -0.00327 11  LEU B CA  
430 C C   . LEU B 11 ? 0.08852 0.03194 0.02464 -0.02588 0.00103  -0.00056 11  LEU B C   
431 O O   . LEU B 11 ? 0.09311 0.04325 0.02594 -0.02210 0.00270  -0.00312 11  LEU B O   
432 C CB  . LEU B 11 ? 0.08623 0.02753 0.01873 -0.01963 -0.00091 0.00290  11  LEU B CB  
433 C CG  . LEU B 11 ? 0.08234 0.03457 0.02239 -0.01832 -0.00225 -0.00012 11  LEU B CG  
434 C CD1 . LEU B 11 ? 0.07522 0.03795 0.03573 -0.01324 -0.00692 0.01585  11  LEU B CD1 
435 C CD2 . LEU B 11 ? 0.09458 0.04079 0.03483 -0.00827 0.00214  0.01290  11  LEU B CD2 
447 N N   . AIB B 12 ? 0.09205 0.04255 0.02660 -0.02761 -0.00433 0.00112  12  AIB B N   
448 C CA  . AIB B 12 ? 0.09237 0.02823 0.01960 -0.01739 0.00154  -0.00169 12  AIB B CA  
449 C C   . AIB B 12 ? 0.10140 0.02955 0.02515 -0.01700 0.00211  -0.00136 12  AIB B C   
450 O O   . AIB B 12 ? 0.10325 0.04364 0.03481 -0.01331 0.01535  -0.01023 12  AIB B O   
451 C CB1 . AIB B 12 ? 0.09768 0.02564 0.02158 -0.00895 0.00735  -0.00202 12  AIB B CB1 
452 C CB2 . AIB B 12 ? 0.09408 0.03218 0.02575 -0.00877 0.00316  0.00317  12  AIB B CB2 
460 N N   . GLN B 13 ? 0.09205 0.02682 0.02493 -0.01425 -0.00190 0.00073  13  GLN B N   
461 C CA  . GLN B 13 ? 0.09605 0.02868 0.03567 -0.01385 -0.00572 -0.00232 13  GLN B CA  
462 C C   . GLN B 13 ? 0.09780 0.02832 0.03188 -0.01482 0.00123  0.00028  13  GLN B C   
463 O O   . GLN B 13 ? 0.10305 0.03386 0.04568 -0.01879 0.01328  0.00170  13  GLN B O   
464 C CB  . GLN B 13 ? 0.10542 0.03056 0.06381 -0.01360 -0.00263 -0.00623 13  GLN B CB  
465 C CG  . GLN B 13 ? 0.11682 0.03563 0.09194 -0.01655 -0.00044 -0.01213 13  GLN B CG  
466 C CD  . GLN B 13 ? 0.13218 0.06901 0.14521 -0.02929 -0.01248 -0.01348 13  GLN B CD  
467 O OE1 . GLN B 13 ? 0.13320 0.09925 0.17276 -0.03257 -0.00577 -0.00496 13  GLN B OE1 
468 N NE2 . GLN B 13 ? 0.13803 0.06852 0.14515 -0.02674 -0.01103 -0.02286 13  GLN B NE2 
477 N N   . AIB B 14 ? 0.09971 0.02946 0.02953 -0.01611 0.00323  -0.00131 14  AIB B N   
478 C CA  . AIB B 14 ? 0.10113 0.03866 0.02951 -0.00875 -0.00056 0.00691  14  AIB B CA  
479 C C   . AIB B 14 ? 0.10976 0.03852 0.04291 -0.01250 0.00532  0.01040  14  AIB B C   
480 O O   . AIB B 14 ? 0.11760 0.04332 0.06128 -0.00275 0.00728  0.00375  14  AIB B O   
481 C CB1 . AIB B 14 ? 0.10830 0.05393 0.03657 -0.01479 0.00428  0.00165  14  AIB B CB1 
482 C CB2 . AIB B 14 ? 0.10008 0.04282 0.03050 -0.00404 0.00423  0.00917  14  AIB B CB2 
490 N N   . LEU B 15 ? 0.09737 0.02647 0.02606 -0.01041 0.01037  -0.00118 15  LEU B N   
491 C CA  . LEU B 15 ? 0.10077 0.03577 0.03686 -0.01685 0.01980  -0.00848 15  LEU B CA  
492 C C   . LEU B 15 ? 0.11416 0.04390 0.05324 -0.02672 0.03308  -0.01270 15  LEU B C   
493 O O   . LEU B 15 ? 0.11939 0.05623 0.07468 -0.02192 0.03839  -0.02231 15  LEU B O   
494 C CB  . LEU B 15 ? 0.09777 0.03209 0.03334 -0.01842 0.01093  -0.00009 15  LEU B CB  
495 C CG  . LEU B 15 ? 0.10179 0.03293 0.02958 -0.02094 0.00602  -0.00134 15  LEU B CG  
496 C CD1 . LEU B 15 ? 0.09658 0.02725 0.03417 -0.01298 -0.00470 -0.00016 15  LEU B CD1 
497 C CD2 . LEU B 15 ? 0.09269 0.05265 0.03086 -0.02346 -0.01053 0.01056  15  LEU B CD2 
509 C C11 . I77 B 16 ? 0.19316 0.11480 0.13794 -0.04727 0.08217  -0.05023 16  I77 B C11 
510 C C12 . I77 B 16 ? 0.18443 0.09795 0.13203 -0.04314 0.07463  -0.04038 16  I77 B C12 
511 C C13 . I77 B 16 ? 0.16513 0.09545 0.10902 -0.03760 0.05566  -0.02116 16  I77 B C13 
512 C C17 . I77 B 16 ? 0.19279 0.10758 0.15424 -0.04714 0.07819  -0.04286 16  I77 B C17 
513 C C18 . I77 B 16 ? 0.19787 0.10982 0.15711 -0.05155 0.08611  -0.05411 16  I77 B C18 
514 C C02 . I77 B 16 ? 0.21294 0.14259 0.21207 -0.05467 0.12146  -0.04302 16  I77 B C02 
515 C C03 . I77 B 16 ? 0.21051 0.12808 0.21881 -0.05210 0.11333  -0.05455 16  I77 B C03 
516 C C04 . I77 B 16 ? 0.21131 0.13093 0.22186 -0.05405 0.10745  -0.05601 16  I77 B C04 
517 C C05 . I77 B 16 ? 0.20807 0.11407 0.21477 -0.04919 0.10644  -0.06016 16  I77 B C05 
518 C C06 . I77 B 16 ? 0.20849 0.12462 0.22009 -0.04560 0.10997  -0.05783 16  I77 B C06 
519 C C08 . I77 B 16 ? 0.20251 0.10886 0.19572 -0.04566 0.09966  -0.05651 16  I77 B C08 
520 C C09 . I77 B 16 ? 0.20008 0.10694 0.17088 -0.05110 0.09402  -0.05301 16  I77 B C09 
521 N N01 . I77 B 16 ? 0.21482 0.16258 0.23620 -0.05616 0.12282  -0.02286 16  I77 B N01 
522 N N07 . I77 B 16 ? 0.20743 0.12323 0.21764 -0.03962 0.10678  -0.05319 16  I77 B N07 
523 N N10 . I77 B 16 ? 0.20008 0.11899 0.16563 -0.05284 0.08798  -0.04485 16  I77 B N10 
524 N N14 . I77 B 16 ? 0.14489 0.06064 0.07917 -0.03135 0.05108  -0.00962 16  I77 B N14 
525 N N15 . I77 B 16 ? 0.12443 0.05473 0.06054 -0.03335 0.03863  -0.01134 16  I77 B N15 
526 O O16 . I77 B 16 ? 0.16617 0.12768 0.11675 -0.03121 0.05174  -0.00825 16  I77 B O16 
527 O O19 . I77 B 16 ? 0.21162 0.13657 0.17701 -0.05140 0.11031  -0.04553 16  I77 B O19 
538 N N   . CCN C .  ? 0.17481 0.10167 0.04591 -0.02516 0.00010  0.00366  101 CCN A N   
539 C C1  . CCN C .  ? 0.17234 0.10850 0.04947 -0.03157 -0.00078 0.01309  101 CCN A C1  
540 C C2  . CCN C .  ? 0.18479 0.13029 0.06372 -0.03814 0.00292  0.02656  101 CCN A C2  
544 N N   . CCN D .  ? 0.15914 0.08624 0.09333 -0.00884 0.01819  0.01299  102 CCN A N   
545 C C1  . CCN D .  ? 0.15946 0.06558 0.07947 0.00092  0.00899  0.00816  102 CCN A C1  
546 C C2  . CCN D .  ? 0.16544 0.08924 0.09882 -0.01260 -0.00056 -0.00293 102 CCN A C2  
550 N N   . CCN E .  ? 0.45320 0.48629 0.13881 -0.06996 0.02299  -0.02402 101 CCN B N   
551 C C1  . CCN E .  ? 0.45689 0.49148 0.14054 -0.07191 0.02542  -0.02174 101 CCN B C1  
552 C C2  . CCN E .  ? 0.45825 0.49378 0.14067 -0.07176 0.02497  -0.02074 101 CCN B C2  
556 O O   . HOH F .  ? 0.73600 0.31891 0.50829 -0.09502 0.05159  -0.18720 201 HOH A O   
557 O O   . HOH F .  ? 0.32757 0.37852 0.31751 -0.18315 0.11645  -0.09718 202 HOH A O   
558 O O   . HOH F .  ? 0.13173 0.13551 0.07236 -0.01940 -0.00905 0.01955  203 HOH A O   
559 O O   . HOH F .  ? 0.22178 0.08763 0.23079 0.03945  0.01311  -0.04919 204 HOH A O   
560 O O   . HOH F .  ? 0.15214 0.60748 0.14918 -0.00026 -0.00049 0.02447  205 HOH A O   
561 O O   . HOH F .  ? 0.14793 0.08496 0.19802 -0.03139 0.04947  -0.00934 206 HOH A O   
562 O O   . HOH F .  ? 0.12649 0.07169 0.08352 -0.04026 -0.01524 0.03057  207 HOH A O   
563 O O   . HOH F .  ? 0.24178 0.34709 0.29703 -0.07859 -0.14312 0.06399  208 HOH A O   
564 O O   . HOH F .  ? 0.19910 0.10933 0.25157 -0.08066 0.00308  0.00788  209 HOH A O   
565 O O   . HOH F .  ? 0.23014 0.46505 0.36741 -0.14807 0.05632  -0.14643 210 HOH A O   
566 O O   . HOH F .  ? 0.55379 0.32384 0.32297 -0.08158 -0.23126 0.04629  211 HOH A O   
567 O O   . HOH F .  ? 0.16798 0.13792 0.09860 -0.08135 0.03285  -0.04234 212 HOH A O   
568 O O   . HOH F .  ? 0.21025 0.13873 0.18902 -0.00863 0.00519  -0.05250 213 HOH A O   
569 O O   . HOH F .  ? 0.20615 0.19698 0.56807 -0.05528 0.03911  0.01239  214 HOH A O   
570 O O   . HOH F .  ? 0.21015 0.49155 0.12810 -0.06925 0.00213  -0.01870 215 HOH A O   
571 O O   . HOH F .  ? 0.26259 0.27585 0.16376 0.07010  -0.06158 -0.02516 216 HOH A O   
572 O O   . HOH F .  ? 0.22559 0.10755 0.28485 -0.02926 0.12976  -0.03926 217 HOH A O   
573 O O   . HOH F .  ? 0.31368 0.30435 0.37247 -0.07199 -0.12927 -0.11034 218 HOH A O   
574 O O   . HOH F .  ? 0.43931 0.26305 0.41395 -0.11950 -0.02169 0.08104  219 HOH A O   
575 O O   . HOH F .  ? 0.23416 0.55180 0.28404 -0.05429 0.06951  0.05772  220 HOH A O   
576 O O   . HOH F .  ? 0.11750 0.13089 0.08201 0.00498  -0.00624 -0.00229 221 HOH A O   
577 O O   . HOH F .  ? 0.21565 0.40090 0.34555 0.02163  -0.14134 -0.07231 222 HOH A O   
578 O O   . HOH F .  ? 0.45072 0.41573 0.16685 -0.12884 0.04755  0.04460  223 HOH A O   
579 O O   . HOH F .  ? 0.36520 0.51210 0.41520 -0.18149 0.11035  -0.24417 224 HOH A O   
580 O O   . HOH G .  ? 0.44725 0.36847 0.40928 0.11126  -0.20598 -0.17393 201 HOH B O   
581 O O   . HOH G .  ? 0.12121 0.12456 0.06874 -0.06166 -0.02862 0.03685  202 HOH B O   
582 O O   . HOH G .  ? 0.32206 0.33056 0.17378 -0.08346 -0.11108 0.05054  203 HOH B O   
583 O O   . HOH G .  ? 0.16135 0.17279 0.12446 -0.07967 -0.02783 0.06454  204 HOH B O   
584 O O   . HOH G .  ? 0.11978 0.08378 0.05903 0.00011  0.00702  0.00251  205 HOH B O   
585 O O   . HOH G .  ? 0.17657 0.10000 0.06943 0.00360  0.03607  0.00510  206 HOH B O   
586 O O   . HOH G .  ? 0.25224 0.27590 0.24986 0.02603  -0.00107 0.08351  207 HOH B O   
587 O O   . HOH G .  ? 0.47552 0.20466 0.20072 -0.11320 -0.12140 0.06038  208 HOH B O   
588 O O   . HOH G .  ? 0.29143 0.26647 0.49650 0.06273  0.05338  0.18738  209 HOH B O   
589 O O   . HOH G .  ? 0.38803 0.29431 0.22076 -0.11375 -0.05401 0.12149  210 HOH B O   
590 O O   . HOH G .  ? 0.30631 0.12555 0.25124 -0.05258 -0.05761 0.02255  211 HOH B O   
# 
